data_4E22
# 
_entry.id   4E22 
# 
_audit_conform.dict_name       mmcif_pdbx.dic 
_audit_conform.dict_version    5.387 
_audit_conform.dict_location   http://mmcif.pdb.org/dictionaries/ascii/mmcif_pdbx.dic 
# 
loop_
_database_2.database_id 
_database_2.database_code 
_database_2.pdbx_database_accession 
_database_2.pdbx_DOI 
PDB   4E22         pdb_00004e22 10.2210/pdb4e22/pdb 
RCSB  RCSB071070   ?            ?                   
WWPDB D_1000071070 ?            ?                   
# 
loop_
_pdbx_audit_revision_history.ordinal 
_pdbx_audit_revision_history.data_content_type 
_pdbx_audit_revision_history.major_revision 
_pdbx_audit_revision_history.minor_revision 
_pdbx_audit_revision_history.revision_date 
1 'Structure model' 1 0 2012-12-19 
2 'Structure model' 1 1 2013-01-16 
3 'Structure model' 1 2 2024-02-28 
# 
_pdbx_audit_revision_details.ordinal             1 
_pdbx_audit_revision_details.revision_ordinal    1 
_pdbx_audit_revision_details.data_content_type   'Structure model' 
_pdbx_audit_revision_details.provider            repository 
_pdbx_audit_revision_details.type                'Initial release' 
_pdbx_audit_revision_details.description         ? 
_pdbx_audit_revision_details.details             ? 
# 
loop_
_pdbx_audit_revision_group.ordinal 
_pdbx_audit_revision_group.revision_ordinal 
_pdbx_audit_revision_group.data_content_type 
_pdbx_audit_revision_group.group 
1 2 'Structure model' 'Database references'  
2 3 'Structure model' 'Data collection'      
3 3 'Structure model' 'Database references'  
4 3 'Structure model' 'Derived calculations' 
# 
loop_
_pdbx_audit_revision_category.ordinal 
_pdbx_audit_revision_category.revision_ordinal 
_pdbx_audit_revision_category.data_content_type 
_pdbx_audit_revision_category.category 
1 3 'Structure model' chem_comp_atom     
2 3 'Structure model' chem_comp_bond     
3 3 'Structure model' database_2         
4 3 'Structure model' struct_ref_seq_dif 
5 3 'Structure model' struct_site        
# 
loop_
_pdbx_audit_revision_item.ordinal 
_pdbx_audit_revision_item.revision_ordinal 
_pdbx_audit_revision_item.data_content_type 
_pdbx_audit_revision_item.item 
1 3 'Structure model' '_database_2.pdbx_DOI'                
2 3 'Structure model' '_database_2.pdbx_database_accession' 
3 3 'Structure model' '_struct_ref_seq_dif.details'         
4 3 'Structure model' '_struct_site.pdbx_auth_asym_id'      
5 3 'Structure model' '_struct_site.pdbx_auth_comp_id'      
6 3 'Structure model' '_struct_site.pdbx_auth_seq_id'       
# 
_pdbx_database_status.status_code                     REL 
_pdbx_database_status.entry_id                        4E22 
_pdbx_database_status.recvd_initial_deposition_date   2012-03-07 
_pdbx_database_status.deposit_site                    RCSB 
_pdbx_database_status.process_site                    RCSB 
_pdbx_database_status.status_code_sf                  REL 
_pdbx_database_status.status_code_mr                  ? 
_pdbx_database_status.SG_entry                        ? 
_pdbx_database_status.status_code_cs                  ? 
_pdbx_database_status.methods_development_category    ? 
_pdbx_database_status.pdb_format_compatible           Y 
_pdbx_database_status.status_code_nmr_data            ? 
# 
loop_
_audit_author.name 
_audit_author.pdbx_ordinal 
'Clark, E.A.'   1 
'Acharya, K.R.' 2 
# 
_citation.id                        primary 
_citation.title                     
;Structure and function of cytidine monophosphate kinase from Yersinia pseudotuberculosis, essential for virulence but not for survival.
;
_citation.journal_abbrev            'Open Biol' 
_citation.journal_volume            2 
_citation.page_first                120142 
_citation.page_last                 120142 
_citation.year                      2012 
_citation.journal_id_ASTM           ? 
_citation.country                   UK 
_citation.journal_id_ISSN           2046-2441 
_citation.journal_id_CSD            ? 
_citation.book_publisher            ? 
_citation.pdbx_database_id_PubMed   23271832 
_citation.pdbx_database_id_DOI      10.1098/rsob.120142 
# 
loop_
_citation_author.citation_id 
_citation_author.name 
_citation_author.ordinal 
_citation_author.identifier_ORCID 
primary 'Walker, N.J.'    1 ? 
primary 'Clark, E.A.'     2 ? 
primary 'Ford, D.C.'      3 ? 
primary 'Bullifent, H.L.' 4 ? 
primary 'McAlister, E.V.' 5 ? 
primary 'Duffield, M.L.'  6 ? 
primary 'Acharya, K.R.'   7 ? 
primary 'Oyston, P.C.'    8 ? 
# 
loop_
_entity.id 
_entity.type 
_entity.src_method 
_entity.pdbx_description 
_entity.formula_weight 
_entity.pdbx_number_of_molecules 
_entity.pdbx_ec 
_entity.pdbx_mutation 
_entity.pdbx_fragment 
_entity.details 
1 polymer     man 'Cytidylate kinase' 27685.611 1  2.7.4.25 ? ? ? 
2 non-polymer syn 'SULFATE ION'       96.063    2  ?        ? ? ? 
3 water       nat water               18.015    18 ?        ? ? ? 
# 
_entity_name_com.entity_id   1 
_entity_name_com.name        'CK, Cytidine monophosphate kinase, CMP kinase' 
# 
_entity_poly.entity_id                      1 
_entity_poly.type                           'polypeptide(L)' 
_entity_poly.nstd_linkage                   no 
_entity_poly.nstd_monomer                   no 
_entity_poly.pdbx_seq_one_letter_code       
;LEVLFQGPLGSPEFPGRLERPHMTAIAPVITVDGPSGAGKGTLCKALAESLNWRLLDSGAIYRVLALAALHHQVDISTEE
ALVPLAAHLDVRFVSQNGQLQVILEGEDVSNEIRTETVGNTASQAAAFPRVREALLRRQRAFREAPGLIADGRDMGTIVF
PDAPVKIFLDASSQERAHRRMLQLQERGFNVNFERLLAEIQERDNRDRNRSVAPLVPAADALVLDSTSMSIEQVIEQALA
YAQRILALPLKK
;
_entity_poly.pdbx_seq_one_letter_code_can   
;LEVLFQGPLGSPEFPGRLERPHMTAIAPVITVDGPSGAGKGTLCKALAESLNWRLLDSGAIYRVLALAALHHQVDISTEE
ALVPLAAHLDVRFVSQNGQLQVILEGEDVSNEIRTETVGNTASQAAAFPRVREALLRRQRAFREAPGLIADGRDMGTIVF
PDAPVKIFLDASSQERAHRRMLQLQERGFNVNFERLLAEIQERDNRDRNRSVAPLVPAADALVLDSTSMSIEQVIEQALA
YAQRILALPLKK
;
_entity_poly.pdbx_strand_id                 A 
_entity_poly.pdbx_target_identifier         ? 
# 
loop_
_pdbx_entity_nonpoly.entity_id 
_pdbx_entity_nonpoly.name 
_pdbx_entity_nonpoly.comp_id 
2 'SULFATE ION' SO4 
3 water         HOH 
# 
loop_
_entity_poly_seq.entity_id 
_entity_poly_seq.num 
_entity_poly_seq.mon_id 
_entity_poly_seq.hetero 
1 1   LEU n 
1 2   GLU n 
1 3   VAL n 
1 4   LEU n 
1 5   PHE n 
1 6   GLN n 
1 7   GLY n 
1 8   PRO n 
1 9   LEU n 
1 10  GLY n 
1 11  SER n 
1 12  PRO n 
1 13  GLU n 
1 14  PHE n 
1 15  PRO n 
1 16  GLY n 
1 17  ARG n 
1 18  LEU n 
1 19  GLU n 
1 20  ARG n 
1 21  PRO n 
1 22  HIS n 
1 23  MET n 
1 24  THR n 
1 25  ALA n 
1 26  ILE n 
1 27  ALA n 
1 28  PRO n 
1 29  VAL n 
1 30  ILE n 
1 31  THR n 
1 32  VAL n 
1 33  ASP n 
1 34  GLY n 
1 35  PRO n 
1 36  SER n 
1 37  GLY n 
1 38  ALA n 
1 39  GLY n 
1 40  LYS n 
1 41  GLY n 
1 42  THR n 
1 43  LEU n 
1 44  CYS n 
1 45  LYS n 
1 46  ALA n 
1 47  LEU n 
1 48  ALA n 
1 49  GLU n 
1 50  SER n 
1 51  LEU n 
1 52  ASN n 
1 53  TRP n 
1 54  ARG n 
1 55  LEU n 
1 56  LEU n 
1 57  ASP n 
1 58  SER n 
1 59  GLY n 
1 60  ALA n 
1 61  ILE n 
1 62  TYR n 
1 63  ARG n 
1 64  VAL n 
1 65  LEU n 
1 66  ALA n 
1 67  LEU n 
1 68  ALA n 
1 69  ALA n 
1 70  LEU n 
1 71  HIS n 
1 72  HIS n 
1 73  GLN n 
1 74  VAL n 
1 75  ASP n 
1 76  ILE n 
1 77  SER n 
1 78  THR n 
1 79  GLU n 
1 80  GLU n 
1 81  ALA n 
1 82  LEU n 
1 83  VAL n 
1 84  PRO n 
1 85  LEU n 
1 86  ALA n 
1 87  ALA n 
1 88  HIS n 
1 89  LEU n 
1 90  ASP n 
1 91  VAL n 
1 92  ARG n 
1 93  PHE n 
1 94  VAL n 
1 95  SER n 
1 96  GLN n 
1 97  ASN n 
1 98  GLY n 
1 99  GLN n 
1 100 LEU n 
1 101 GLN n 
1 102 VAL n 
1 103 ILE n 
1 104 LEU n 
1 105 GLU n 
1 106 GLY n 
1 107 GLU n 
1 108 ASP n 
1 109 VAL n 
1 110 SER n 
1 111 ASN n 
1 112 GLU n 
1 113 ILE n 
1 114 ARG n 
1 115 THR n 
1 116 GLU n 
1 117 THR n 
1 118 VAL n 
1 119 GLY n 
1 120 ASN n 
1 121 THR n 
1 122 ALA n 
1 123 SER n 
1 124 GLN n 
1 125 ALA n 
1 126 ALA n 
1 127 ALA n 
1 128 PHE n 
1 129 PRO n 
1 130 ARG n 
1 131 VAL n 
1 132 ARG n 
1 133 GLU n 
1 134 ALA n 
1 135 LEU n 
1 136 LEU n 
1 137 ARG n 
1 138 ARG n 
1 139 GLN n 
1 140 ARG n 
1 141 ALA n 
1 142 PHE n 
1 143 ARG n 
1 144 GLU n 
1 145 ALA n 
1 146 PRO n 
1 147 GLY n 
1 148 LEU n 
1 149 ILE n 
1 150 ALA n 
1 151 ASP n 
1 152 GLY n 
1 153 ARG n 
1 154 ASP n 
1 155 MET n 
1 156 GLY n 
1 157 THR n 
1 158 ILE n 
1 159 VAL n 
1 160 PHE n 
1 161 PRO n 
1 162 ASP n 
1 163 ALA n 
1 164 PRO n 
1 165 VAL n 
1 166 LYS n 
1 167 ILE n 
1 168 PHE n 
1 169 LEU n 
1 170 ASP n 
1 171 ALA n 
1 172 SER n 
1 173 SER n 
1 174 GLN n 
1 175 GLU n 
1 176 ARG n 
1 177 ALA n 
1 178 HIS n 
1 179 ARG n 
1 180 ARG n 
1 181 MET n 
1 182 LEU n 
1 183 GLN n 
1 184 LEU n 
1 185 GLN n 
1 186 GLU n 
1 187 ARG n 
1 188 GLY n 
1 189 PHE n 
1 190 ASN n 
1 191 VAL n 
1 192 ASN n 
1 193 PHE n 
1 194 GLU n 
1 195 ARG n 
1 196 LEU n 
1 197 LEU n 
1 198 ALA n 
1 199 GLU n 
1 200 ILE n 
1 201 GLN n 
1 202 GLU n 
1 203 ARG n 
1 204 ASP n 
1 205 ASN n 
1 206 ARG n 
1 207 ASP n 
1 208 ARG n 
1 209 ASN n 
1 210 ARG n 
1 211 SER n 
1 212 VAL n 
1 213 ALA n 
1 214 PRO n 
1 215 LEU n 
1 216 VAL n 
1 217 PRO n 
1 218 ALA n 
1 219 ALA n 
1 220 ASP n 
1 221 ALA n 
1 222 LEU n 
1 223 VAL n 
1 224 LEU n 
1 225 ASP n 
1 226 SER n 
1 227 THR n 
1 228 SER n 
1 229 MET n 
1 230 SER n 
1 231 ILE n 
1 232 GLU n 
1 233 GLN n 
1 234 VAL n 
1 235 ILE n 
1 236 GLU n 
1 237 GLN n 
1 238 ALA n 
1 239 LEU n 
1 240 ALA n 
1 241 TYR n 
1 242 ALA n 
1 243 GLN n 
1 244 ARG n 
1 245 ILE n 
1 246 LEU n 
1 247 ALA n 
1 248 LEU n 
1 249 PRO n 
1 250 LEU n 
1 251 LYS n 
1 252 LYS n 
# 
_entity_src_gen.entity_id                          1 
_entity_src_gen.pdbx_src_id                        1 
_entity_src_gen.pdbx_alt_source_flag               sample 
_entity_src_gen.pdbx_seq_type                      ? 
_entity_src_gen.pdbx_beg_seq_num                   ? 
_entity_src_gen.pdbx_end_seq_num                   ? 
_entity_src_gen.gene_src_common_name               ? 
_entity_src_gen.gene_src_genus                     ? 
_entity_src_gen.pdbx_gene_src_gene                 'cmk, YPK_2669' 
_entity_src_gen.gene_src_species                   ? 
_entity_src_gen.gene_src_strain                    YPIII 
_entity_src_gen.gene_src_tissue                    ? 
_entity_src_gen.gene_src_tissue_fraction           ? 
_entity_src_gen.gene_src_details                   ? 
_entity_src_gen.pdbx_gene_src_fragment             ? 
_entity_src_gen.pdbx_gene_src_scientific_name      'Yersinia pseudotuberculosis' 
_entity_src_gen.pdbx_gene_src_ncbi_taxonomy_id     502800 
_entity_src_gen.pdbx_gene_src_variant              ? 
_entity_src_gen.pdbx_gene_src_cell_line            ? 
_entity_src_gen.pdbx_gene_src_atcc                 ? 
_entity_src_gen.pdbx_gene_src_organ                ? 
_entity_src_gen.pdbx_gene_src_organelle            ? 
_entity_src_gen.pdbx_gene_src_cell                 ? 
_entity_src_gen.pdbx_gene_src_cellular_location    ? 
_entity_src_gen.host_org_common_name               ? 
_entity_src_gen.pdbx_host_org_scientific_name      'Escherichia coli' 
_entity_src_gen.pdbx_host_org_ncbi_taxonomy_id     562 
_entity_src_gen.host_org_genus                     ? 
_entity_src_gen.pdbx_host_org_gene                 ? 
_entity_src_gen.pdbx_host_org_organ                ? 
_entity_src_gen.host_org_species                   ? 
_entity_src_gen.pdbx_host_org_tissue               ? 
_entity_src_gen.pdbx_host_org_tissue_fraction      ? 
_entity_src_gen.pdbx_host_org_strain               ? 
_entity_src_gen.pdbx_host_org_variant              ? 
_entity_src_gen.pdbx_host_org_cell_line            ? 
_entity_src_gen.pdbx_host_org_atcc                 ? 
_entity_src_gen.pdbx_host_org_culture_collection   ? 
_entity_src_gen.pdbx_host_org_cell                 ? 
_entity_src_gen.pdbx_host_org_organelle            ? 
_entity_src_gen.pdbx_host_org_cellular_location    ? 
_entity_src_gen.pdbx_host_org_vector_type          ? 
_entity_src_gen.pdbx_host_org_vector               ? 
_entity_src_gen.host_org_details                   ? 
_entity_src_gen.expression_system_id               ? 
_entity_src_gen.plasmid_name                       ? 
_entity_src_gen.plasmid_details                    ? 
_entity_src_gen.pdbx_description                   ? 
# 
loop_
_chem_comp.id 
_chem_comp.type 
_chem_comp.mon_nstd_flag 
_chem_comp.name 
_chem_comp.pdbx_synonyms 
_chem_comp.formula 
_chem_comp.formula_weight 
ALA 'L-peptide linking' y ALANINE         ? 'C3 H7 N O2'     89.093  
ARG 'L-peptide linking' y ARGININE        ? 'C6 H15 N4 O2 1' 175.209 
ASN 'L-peptide linking' y ASPARAGINE      ? 'C4 H8 N2 O3'    132.118 
ASP 'L-peptide linking' y 'ASPARTIC ACID' ? 'C4 H7 N O4'     133.103 
CYS 'L-peptide linking' y CYSTEINE        ? 'C3 H7 N O2 S'   121.158 
GLN 'L-peptide linking' y GLUTAMINE       ? 'C5 H10 N2 O3'   146.144 
GLU 'L-peptide linking' y 'GLUTAMIC ACID' ? 'C5 H9 N O4'     147.129 
GLY 'peptide linking'   y GLYCINE         ? 'C2 H5 N O2'     75.067  
HIS 'L-peptide linking' y HISTIDINE       ? 'C6 H10 N3 O2 1' 156.162 
HOH non-polymer         . WATER           ? 'H2 O'           18.015  
ILE 'L-peptide linking' y ISOLEUCINE      ? 'C6 H13 N O2'    131.173 
LEU 'L-peptide linking' y LEUCINE         ? 'C6 H13 N O2'    131.173 
LYS 'L-peptide linking' y LYSINE          ? 'C6 H15 N2 O2 1' 147.195 
MET 'L-peptide linking' y METHIONINE      ? 'C5 H11 N O2 S'  149.211 
PHE 'L-peptide linking' y PHENYLALANINE   ? 'C9 H11 N O2'    165.189 
PRO 'L-peptide linking' y PROLINE         ? 'C5 H9 N O2'     115.130 
SER 'L-peptide linking' y SERINE          ? 'C3 H7 N O3'     105.093 
SO4 non-polymer         . 'SULFATE ION'   ? 'O4 S -2'        96.063  
THR 'L-peptide linking' y THREONINE       ? 'C4 H9 N O3'     119.119 
TRP 'L-peptide linking' y TRYPTOPHAN      ? 'C11 H12 N2 O2'  204.225 
TYR 'L-peptide linking' y TYROSINE        ? 'C9 H11 N O3'    181.189 
VAL 'L-peptide linking' y VALINE          ? 'C5 H11 N O2'    117.146 
# 
loop_
_pdbx_poly_seq_scheme.asym_id 
_pdbx_poly_seq_scheme.entity_id 
_pdbx_poly_seq_scheme.seq_id 
_pdbx_poly_seq_scheme.mon_id 
_pdbx_poly_seq_scheme.ndb_seq_num 
_pdbx_poly_seq_scheme.pdb_seq_num 
_pdbx_poly_seq_scheme.auth_seq_num 
_pdbx_poly_seq_scheme.pdb_mon_id 
_pdbx_poly_seq_scheme.auth_mon_id 
_pdbx_poly_seq_scheme.pdb_strand_id 
_pdbx_poly_seq_scheme.pdb_ins_code 
_pdbx_poly_seq_scheme.hetero 
A 1 1   LEU 1   -21 ?   ?   ?   A . n 
A 1 2   GLU 2   -20 ?   ?   ?   A . n 
A 1 3   VAL 3   -19 ?   ?   ?   A . n 
A 1 4   LEU 4   -18 ?   ?   ?   A . n 
A 1 5   PHE 5   -17 ?   ?   ?   A . n 
A 1 6   GLN 6   -16 ?   ?   ?   A . n 
A 1 7   GLY 7   -15 ?   ?   ?   A . n 
A 1 8   PRO 8   -14 ?   ?   ?   A . n 
A 1 9   LEU 9   -13 ?   ?   ?   A . n 
A 1 10  GLY 10  -12 ?   ?   ?   A . n 
A 1 11  SER 11  -11 ?   ?   ?   A . n 
A 1 12  PRO 12  -10 ?   ?   ?   A . n 
A 1 13  GLU 13  -9  ?   ?   ?   A . n 
A 1 14  PHE 14  -8  ?   ?   ?   A . n 
A 1 15  PRO 15  -7  ?   ?   ?   A . n 
A 1 16  GLY 16  -6  ?   ?   ?   A . n 
A 1 17  ARG 17  -5  ?   ?   ?   A . n 
A 1 18  LEU 18  -4  ?   ?   ?   A . n 
A 1 19  GLU 19  -3  ?   ?   ?   A . n 
A 1 20  ARG 20  -2  ?   ?   ?   A . n 
A 1 21  PRO 21  -1  ?   ?   ?   A . n 
A 1 22  HIS 22  0   ?   ?   ?   A . n 
A 1 23  MET 23  1   1   MET MET A . n 
A 1 24  THR 24  2   2   THR THR A . n 
A 1 25  ALA 25  3   3   ALA ALA A . n 
A 1 26  ILE 26  4   4   ILE ILE A . n 
A 1 27  ALA 27  5   5   ALA ALA A . n 
A 1 28  PRO 28  6   6   PRO PRO A . n 
A 1 29  VAL 29  7   7   VAL VAL A . n 
A 1 30  ILE 30  8   8   ILE ILE A . n 
A 1 31  THR 31  9   9   THR THR A . n 
A 1 32  VAL 32  10  10  VAL VAL A . n 
A 1 33  ASP 33  11  11  ASP ASP A . n 
A 1 34  GLY 34  12  12  GLY GLY A . n 
A 1 35  PRO 35  13  13  PRO PRO A . n 
A 1 36  SER 36  14  14  SER SER A . n 
A 1 37  GLY 37  15  15  GLY GLY A . n 
A 1 38  ALA 38  16  16  ALA ALA A . n 
A 1 39  GLY 39  17  17  GLY GLY A . n 
A 1 40  LYS 40  18  18  LYS LYS A . n 
A 1 41  GLY 41  19  19  GLY GLY A . n 
A 1 42  THR 42  20  20  THR THR A . n 
A 1 43  LEU 43  21  21  LEU LEU A . n 
A 1 44  CYS 44  22  22  CYS CYS A . n 
A 1 45  LYS 45  23  23  LYS LYS A . n 
A 1 46  ALA 46  24  24  ALA ALA A . n 
A 1 47  LEU 47  25  25  LEU LEU A . n 
A 1 48  ALA 48  26  26  ALA ALA A . n 
A 1 49  GLU 49  27  27  GLU GLU A . n 
A 1 50  SER 50  28  28  SER SER A . n 
A 1 51  LEU 51  29  29  LEU LEU A . n 
A 1 52  ASN 52  30  30  ASN ASN A . n 
A 1 53  TRP 53  31  31  TRP TRP A . n 
A 1 54  ARG 54  32  32  ARG ARG A . n 
A 1 55  LEU 55  33  33  LEU LEU A . n 
A 1 56  LEU 56  34  34  LEU LEU A . n 
A 1 57  ASP 57  35  35  ASP ASP A . n 
A 1 58  SER 58  36  36  SER SER A . n 
A 1 59  GLY 59  37  37  GLY GLY A . n 
A 1 60  ALA 60  38  38  ALA ALA A . n 
A 1 61  ILE 61  39  39  ILE ILE A . n 
A 1 62  TYR 62  40  40  TYR TYR A . n 
A 1 63  ARG 63  41  41  ARG ARG A . n 
A 1 64  VAL 64  42  42  VAL VAL A . n 
A 1 65  LEU 65  43  43  LEU LEU A . n 
A 1 66  ALA 66  44  44  ALA ALA A . n 
A 1 67  LEU 67  45  45  LEU LEU A . n 
A 1 68  ALA 68  46  46  ALA ALA A . n 
A 1 69  ALA 69  47  47  ALA ALA A . n 
A 1 70  LEU 70  48  48  LEU LEU A . n 
A 1 71  HIS 71  49  49  HIS HIS A . n 
A 1 72  HIS 72  50  50  HIS HIS A . n 
A 1 73  GLN 73  51  51  GLN GLN A . n 
A 1 74  VAL 74  52  52  VAL VAL A . n 
A 1 75  ASP 75  53  53  ASP ASP A . n 
A 1 76  ILE 76  54  54  ILE ILE A . n 
A 1 77  SER 77  55  55  SER SER A . n 
A 1 78  THR 78  56  56  THR THR A . n 
A 1 79  GLU 79  57  57  GLU GLU A . n 
A 1 80  GLU 80  58  58  GLU GLU A . n 
A 1 81  ALA 81  59  59  ALA ALA A . n 
A 1 82  LEU 82  60  60  LEU LEU A . n 
A 1 83  VAL 83  61  61  VAL VAL A . n 
A 1 84  PRO 84  62  62  PRO PRO A . n 
A 1 85  LEU 85  63  63  LEU LEU A . n 
A 1 86  ALA 86  64  64  ALA ALA A . n 
A 1 87  ALA 87  65  65  ALA ALA A . n 
A 1 88  HIS 88  66  66  HIS HIS A . n 
A 1 89  LEU 89  67  67  LEU LEU A . n 
A 1 90  ASP 90  68  68  ASP ASP A . n 
A 1 91  VAL 91  69  69  VAL VAL A . n 
A 1 92  ARG 92  70  70  ARG ARG A . n 
A 1 93  PHE 93  71  71  PHE PHE A . n 
A 1 94  VAL 94  72  72  VAL VAL A . n 
A 1 95  SER 95  73  73  SER SER A . n 
A 1 96  GLN 96  74  74  GLN GLN A . n 
A 1 97  ASN 97  75  75  ASN ASN A . n 
A 1 98  GLY 98  76  76  GLY GLY A . n 
A 1 99  GLN 99  77  77  GLN GLN A . n 
A 1 100 LEU 100 78  78  LEU LEU A . n 
A 1 101 GLN 101 79  79  GLN GLN A . n 
A 1 102 VAL 102 80  80  VAL VAL A . n 
A 1 103 ILE 103 81  81  ILE ILE A . n 
A 1 104 LEU 104 82  82  LEU LEU A . n 
A 1 105 GLU 105 83  83  GLU GLU A . n 
A 1 106 GLY 106 84  84  GLY GLY A . n 
A 1 107 GLU 107 85  85  GLU GLU A . n 
A 1 108 ASP 108 86  86  ASP ASP A . n 
A 1 109 VAL 109 87  87  VAL VAL A . n 
A 1 110 SER 110 88  88  SER SER A . n 
A 1 111 ASN 111 89  89  ASN ASN A . n 
A 1 112 GLU 112 90  90  GLU GLU A . n 
A 1 113 ILE 113 91  91  ILE ILE A . n 
A 1 114 ARG 114 92  92  ARG ARG A . n 
A 1 115 THR 115 93  93  THR THR A . n 
A 1 116 GLU 116 94  94  GLU GLU A . n 
A 1 117 THR 117 95  95  THR THR A . n 
A 1 118 VAL 118 96  96  VAL VAL A . n 
A 1 119 GLY 119 97  97  GLY GLY A . n 
A 1 120 ASN 120 98  98  ASN ASN A . n 
A 1 121 THR 121 99  99  THR THR A . n 
A 1 122 ALA 122 100 100 ALA ALA A . n 
A 1 123 SER 123 101 101 SER SER A . n 
A 1 124 GLN 124 102 102 GLN GLN A . n 
A 1 125 ALA 125 103 103 ALA ALA A . n 
A 1 126 ALA 126 104 104 ALA ALA A . n 
A 1 127 ALA 127 105 105 ALA ALA A . n 
A 1 128 PHE 128 106 106 PHE PHE A . n 
A 1 129 PRO 129 107 107 PRO PRO A . n 
A 1 130 ARG 130 108 108 ARG ARG A . n 
A 1 131 VAL 131 109 109 VAL VAL A . n 
A 1 132 ARG 132 110 110 ARG ARG A . n 
A 1 133 GLU 133 111 111 GLU GLU A . n 
A 1 134 ALA 134 112 112 ALA ALA A . n 
A 1 135 LEU 135 113 113 LEU LEU A . n 
A 1 136 LEU 136 114 114 LEU LEU A . n 
A 1 137 ARG 137 115 115 ARG ARG A . n 
A 1 138 ARG 138 116 116 ARG ARG A . n 
A 1 139 GLN 139 117 117 GLN GLN A . n 
A 1 140 ARG 140 118 118 ARG ARG A . n 
A 1 141 ALA 141 119 119 ALA ALA A . n 
A 1 142 PHE 142 120 120 PHE PHE A . n 
A 1 143 ARG 143 121 121 ARG ARG A . n 
A 1 144 GLU 144 122 122 GLU GLU A . n 
A 1 145 ALA 145 123 123 ALA ALA A . n 
A 1 146 PRO 146 124 124 PRO PRO A . n 
A 1 147 GLY 147 125 125 GLY GLY A . n 
A 1 148 LEU 148 126 126 LEU LEU A . n 
A 1 149 ILE 149 127 127 ILE ILE A . n 
A 1 150 ALA 150 128 128 ALA ALA A . n 
A 1 151 ASP 151 129 129 ASP ASP A . n 
A 1 152 GLY 152 130 130 GLY GLY A . n 
A 1 153 ARG 153 131 131 ARG ARG A . n 
A 1 154 ASP 154 132 132 ASP ASP A . n 
A 1 155 MET 155 133 133 MET MET A . n 
A 1 156 GLY 156 134 134 GLY GLY A . n 
A 1 157 THR 157 135 135 THR THR A . n 
A 1 158 ILE 158 136 136 ILE ILE A . n 
A 1 159 VAL 159 137 137 VAL VAL A . n 
A 1 160 PHE 160 138 138 PHE PHE A . n 
A 1 161 PRO 161 139 139 PRO PRO A . n 
A 1 162 ASP 162 140 140 ASP ASP A . n 
A 1 163 ALA 163 141 141 ALA ALA A . n 
A 1 164 PRO 164 142 142 PRO PRO A . n 
A 1 165 VAL 165 143 143 VAL VAL A . n 
A 1 166 LYS 166 144 144 LYS LYS A . n 
A 1 167 ILE 167 145 145 ILE ILE A . n 
A 1 168 PHE 168 146 146 PHE PHE A . n 
A 1 169 LEU 169 147 147 LEU LEU A . n 
A 1 170 ASP 170 148 148 ASP ASP A . n 
A 1 171 ALA 171 149 149 ALA ALA A . n 
A 1 172 SER 172 150 150 SER SER A . n 
A 1 173 SER 173 151 151 SER SER A . n 
A 1 174 GLN 174 152 152 GLN GLN A . n 
A 1 175 GLU 175 153 153 GLU GLU A . n 
A 1 176 ARG 176 154 154 ARG ARG A . n 
A 1 177 ALA 177 155 155 ALA ALA A . n 
A 1 178 HIS 178 156 156 HIS HIS A . n 
A 1 179 ARG 179 157 157 ARG ARG A . n 
A 1 180 ARG 180 158 158 ARG ARG A . n 
A 1 181 MET 181 159 159 MET MET A . n 
A 1 182 LEU 182 160 160 LEU LEU A . n 
A 1 183 GLN 183 161 161 GLN GLN A . n 
A 1 184 LEU 184 162 162 LEU LEU A . n 
A 1 185 GLN 185 163 163 GLN GLN A . n 
A 1 186 GLU 186 164 164 GLU GLU A . n 
A 1 187 ARG 187 165 165 ARG ARG A . n 
A 1 188 GLY 188 166 166 GLY GLY A . n 
A 1 189 PHE 189 167 167 PHE PHE A . n 
A 1 190 ASN 190 168 168 ASN ASN A . n 
A 1 191 VAL 191 169 169 VAL VAL A . n 
A 1 192 ASN 192 170 170 ASN ASN A . n 
A 1 193 PHE 193 171 171 PHE PHE A . n 
A 1 194 GLU 194 172 172 GLU GLU A . n 
A 1 195 ARG 195 173 173 ARG ARG A . n 
A 1 196 LEU 196 174 174 LEU LEU A . n 
A 1 197 LEU 197 175 175 LEU LEU A . n 
A 1 198 ALA 198 176 176 ALA ALA A . n 
A 1 199 GLU 199 177 177 GLU GLU A . n 
A 1 200 ILE 200 178 178 ILE ILE A . n 
A 1 201 GLN 201 179 179 GLN GLN A . n 
A 1 202 GLU 202 180 ?   ?   ?   A . n 
A 1 203 ARG 203 181 ?   ?   ?   A . n 
A 1 204 ASP 204 182 ?   ?   ?   A . n 
A 1 205 ASN 205 183 ?   ?   ?   A . n 
A 1 206 ARG 206 184 ?   ?   ?   A . n 
A 1 207 ASP 207 185 ?   ?   ?   A . n 
A 1 208 ARG 208 186 ?   ?   ?   A . n 
A 1 209 ASN 209 187 ?   ?   ?   A . n 
A 1 210 ARG 210 188 ?   ?   ?   A . n 
A 1 211 SER 211 189 ?   ?   ?   A . n 
A 1 212 VAL 212 190 ?   ?   ?   A . n 
A 1 213 ALA 213 191 ?   ?   ?   A . n 
A 1 214 PRO 214 192 192 PRO PRO A . n 
A 1 215 LEU 215 193 193 LEU LEU A . n 
A 1 216 VAL 216 194 194 VAL VAL A . n 
A 1 217 PRO 217 195 195 PRO PRO A . n 
A 1 218 ALA 218 196 196 ALA ALA A . n 
A 1 219 ALA 219 197 197 ALA ALA A . n 
A 1 220 ASP 220 198 198 ASP ASP A . n 
A 1 221 ALA 221 199 199 ALA ALA A . n 
A 1 222 LEU 222 200 200 LEU LEU A . n 
A 1 223 VAL 223 201 201 VAL VAL A . n 
A 1 224 LEU 224 202 202 LEU LEU A . n 
A 1 225 ASP 225 203 203 ASP ASP A . n 
A 1 226 SER 226 204 204 SER SER A . n 
A 1 227 THR 227 205 205 THR THR A . n 
A 1 228 SER 228 206 206 SER SER A . n 
A 1 229 MET 229 207 207 MET MET A . n 
A 1 230 SER 230 208 208 SER SER A . n 
A 1 231 ILE 231 209 209 ILE ILE A . n 
A 1 232 GLU 232 210 210 GLU GLU A . n 
A 1 233 GLN 233 211 211 GLN GLN A . n 
A 1 234 VAL 234 212 212 VAL VAL A . n 
A 1 235 ILE 235 213 213 ILE ILE A . n 
A 1 236 GLU 236 214 214 GLU GLU A . n 
A 1 237 GLN 237 215 215 GLN GLN A . n 
A 1 238 ALA 238 216 216 ALA ALA A . n 
A 1 239 LEU 239 217 217 LEU LEU A . n 
A 1 240 ALA 240 218 218 ALA ALA A . n 
A 1 241 TYR 241 219 219 TYR TYR A . n 
A 1 242 ALA 242 220 220 ALA ALA A . n 
A 1 243 GLN 243 221 221 GLN GLN A . n 
A 1 244 ARG 244 222 222 ARG ARG A . n 
A 1 245 ILE 245 223 223 ILE ILE A . n 
A 1 246 LEU 246 224 224 LEU LEU A . n 
A 1 247 ALA 247 225 225 ALA ALA A . n 
A 1 248 LEU 248 226 ?   ?   ?   A . n 
A 1 249 PRO 249 227 ?   ?   ?   A . n 
A 1 250 LEU 250 228 ?   ?   ?   A . n 
A 1 251 LYS 251 229 ?   ?   ?   A . n 
A 1 252 LYS 252 230 ?   ?   ?   A . n 
# 
loop_
_pdbx_nonpoly_scheme.asym_id 
_pdbx_nonpoly_scheme.entity_id 
_pdbx_nonpoly_scheme.mon_id 
_pdbx_nonpoly_scheme.ndb_seq_num 
_pdbx_nonpoly_scheme.pdb_seq_num 
_pdbx_nonpoly_scheme.auth_seq_num 
_pdbx_nonpoly_scheme.pdb_mon_id 
_pdbx_nonpoly_scheme.auth_mon_id 
_pdbx_nonpoly_scheme.pdb_strand_id 
_pdbx_nonpoly_scheme.pdb_ins_code 
B 2 SO4 1  301 1  SO4 SO4 A . 
C 2 SO4 1  302 2  SO4 SO4 A . 
D 3 HOH 1  401 1  HOH HOH A . 
D 3 HOH 2  402 2  HOH HOH A . 
D 3 HOH 3  403 4  HOH HOH A . 
D 3 HOH 4  404 5  HOH HOH A . 
D 3 HOH 5  405 6  HOH HOH A . 
D 3 HOH 6  406 8  HOH HOH A . 
D 3 HOH 7  407 9  HOH HOH A . 
D 3 HOH 8  408 10 HOH HOH A . 
D 3 HOH 9  409 12 HOH HOH A . 
D 3 HOH 10 410 14 HOH HOH A . 
D 3 HOH 11 411 16 HOH HOH A . 
D 3 HOH 12 412 17 HOH HOH A . 
D 3 HOH 13 413 18 HOH HOH A . 
D 3 HOH 14 414 20 HOH HOH A . 
D 3 HOH 15 415 21 HOH HOH A . 
D 3 HOH 16 416 23 HOH HOH A . 
D 3 HOH 17 417 24 HOH HOH A . 
D 3 HOH 18 418 25 HOH HOH A . 
# 
loop_
_pdbx_unobs_or_zero_occ_atoms.id 
_pdbx_unobs_or_zero_occ_atoms.PDB_model_num 
_pdbx_unobs_or_zero_occ_atoms.polymer_flag 
_pdbx_unobs_or_zero_occ_atoms.occupancy_flag 
_pdbx_unobs_or_zero_occ_atoms.auth_asym_id 
_pdbx_unobs_or_zero_occ_atoms.auth_comp_id 
_pdbx_unobs_or_zero_occ_atoms.auth_seq_id 
_pdbx_unobs_or_zero_occ_atoms.PDB_ins_code 
_pdbx_unobs_or_zero_occ_atoms.auth_atom_id 
_pdbx_unobs_or_zero_occ_atoms.label_alt_id 
_pdbx_unobs_or_zero_occ_atoms.label_asym_id 
_pdbx_unobs_or_zero_occ_atoms.label_comp_id 
_pdbx_unobs_or_zero_occ_atoms.label_seq_id 
_pdbx_unobs_or_zero_occ_atoms.label_atom_id 
1  1 Y 0 A GLU 57  ? CB  ? A GLU 79  CB  
2  1 Y 0 A GLU 57  ? CG  ? A GLU 79  CG  
3  1 Y 0 A GLU 57  ? CD  ? A GLU 79  CD  
4  1 Y 0 A GLU 57  ? OE1 ? A GLU 79  OE1 
5  1 Y 0 A GLU 57  ? OE2 ? A GLU 79  OE2 
6  1 Y 0 A GLU 58  ? CB  ? A GLU 80  CB  
7  1 Y 0 A GLU 58  ? CG  ? A GLU 80  CG  
8  1 Y 0 A GLU 58  ? CD  ? A GLU 80  CD  
9  1 Y 0 A GLU 58  ? OE1 ? A GLU 80  OE1 
10 1 Y 0 A GLU 58  ? OE2 ? A GLU 80  OE2 
11 1 Y 0 A ARG 92  ? CB  ? A ARG 114 CB  
12 1 Y 0 A ARG 92  ? CG  ? A ARG 114 CG  
13 1 Y 0 A ARG 92  ? CD  ? A ARG 114 CD  
14 1 Y 0 A ARG 92  ? NE  ? A ARG 114 NE  
15 1 Y 0 A ARG 92  ? CZ  ? A ARG 114 CZ  
16 1 Y 0 A ARG 92  ? NH1 ? A ARG 114 NH1 
17 1 Y 0 A ARG 92  ? NH2 ? A ARG 114 NH2 
18 1 Y 0 A GLU 122 ? CB  ? A GLU 144 CB  
19 1 Y 0 A GLU 122 ? CG  ? A GLU 144 CG  
20 1 Y 0 A GLU 122 ? CD  ? A GLU 144 CD  
21 1 Y 0 A GLU 122 ? OE1 ? A GLU 144 OE1 
22 1 Y 0 A GLU 122 ? OE2 ? A GLU 144 OE2 
# 
loop_
_software.name 
_software.classification 
_software.version 
_software.citation_id 
_software.pdbx_ordinal 
ADSC   'data collection' Quantum                      ? 1 
PHASER phasing           .                            ? 2 
PHENIX refinement        '(phenix.refine: 1.7.2_869)' ? 3 
XDS    'data reduction'  .                            ? 4 
SCALA  'data scaling'    .                            ? 5 
# 
_cell.entry_id           4E22 
_cell.length_a           88.635 
_cell.length_b           88.635 
_cell.length_c           84.285 
_cell.angle_alpha        90.00 
_cell.angle_beta         90.00 
_cell.angle_gamma        120.00 
_cell.Z_PDB              9 
_cell.pdbx_unique_axis   ? 
_cell.length_a_esd       ? 
_cell.length_b_esd       ? 
_cell.length_c_esd       ? 
_cell.angle_alpha_esd    ? 
_cell.angle_beta_esd     ? 
_cell.angle_gamma_esd    ? 
# 
_symmetry.entry_id                         4E22 
_symmetry.space_group_name_H-M             'H 3' 
_symmetry.pdbx_full_space_group_name_H-M   ? 
_symmetry.cell_setting                     ? 
_symmetry.Int_Tables_number                146 
_symmetry.space_group_name_Hall            ? 
# 
_exptl.entry_id          4E22 
_exptl.method            'X-RAY DIFFRACTION' 
_exptl.crystals_number   1 
# 
_exptl_crystal.id                    1 
_exptl_crystal.density_meas          ? 
_exptl_crystal.density_Matthews      2.30 
_exptl_crystal.density_percent_sol   46.55 
_exptl_crystal.description           ? 
_exptl_crystal.F_000                 ? 
_exptl_crystal.preparation           ? 
# 
_exptl_crystal_grow.crystal_id      1 
_exptl_crystal_grow.method          'VAPOR DIFFUSION, HANGING DROP' 
_exptl_crystal_grow.temp            289 
_exptl_crystal_grow.temp_details    ? 
_exptl_crystal_grow.pH              7.5 
_exptl_crystal_grow.pdbx_details    
;1 ul of 6 mg/ml Cmk (in 50 mM MES pH 6.0, 150 mM sodium chloride) plus 1 ul mother liquor (100 mM sodium HEPES pH 7.5, 1.2 M lithium sulfate, 100 mM magnesium chloride), VAPOR DIFFUSION, HANGING DROP, temperature 289K
;
_exptl_crystal_grow.pdbx_pH_range   ? 
# 
_diffrn.id                     1 
_diffrn.ambient_temp           100 
_diffrn.ambient_temp_details   ? 
_diffrn.crystal_id             1 
# 
_diffrn_detector.diffrn_id              1 
_diffrn_detector.detector               CCD 
_diffrn_detector.type                   'ADSC QUANTUM 315' 
_diffrn_detector.pdbx_collection_date   2011-04-15 
_diffrn_detector.details                ? 
# 
_diffrn_radiation.diffrn_id                        1 
_diffrn_radiation.wavelength_id                    1 
_diffrn_radiation.pdbx_monochromatic_or_laue_m_l   M 
_diffrn_radiation.monochromator                    'double crystal Si(III)' 
_diffrn_radiation.pdbx_diffrn_protocol             'SINGLE WAVELENGTH' 
_diffrn_radiation.pdbx_scattering_type             x-ray 
# 
_diffrn_radiation_wavelength.id           1 
_diffrn_radiation_wavelength.wavelength   0.98 
_diffrn_radiation_wavelength.wt           1.0 
# 
_diffrn_source.diffrn_id                   1 
_diffrn_source.source                      SYNCHROTRON 
_diffrn_source.type                        'DIAMOND BEAMLINE I02' 
_diffrn_source.pdbx_synchrotron_site       Diamond 
_diffrn_source.pdbx_synchrotron_beamline   I02 
_diffrn_source.pdbx_wavelength             ? 
_diffrn_source.pdbx_wavelength_list        0.98 
# 
_reflns.entry_id                     4E22 
_reflns.observed_criterion_sigma_I   ? 
_reflns.observed_criterion_sigma_F   ? 
_reflns.d_resolution_low             27.43 
_reflns.d_resolution_high            2.32 
_reflns.number_obs                   10266 
_reflns.number_all                   ? 
_reflns.percent_possible_obs         ? 
_reflns.pdbx_Rmerge_I_obs            0.047 
_reflns.pdbx_netI_over_sigmaI        16.2 
_reflns.B_iso_Wilson_estimate        61.6 
_reflns.pdbx_redundancy              4.3 
_reflns.R_free_details               ? 
_reflns.limit_h_max                  ? 
_reflns.limit_h_min                  ? 
_reflns.limit_k_max                  ? 
_reflns.limit_k_min                  ? 
_reflns.limit_l_max                  ? 
_reflns.limit_l_min                  ? 
_reflns.observed_criterion_F_max     ? 
_reflns.observed_criterion_F_min     ? 
_reflns.pdbx_chi_squared             ? 
_reflns.pdbx_scaling_rejects         ? 
_reflns.pdbx_Rsym_value              ? 
_reflns.pdbx_ordinal                 1 
_reflns.pdbx_diffrn_id               1 
# 
_refine.entry_id                                 4E22 
_refine.ls_number_reflns_obs                     10266 
_refine.ls_number_reflns_all                     ? 
_refine.pdbx_ls_sigma_I                          ? 
_refine.pdbx_ls_sigma_F                          1.97 
_refine.pdbx_data_cutoff_high_absF               ? 
_refine.pdbx_data_cutoff_low_absF                ? 
_refine.pdbx_data_cutoff_high_rms_absF           ? 
_refine.ls_d_res_low                             27.43 
_refine.ls_d_res_high                            2.323 
_refine.ls_percent_reflns_obs                    96.31 
_refine.ls_R_factor_obs                          0.2245 
_refine.ls_R_factor_R_work                       0.2218 
_refine.ls_R_factor_R_free                       0.2782 
_refine.ls_R_factor_R_free_error                 ? 
_refine.ls_R_factor_R_free_error_details         ? 
_refine.ls_percent_reflns_R_free                 4.83 
_refine.ls_number_reflns_R_free                  495 
_refine.ls_number_parameters                     ? 
_refine.ls_number_restraints                     ? 
_refine.occupancy_min                            ? 
_refine.occupancy_max                            ? 
_refine.correlation_coeff_Fo_to_Fc               ? 
_refine.correlation_coeff_Fo_to_Fc_free          ? 
_refine.B_iso_mean                               ? 
_refine.aniso_B[1][1]                            4.1751 
_refine.aniso_B[2][2]                            4.1751 
_refine.aniso_B[3][3]                            -8.3502 
_refine.aniso_B[1][2]                            0.0000 
_refine.aniso_B[1][3]                            -0.0000 
_refine.aniso_B[2][3]                            0.0000 
_refine.solvent_model_details                    'FLAT BULK SOLVENT MODEL' 
_refine.solvent_model_param_ksol                 0.378 
_refine.solvent_model_param_bsol                 53.479 
_refine.pdbx_solvent_vdw_probe_radii             0.90 
_refine.pdbx_solvent_ion_probe_radii             ? 
_refine.pdbx_solvent_shrinkage_radii             0.60 
_refine.pdbx_ls_cross_valid_method               ? 
_refine.details                                  ? 
_refine.pdbx_starting_model                      ? 
_refine.pdbx_method_to_determine_struct          'MOLECULAR REPLACEMENT' 
_refine.pdbx_isotropic_thermal_model             ? 
_refine.pdbx_stereochemistry_target_values       ML 
_refine.pdbx_stereochem_target_val_spec_case     ? 
_refine.pdbx_R_Free_selection_details            RANDOM 
_refine.pdbx_overall_ESU_R                       ? 
_refine.pdbx_overall_ESU_R_Free                  ? 
_refine.overall_SU_ML                            0.55 
_refine.pdbx_overall_phase_error                 30.88 
_refine.overall_SU_B                             ? 
_refine.overall_SU_R_Cruickshank_DPI             ? 
_refine.ls_redundancy_reflns_obs                 ? 
_refine.B_iso_min                                ? 
_refine.B_iso_max                                ? 
_refine.overall_SU_R_free                        ? 
_refine.ls_wR_factor_R_free                      ? 
_refine.ls_wR_factor_R_work                      ? 
_refine.overall_FOM_free_R_set                   ? 
_refine.overall_FOM_work_R_set                   ? 
_refine.ls_R_factor_all                          ? 
_refine.pdbx_diffrn_id                           1 
_refine.pdbx_refine_id                           'X-RAY DIFFRACTION' 
_refine.pdbx_TLS_residual_ADP_flag               ? 
_refine.pdbx_overall_SU_R_free_Cruickshank_DPI   ? 
_refine.pdbx_overall_SU_R_Blow_DPI               ? 
_refine.pdbx_overall_SU_R_free_Blow_DPI          ? 
# 
_refine_hist.pdbx_refine_id                   'X-RAY DIFFRACTION' 
_refine_hist.cycle_id                         LAST 
_refine_hist.pdbx_number_atoms_protein        1627 
_refine_hist.pdbx_number_atoms_nucleic_acid   0 
_refine_hist.pdbx_number_atoms_ligand         10 
_refine_hist.number_atoms_solvent             18 
_refine_hist.number_atoms_total               1655 
_refine_hist.d_res_high                       2.323 
_refine_hist.d_res_low                        27.43 
# 
loop_
_refine_ls_restr.type 
_refine_ls_restr.dev_ideal 
_refine_ls_restr.dev_ideal_target 
_refine_ls_restr.weight 
_refine_ls_restr.number 
_refine_ls_restr.pdbx_restraint_function 
_refine_ls_restr.pdbx_refine_id 
f_bond_d           0.008  ? ? 1657 ? 'X-RAY DIFFRACTION' 
f_angle_d          1.168  ? ? 2248 ? 'X-RAY DIFFRACTION' 
f_dihedral_angle_d 16.998 ? ? 612  ? 'X-RAY DIFFRACTION' 
f_chiral_restr     0.076  ? ? 266  ? 'X-RAY DIFFRACTION' 
f_plane_restr      0.004  ? ? 295  ? 'X-RAY DIFFRACTION' 
# 
loop_
_refine_ls_shell.pdbx_total_number_of_bins_used 
_refine_ls_shell.d_res_high 
_refine_ls_shell.d_res_low 
_refine_ls_shell.number_reflns_R_work 
_refine_ls_shell.R_factor_R_work 
_refine_ls_shell.percent_reflns_obs 
_refine_ls_shell.R_factor_R_free 
_refine_ls_shell.R_factor_R_free_error 
_refine_ls_shell.percent_reflns_R_free 
_refine_ls_shell.number_reflns_R_free 
_refine_ls_shell.number_reflns_all 
_refine_ls_shell.R_factor_all 
_refine_ls_shell.number_reflns_obs 
_refine_ls_shell.redundancy_reflns_obs 
_refine_ls_shell.pdbx_refine_id 
. 2.323  2.5564 2334 0.2976 92.00  0.3720 . . 121 . . . . 'X-RAY DIFFRACTION' 
. 2.5564 2.9260 2544 0.2850 100.00 0.3229 . . 118 . . . . 'X-RAY DIFFRACTION' 
. 2.9260 3.6850 2519 0.2293 100.00 0.3054 . . 122 . . . . 'X-RAY DIFFRACTION' 
. 3.6850 27.43  2362 0.1941 93.00  0.2439 . . 134 . . . . 'X-RAY DIFFRACTION' 
# 
_struct.entry_id                  4E22 
_struct.title                     'Structure of cytidine monophosphate kinase from Yersinia pseudotuberculosis' 
_struct.pdbx_model_details        ? 
_struct.pdbx_CASP_flag            ? 
_struct.pdbx_model_type_details   ? 
# 
_struct_keywords.entry_id        4E22 
_struct_keywords.pdbx_keywords   TRANSFERASE 
_struct_keywords.text            'P-loop, CMP/ATP binding, TRANSFERASE' 
# 
loop_
_struct_asym.id 
_struct_asym.pdbx_blank_PDB_chainid_flag 
_struct_asym.pdbx_modified 
_struct_asym.entity_id 
_struct_asym.details 
A N N 1 ? 
B N N 2 ? 
C N N 2 ? 
D N N 3 ? 
# 
_struct_ref.id                         1 
_struct_ref.db_name                    UNP 
_struct_ref.db_code                    KCY_YERPY 
_struct_ref.pdbx_db_accession          B1JRD8 
_struct_ref.entity_id                  1 
_struct_ref.pdbx_seq_one_letter_code   
;MTAIAPVITVDGPSGAGKGTLCKALAESLNWRLLDSGAIYRVLALAALHHQVDISTEEALVPLAAHLDVRFVSQNGQLQV
ILEGEDVSNEIRTETVGNTASQAAAFPRVREALLRRQRAFREAPGLIADGRDMGTIVFPDAPVKIFLDASSQERAHRRML
QLQERGFNVNFERLLAEIQERDNRDRNRSVAPLVPAADALVLDSTSMSIEQVIEQALAYAQRILALPLKK
;
_struct_ref.pdbx_align_begin           1 
_struct_ref.pdbx_db_isoform            ? 
# 
_struct_ref_seq.align_id                      1 
_struct_ref_seq.ref_id                        1 
_struct_ref_seq.pdbx_PDB_id_code              4E22 
_struct_ref_seq.pdbx_strand_id                A 
_struct_ref_seq.seq_align_beg                 23 
_struct_ref_seq.pdbx_seq_align_beg_ins_code   ? 
_struct_ref_seq.seq_align_end                 252 
_struct_ref_seq.pdbx_seq_align_end_ins_code   ? 
_struct_ref_seq.pdbx_db_accession             B1JRD8 
_struct_ref_seq.db_align_beg                  1 
_struct_ref_seq.pdbx_db_align_beg_ins_code    ? 
_struct_ref_seq.db_align_end                  230 
_struct_ref_seq.pdbx_db_align_end_ins_code    ? 
_struct_ref_seq.pdbx_auth_seq_align_beg       1 
_struct_ref_seq.pdbx_auth_seq_align_end       230 
# 
loop_
_struct_ref_seq_dif.align_id 
_struct_ref_seq_dif.pdbx_pdb_id_code 
_struct_ref_seq_dif.mon_id 
_struct_ref_seq_dif.pdbx_pdb_strand_id 
_struct_ref_seq_dif.seq_num 
_struct_ref_seq_dif.pdbx_pdb_ins_code 
_struct_ref_seq_dif.pdbx_seq_db_name 
_struct_ref_seq_dif.pdbx_seq_db_accession_code 
_struct_ref_seq_dif.db_mon_id 
_struct_ref_seq_dif.pdbx_seq_db_seq_num 
_struct_ref_seq_dif.details 
_struct_ref_seq_dif.pdbx_auth_seq_num 
_struct_ref_seq_dif.pdbx_ordinal 
1 4E22 LEU A 1  ? UNP B1JRD8 ? ? 'expression tag' -21 1  
1 4E22 GLU A 2  ? UNP B1JRD8 ? ? 'expression tag' -20 2  
1 4E22 VAL A 3  ? UNP B1JRD8 ? ? 'expression tag' -19 3  
1 4E22 LEU A 4  ? UNP B1JRD8 ? ? 'expression tag' -18 4  
1 4E22 PHE A 5  ? UNP B1JRD8 ? ? 'expression tag' -17 5  
1 4E22 GLN A 6  ? UNP B1JRD8 ? ? 'expression tag' -16 6  
1 4E22 GLY A 7  ? UNP B1JRD8 ? ? 'expression tag' -15 7  
1 4E22 PRO A 8  ? UNP B1JRD8 ? ? 'expression tag' -14 8  
1 4E22 LEU A 9  ? UNP B1JRD8 ? ? 'expression tag' -13 9  
1 4E22 GLY A 10 ? UNP B1JRD8 ? ? 'expression tag' -12 10 
1 4E22 SER A 11 ? UNP B1JRD8 ? ? 'expression tag' -11 11 
1 4E22 PRO A 12 ? UNP B1JRD8 ? ? 'expression tag' -10 12 
1 4E22 GLU A 13 ? UNP B1JRD8 ? ? 'expression tag' -9  13 
1 4E22 PHE A 14 ? UNP B1JRD8 ? ? 'expression tag' -8  14 
1 4E22 PRO A 15 ? UNP B1JRD8 ? ? 'expression tag' -7  15 
1 4E22 GLY A 16 ? UNP B1JRD8 ? ? 'expression tag' -6  16 
1 4E22 ARG A 17 ? UNP B1JRD8 ? ? 'expression tag' -5  17 
1 4E22 LEU A 18 ? UNP B1JRD8 ? ? 'expression tag' -4  18 
1 4E22 GLU A 19 ? UNP B1JRD8 ? ? 'expression tag' -3  19 
1 4E22 ARG A 20 ? UNP B1JRD8 ? ? 'expression tag' -2  20 
1 4E22 PRO A 21 ? UNP B1JRD8 ? ? 'expression tag' -1  21 
1 4E22 HIS A 22 ? UNP B1JRD8 ? ? 'expression tag' 0   22 
# 
_pdbx_struct_assembly.id                   1 
_pdbx_struct_assembly.details              author_and_software_defined_assembly 
_pdbx_struct_assembly.method_details       PISA 
_pdbx_struct_assembly.oligomeric_details   monomeric 
_pdbx_struct_assembly.oligomeric_count     1 
# 
_pdbx_struct_assembly_gen.assembly_id       1 
_pdbx_struct_assembly_gen.oper_expression   1 
_pdbx_struct_assembly_gen.asym_id_list      A,B,C,D 
# 
_pdbx_struct_oper_list.id                   1 
_pdbx_struct_oper_list.type                 'identity operation' 
_pdbx_struct_oper_list.name                 1_555 
_pdbx_struct_oper_list.symmetry_operation   x,y,z 
_pdbx_struct_oper_list.matrix[1][1]         1.0000000000 
_pdbx_struct_oper_list.matrix[1][2]         0.0000000000 
_pdbx_struct_oper_list.matrix[1][3]         0.0000000000 
_pdbx_struct_oper_list.vector[1]            0.0000000000 
_pdbx_struct_oper_list.matrix[2][1]         0.0000000000 
_pdbx_struct_oper_list.matrix[2][2]         1.0000000000 
_pdbx_struct_oper_list.matrix[2][3]         0.0000000000 
_pdbx_struct_oper_list.vector[2]            0.0000000000 
_pdbx_struct_oper_list.matrix[3][1]         0.0000000000 
_pdbx_struct_oper_list.matrix[3][2]         0.0000000000 
_pdbx_struct_oper_list.matrix[3][3]         1.0000000000 
_pdbx_struct_oper_list.vector[3]            0.0000000000 
# 
_struct_biol.id        1 
_struct_biol.details   ? 
# 
loop_
_struct_conf.conf_type_id 
_struct_conf.id 
_struct_conf.pdbx_PDB_helix_id 
_struct_conf.beg_label_comp_id 
_struct_conf.beg_label_asym_id 
_struct_conf.beg_label_seq_id 
_struct_conf.pdbx_beg_PDB_ins_code 
_struct_conf.end_label_comp_id 
_struct_conf.end_label_asym_id 
_struct_conf.end_label_seq_id 
_struct_conf.pdbx_end_PDB_ins_code 
_struct_conf.beg_auth_comp_id 
_struct_conf.beg_auth_asym_id 
_struct_conf.beg_auth_seq_id 
_struct_conf.end_auth_comp_id 
_struct_conf.end_auth_asym_id 
_struct_conf.end_auth_seq_id 
_struct_conf.pdbx_PDB_helix_class 
_struct_conf.details 
_struct_conf.pdbx_PDB_helix_length 
HELX_P HELX_P1 1 GLY A 39  ? LEU A 51  ? GLY A 17  LEU A 29  1 ? 13 
HELX_P HELX_P2 2 SER A 58  ? HIS A 72  ? SER A 36  HIS A 50  1 ? 15 
HELX_P HELX_P3 3 ALA A 81  ? HIS A 88  ? ALA A 59  HIS A 66  1 ? 8  
HELX_P HELX_P4 4 ASN A 111 ? ARG A 114 ? ASN A 89  ARG A 92  5 ? 4  
HELX_P HELX_P5 5 THR A 115 ? ALA A 126 ? THR A 93  ALA A 104 1 ? 12 
HELX_P HELX_P6 6 PHE A 128 ? ALA A 141 ? PHE A 106 ALA A 119 1 ? 14 
HELX_P HELX_P7 7 SER A 172 ? GLY A 188 ? SER A 150 GLY A 166 1 ? 17 
HELX_P HELX_P8 8 ASN A 192 ? GLN A 201 ? ASN A 170 GLN A 179 1 ? 10 
HELX_P HELX_P9 9 SER A 230 ? LEU A 246 ? SER A 208 LEU A 224 1 ? 17 
# 
_struct_conf_type.id          HELX_P 
_struct_conf_type.criteria    ? 
_struct_conf_type.reference   ? 
# 
_struct_mon_prot_cis.pdbx_id                1 
_struct_mon_prot_cis.label_comp_id          ALA 
_struct_mon_prot_cis.label_seq_id           145 
_struct_mon_prot_cis.label_asym_id          A 
_struct_mon_prot_cis.label_alt_id           . 
_struct_mon_prot_cis.pdbx_PDB_ins_code      ? 
_struct_mon_prot_cis.auth_comp_id           ALA 
_struct_mon_prot_cis.auth_seq_id            123 
_struct_mon_prot_cis.auth_asym_id           A 
_struct_mon_prot_cis.pdbx_label_comp_id_2   PRO 
_struct_mon_prot_cis.pdbx_label_seq_id_2    146 
_struct_mon_prot_cis.pdbx_label_asym_id_2   A 
_struct_mon_prot_cis.pdbx_PDB_ins_code_2    ? 
_struct_mon_prot_cis.pdbx_auth_comp_id_2    PRO 
_struct_mon_prot_cis.pdbx_auth_seq_id_2     124 
_struct_mon_prot_cis.pdbx_auth_asym_id_2    A 
_struct_mon_prot_cis.pdbx_PDB_model_num     1 
_struct_mon_prot_cis.pdbx_omega_angle       3.51 
# 
loop_
_struct_sheet.id 
_struct_sheet.type 
_struct_sheet.number_strands 
_struct_sheet.details 
A ? 5 ? 
B ? 3 ? 
# 
loop_
_struct_sheet_order.sheet_id 
_struct_sheet_order.range_id_1 
_struct_sheet_order.range_id_2 
_struct_sheet_order.offset 
_struct_sheet_order.sense 
A 1 2 ? parallel      
A 2 3 ? parallel      
A 3 4 ? parallel      
A 4 5 ? parallel      
B 1 2 ? anti-parallel 
B 2 3 ? anti-parallel 
# 
loop_
_struct_sheet_range.sheet_id 
_struct_sheet_range.id 
_struct_sheet_range.beg_label_comp_id 
_struct_sheet_range.beg_label_asym_id 
_struct_sheet_range.beg_label_seq_id 
_struct_sheet_range.pdbx_beg_PDB_ins_code 
_struct_sheet_range.end_label_comp_id 
_struct_sheet_range.end_label_asym_id 
_struct_sheet_range.end_label_seq_id 
_struct_sheet_range.pdbx_end_PDB_ins_code 
_struct_sheet_range.beg_auth_comp_id 
_struct_sheet_range.beg_auth_asym_id 
_struct_sheet_range.beg_auth_seq_id 
_struct_sheet_range.end_auth_comp_id 
_struct_sheet_range.end_auth_asym_id 
_struct_sheet_range.end_auth_seq_id 
A 1 ARG A 54  ? ASP A 57  ? ARG A 32  ASP A 35  
A 2 LEU A 148 ? GLY A 152 ? LEU A 126 GLY A 130 
A 3 VAL A 29  ? ASP A 33  ? VAL A 7   ASP A 11  
A 4 VAL A 165 ? ASP A 170 ? VAL A 143 ASP A 148 
A 5 ALA A 221 ? ASP A 225 ? ALA A 199 ASP A 203 
B 1 VAL A 91  ? GLN A 96  ? VAL A 69  GLN A 74  
B 2 GLN A 99  ? LEU A 104 ? GLN A 77  LEU A 82  
B 3 GLU A 107 ? ASP A 108 ? GLU A 85  ASP A 86  
# 
loop_
_pdbx_struct_sheet_hbond.sheet_id 
_pdbx_struct_sheet_hbond.range_id_1 
_pdbx_struct_sheet_hbond.range_id_2 
_pdbx_struct_sheet_hbond.range_1_label_atom_id 
_pdbx_struct_sheet_hbond.range_1_label_comp_id 
_pdbx_struct_sheet_hbond.range_1_label_asym_id 
_pdbx_struct_sheet_hbond.range_1_label_seq_id 
_pdbx_struct_sheet_hbond.range_1_PDB_ins_code 
_pdbx_struct_sheet_hbond.range_1_auth_atom_id 
_pdbx_struct_sheet_hbond.range_1_auth_comp_id 
_pdbx_struct_sheet_hbond.range_1_auth_asym_id 
_pdbx_struct_sheet_hbond.range_1_auth_seq_id 
_pdbx_struct_sheet_hbond.range_2_label_atom_id 
_pdbx_struct_sheet_hbond.range_2_label_comp_id 
_pdbx_struct_sheet_hbond.range_2_label_asym_id 
_pdbx_struct_sheet_hbond.range_2_label_seq_id 
_pdbx_struct_sheet_hbond.range_2_PDB_ins_code 
_pdbx_struct_sheet_hbond.range_2_auth_atom_id 
_pdbx_struct_sheet_hbond.range_2_auth_comp_id 
_pdbx_struct_sheet_hbond.range_2_auth_asym_id 
_pdbx_struct_sheet_hbond.range_2_auth_seq_id 
A 1 2 N LEU A 56  ? N LEU A 34  O ILE A 149 ? O ILE A 127 
A 2 3 O ALA A 150 ? O ALA A 128 N ILE A 30  ? N ILE A 8   
A 3 4 N ASP A 33  ? N ASP A 11  O LEU A 169 ? O LEU A 147 
A 4 5 N PHE A 168 ? N PHE A 146 O LEU A 222 ? O LEU A 200 
B 1 2 N VAL A 94  ? N VAL A 72  O GLN A 101 ? O GLN A 79  
B 2 3 N LEU A 104 ? N LEU A 82  O GLU A 107 ? O GLU A 85  
# 
loop_
_struct_site.id 
_struct_site.pdbx_evidence_code 
_struct_site.pdbx_auth_asym_id 
_struct_site.pdbx_auth_comp_id 
_struct_site.pdbx_auth_seq_id 
_struct_site.pdbx_auth_ins_code 
_struct_site.pdbx_num_residues 
_struct_site.details 
AC1 Software A SO4 301 ? 6 'BINDING SITE FOR RESIDUE SO4 A 301' 
AC2 Software A SO4 302 ? 2 'BINDING SITE FOR RESIDUE SO4 A 302' 
# 
loop_
_struct_site_gen.id 
_struct_site_gen.site_id 
_struct_site_gen.pdbx_num_res 
_struct_site_gen.label_comp_id 
_struct_site_gen.label_asym_id 
_struct_site_gen.label_seq_id 
_struct_site_gen.pdbx_auth_ins_code 
_struct_site_gen.auth_comp_id 
_struct_site_gen.auth_asym_id 
_struct_site_gen.auth_seq_id 
_struct_site_gen.label_atom_id 
_struct_site_gen.label_alt_id 
_struct_site_gen.symmetry 
_struct_site_gen.details 
1 AC1 6 GLY A 37  ? GLY A 15  . ? 1_555 ? 
2 AC1 6 ALA A 38  ? ALA A 16  . ? 1_555 ? 
3 AC1 6 GLY A 39  ? GLY A 17  . ? 1_555 ? 
4 AC1 6 LYS A 40  ? LYS A 18  . ? 1_555 ? 
5 AC1 6 GLY A 41  ? GLY A 19  . ? 1_555 ? 
6 AC1 6 ARG A 179 ? ARG A 157 . ? 1_555 ? 
7 AC2 2 GLY A 59  ? GLY A 37  . ? 1_555 ? 
8 AC2 2 ARG A 63  ? ARG A 41  . ? 1_555 ? 
# 
_pdbx_validate_close_contact.id               1 
_pdbx_validate_close_contact.PDB_model_num    1 
_pdbx_validate_close_contact.auth_atom_id_1   NZ 
_pdbx_validate_close_contact.auth_asym_id_1   A 
_pdbx_validate_close_contact.auth_comp_id_1   LYS 
_pdbx_validate_close_contact.auth_seq_id_1    18 
_pdbx_validate_close_contact.PDB_ins_code_1   ? 
_pdbx_validate_close_contact.label_alt_id_1   ? 
_pdbx_validate_close_contact.auth_atom_id_2   OD2 
_pdbx_validate_close_contact.auth_asym_id_2   A 
_pdbx_validate_close_contact.auth_comp_id_2   ASP 
_pdbx_validate_close_contact.auth_seq_id_2    129 
_pdbx_validate_close_contact.PDB_ins_code_2   ? 
_pdbx_validate_close_contact.label_alt_id_2   ? 
_pdbx_validate_close_contact.dist             2.17 
# 
loop_
_pdbx_validate_torsion.id 
_pdbx_validate_torsion.PDB_model_num 
_pdbx_validate_torsion.auth_comp_id 
_pdbx_validate_torsion.auth_asym_id 
_pdbx_validate_torsion.auth_seq_id 
_pdbx_validate_torsion.PDB_ins_code 
_pdbx_validate_torsion.label_alt_id 
_pdbx_validate_torsion.phi 
_pdbx_validate_torsion.psi 
1 1 ILE A 4  ? ? 93.34   -78.67  
2 1 GLN A 51 ? ? 31.03   75.36   
3 1 ILE A 54 ? ? -90.63  48.05   
4 1 SER A 55 ? ? -127.68 -155.11 
5 1 THR A 56 ? ? 48.13   -14.33  
6 1 GLU A 57 ? ? 58.07   -15.06  
# 
loop_
_pdbx_unobs_or_zero_occ_residues.id 
_pdbx_unobs_or_zero_occ_residues.PDB_model_num 
_pdbx_unobs_or_zero_occ_residues.polymer_flag 
_pdbx_unobs_or_zero_occ_residues.occupancy_flag 
_pdbx_unobs_or_zero_occ_residues.auth_asym_id 
_pdbx_unobs_or_zero_occ_residues.auth_comp_id 
_pdbx_unobs_or_zero_occ_residues.auth_seq_id 
_pdbx_unobs_or_zero_occ_residues.PDB_ins_code 
_pdbx_unobs_or_zero_occ_residues.label_asym_id 
_pdbx_unobs_or_zero_occ_residues.label_comp_id 
_pdbx_unobs_or_zero_occ_residues.label_seq_id 
1  1 Y 1 A LEU -21 ? A LEU 1   
2  1 Y 1 A GLU -20 ? A GLU 2   
3  1 Y 1 A VAL -19 ? A VAL 3   
4  1 Y 1 A LEU -18 ? A LEU 4   
5  1 Y 1 A PHE -17 ? A PHE 5   
6  1 Y 1 A GLN -16 ? A GLN 6   
7  1 Y 1 A GLY -15 ? A GLY 7   
8  1 Y 1 A PRO -14 ? A PRO 8   
9  1 Y 1 A LEU -13 ? A LEU 9   
10 1 Y 1 A GLY -12 ? A GLY 10  
11 1 Y 1 A SER -11 ? A SER 11  
12 1 Y 1 A PRO -10 ? A PRO 12  
13 1 Y 1 A GLU -9  ? A GLU 13  
14 1 Y 1 A PHE -8  ? A PHE 14  
15 1 Y 1 A PRO -7  ? A PRO 15  
16 1 Y 1 A GLY -6  ? A GLY 16  
17 1 Y 1 A ARG -5  ? A ARG 17  
18 1 Y 1 A LEU -4  ? A LEU 18  
19 1 Y 1 A GLU -3  ? A GLU 19  
20 1 Y 1 A ARG -2  ? A ARG 20  
21 1 Y 1 A PRO -1  ? A PRO 21  
22 1 Y 1 A HIS 0   ? A HIS 22  
23 1 Y 1 A GLU 180 ? A GLU 202 
24 1 Y 1 A ARG 181 ? A ARG 203 
25 1 Y 1 A ASP 182 ? A ASP 204 
26 1 Y 1 A ASN 183 ? A ASN 205 
27 1 Y 1 A ARG 184 ? A ARG 206 
28 1 Y 1 A ASP 185 ? A ASP 207 
29 1 Y 1 A ARG 186 ? A ARG 208 
30 1 Y 1 A ASN 187 ? A ASN 209 
31 1 Y 1 A ARG 188 ? A ARG 210 
32 1 Y 1 A SER 189 ? A SER 211 
33 1 Y 1 A VAL 190 ? A VAL 212 
34 1 Y 1 A ALA 191 ? A ALA 213 
35 1 Y 1 A LEU 226 ? A LEU 248 
36 1 Y 1 A PRO 227 ? A PRO 249 
37 1 Y 1 A LEU 228 ? A LEU 250 
38 1 Y 1 A LYS 229 ? A LYS 251 
39 1 Y 1 A LYS 230 ? A LYS 252 
# 
loop_
_chem_comp_atom.comp_id 
_chem_comp_atom.atom_id 
_chem_comp_atom.type_symbol 
_chem_comp_atom.pdbx_aromatic_flag 
_chem_comp_atom.pdbx_stereo_config 
_chem_comp_atom.pdbx_ordinal 
ALA N    N N N 1   
ALA CA   C N S 2   
ALA C    C N N 3   
ALA O    O N N 4   
ALA CB   C N N 5   
ALA OXT  O N N 6   
ALA H    H N N 7   
ALA H2   H N N 8   
ALA HA   H N N 9   
ALA HB1  H N N 10  
ALA HB2  H N N 11  
ALA HB3  H N N 12  
ALA HXT  H N N 13  
ARG N    N N N 14  
ARG CA   C N S 15  
ARG C    C N N 16  
ARG O    O N N 17  
ARG CB   C N N 18  
ARG CG   C N N 19  
ARG CD   C N N 20  
ARG NE   N N N 21  
ARG CZ   C N N 22  
ARG NH1  N N N 23  
ARG NH2  N N N 24  
ARG OXT  O N N 25  
ARG H    H N N 26  
ARG H2   H N N 27  
ARG HA   H N N 28  
ARG HB2  H N N 29  
ARG HB3  H N N 30  
ARG HG2  H N N 31  
ARG HG3  H N N 32  
ARG HD2  H N N 33  
ARG HD3  H N N 34  
ARG HE   H N N 35  
ARG HH11 H N N 36  
ARG HH12 H N N 37  
ARG HH21 H N N 38  
ARG HH22 H N N 39  
ARG HXT  H N N 40  
ASN N    N N N 41  
ASN CA   C N S 42  
ASN C    C N N 43  
ASN O    O N N 44  
ASN CB   C N N 45  
ASN CG   C N N 46  
ASN OD1  O N N 47  
ASN ND2  N N N 48  
ASN OXT  O N N 49  
ASN H    H N N 50  
ASN H2   H N N 51  
ASN HA   H N N 52  
ASN HB2  H N N 53  
ASN HB3  H N N 54  
ASN HD21 H N N 55  
ASN HD22 H N N 56  
ASN HXT  H N N 57  
ASP N    N N N 58  
ASP CA   C N S 59  
ASP C    C N N 60  
ASP O    O N N 61  
ASP CB   C N N 62  
ASP CG   C N N 63  
ASP OD1  O N N 64  
ASP OD2  O N N 65  
ASP OXT  O N N 66  
ASP H    H N N 67  
ASP H2   H N N 68  
ASP HA   H N N 69  
ASP HB2  H N N 70  
ASP HB3  H N N 71  
ASP HD2  H N N 72  
ASP HXT  H N N 73  
CYS N    N N N 74  
CYS CA   C N R 75  
CYS C    C N N 76  
CYS O    O N N 77  
CYS CB   C N N 78  
CYS SG   S N N 79  
CYS OXT  O N N 80  
CYS H    H N N 81  
CYS H2   H N N 82  
CYS HA   H N N 83  
CYS HB2  H N N 84  
CYS HB3  H N N 85  
CYS HG   H N N 86  
CYS HXT  H N N 87  
GLN N    N N N 88  
GLN CA   C N S 89  
GLN C    C N N 90  
GLN O    O N N 91  
GLN CB   C N N 92  
GLN CG   C N N 93  
GLN CD   C N N 94  
GLN OE1  O N N 95  
GLN NE2  N N N 96  
GLN OXT  O N N 97  
GLN H    H N N 98  
GLN H2   H N N 99  
GLN HA   H N N 100 
GLN HB2  H N N 101 
GLN HB3  H N N 102 
GLN HG2  H N N 103 
GLN HG3  H N N 104 
GLN HE21 H N N 105 
GLN HE22 H N N 106 
GLN HXT  H N N 107 
GLU N    N N N 108 
GLU CA   C N S 109 
GLU C    C N N 110 
GLU O    O N N 111 
GLU CB   C N N 112 
GLU CG   C N N 113 
GLU CD   C N N 114 
GLU OE1  O N N 115 
GLU OE2  O N N 116 
GLU OXT  O N N 117 
GLU H    H N N 118 
GLU H2   H N N 119 
GLU HA   H N N 120 
GLU HB2  H N N 121 
GLU HB3  H N N 122 
GLU HG2  H N N 123 
GLU HG3  H N N 124 
GLU HE2  H N N 125 
GLU HXT  H N N 126 
GLY N    N N N 127 
GLY CA   C N N 128 
GLY C    C N N 129 
GLY O    O N N 130 
GLY OXT  O N N 131 
GLY H    H N N 132 
GLY H2   H N N 133 
GLY HA2  H N N 134 
GLY HA3  H N N 135 
GLY HXT  H N N 136 
HIS N    N N N 137 
HIS CA   C N S 138 
HIS C    C N N 139 
HIS O    O N N 140 
HIS CB   C N N 141 
HIS CG   C Y N 142 
HIS ND1  N Y N 143 
HIS CD2  C Y N 144 
HIS CE1  C Y N 145 
HIS NE2  N Y N 146 
HIS OXT  O N N 147 
HIS H    H N N 148 
HIS H2   H N N 149 
HIS HA   H N N 150 
HIS HB2  H N N 151 
HIS HB3  H N N 152 
HIS HD1  H N N 153 
HIS HD2  H N N 154 
HIS HE1  H N N 155 
HIS HE2  H N N 156 
HIS HXT  H N N 157 
HOH O    O N N 158 
HOH H1   H N N 159 
HOH H2   H N N 160 
ILE N    N N N 161 
ILE CA   C N S 162 
ILE C    C N N 163 
ILE O    O N N 164 
ILE CB   C N S 165 
ILE CG1  C N N 166 
ILE CG2  C N N 167 
ILE CD1  C N N 168 
ILE OXT  O N N 169 
ILE H    H N N 170 
ILE H2   H N N 171 
ILE HA   H N N 172 
ILE HB   H N N 173 
ILE HG12 H N N 174 
ILE HG13 H N N 175 
ILE HG21 H N N 176 
ILE HG22 H N N 177 
ILE HG23 H N N 178 
ILE HD11 H N N 179 
ILE HD12 H N N 180 
ILE HD13 H N N 181 
ILE HXT  H N N 182 
LEU N    N N N 183 
LEU CA   C N S 184 
LEU C    C N N 185 
LEU O    O N N 186 
LEU CB   C N N 187 
LEU CG   C N N 188 
LEU CD1  C N N 189 
LEU CD2  C N N 190 
LEU OXT  O N N 191 
LEU H    H N N 192 
LEU H2   H N N 193 
LEU HA   H N N 194 
LEU HB2  H N N 195 
LEU HB3  H N N 196 
LEU HG   H N N 197 
LEU HD11 H N N 198 
LEU HD12 H N N 199 
LEU HD13 H N N 200 
LEU HD21 H N N 201 
LEU HD22 H N N 202 
LEU HD23 H N N 203 
LEU HXT  H N N 204 
LYS N    N N N 205 
LYS CA   C N S 206 
LYS C    C N N 207 
LYS O    O N N 208 
LYS CB   C N N 209 
LYS CG   C N N 210 
LYS CD   C N N 211 
LYS CE   C N N 212 
LYS NZ   N N N 213 
LYS OXT  O N N 214 
LYS H    H N N 215 
LYS H2   H N N 216 
LYS HA   H N N 217 
LYS HB2  H N N 218 
LYS HB3  H N N 219 
LYS HG2  H N N 220 
LYS HG3  H N N 221 
LYS HD2  H N N 222 
LYS HD3  H N N 223 
LYS HE2  H N N 224 
LYS HE3  H N N 225 
LYS HZ1  H N N 226 
LYS HZ2  H N N 227 
LYS HZ3  H N N 228 
LYS HXT  H N N 229 
MET N    N N N 230 
MET CA   C N S 231 
MET C    C N N 232 
MET O    O N N 233 
MET CB   C N N 234 
MET CG   C N N 235 
MET SD   S N N 236 
MET CE   C N N 237 
MET OXT  O N N 238 
MET H    H N N 239 
MET H2   H N N 240 
MET HA   H N N 241 
MET HB2  H N N 242 
MET HB3  H N N 243 
MET HG2  H N N 244 
MET HG3  H N N 245 
MET HE1  H N N 246 
MET HE2  H N N 247 
MET HE3  H N N 248 
MET HXT  H N N 249 
PHE N    N N N 250 
PHE CA   C N S 251 
PHE C    C N N 252 
PHE O    O N N 253 
PHE CB   C N N 254 
PHE CG   C Y N 255 
PHE CD1  C Y N 256 
PHE CD2  C Y N 257 
PHE CE1  C Y N 258 
PHE CE2  C Y N 259 
PHE CZ   C Y N 260 
PHE OXT  O N N 261 
PHE H    H N N 262 
PHE H2   H N N 263 
PHE HA   H N N 264 
PHE HB2  H N N 265 
PHE HB3  H N N 266 
PHE HD1  H N N 267 
PHE HD2  H N N 268 
PHE HE1  H N N 269 
PHE HE2  H N N 270 
PHE HZ   H N N 271 
PHE HXT  H N N 272 
PRO N    N N N 273 
PRO CA   C N S 274 
PRO C    C N N 275 
PRO O    O N N 276 
PRO CB   C N N 277 
PRO CG   C N N 278 
PRO CD   C N N 279 
PRO OXT  O N N 280 
PRO H    H N N 281 
PRO HA   H N N 282 
PRO HB2  H N N 283 
PRO HB3  H N N 284 
PRO HG2  H N N 285 
PRO HG3  H N N 286 
PRO HD2  H N N 287 
PRO HD3  H N N 288 
PRO HXT  H N N 289 
SER N    N N N 290 
SER CA   C N S 291 
SER C    C N N 292 
SER O    O N N 293 
SER CB   C N N 294 
SER OG   O N N 295 
SER OXT  O N N 296 
SER H    H N N 297 
SER H2   H N N 298 
SER HA   H N N 299 
SER HB2  H N N 300 
SER HB3  H N N 301 
SER HG   H N N 302 
SER HXT  H N N 303 
SO4 S    S N N 304 
SO4 O1   O N N 305 
SO4 O2   O N N 306 
SO4 O3   O N N 307 
SO4 O4   O N N 308 
THR N    N N N 309 
THR CA   C N S 310 
THR C    C N N 311 
THR O    O N N 312 
THR CB   C N R 313 
THR OG1  O N N 314 
THR CG2  C N N 315 
THR OXT  O N N 316 
THR H    H N N 317 
THR H2   H N N 318 
THR HA   H N N 319 
THR HB   H N N 320 
THR HG1  H N N 321 
THR HG21 H N N 322 
THR HG22 H N N 323 
THR HG23 H N N 324 
THR HXT  H N N 325 
TRP N    N N N 326 
TRP CA   C N S 327 
TRP C    C N N 328 
TRP O    O N N 329 
TRP CB   C N N 330 
TRP CG   C Y N 331 
TRP CD1  C Y N 332 
TRP CD2  C Y N 333 
TRP NE1  N Y N 334 
TRP CE2  C Y N 335 
TRP CE3  C Y N 336 
TRP CZ2  C Y N 337 
TRP CZ3  C Y N 338 
TRP CH2  C Y N 339 
TRP OXT  O N N 340 
TRP H    H N N 341 
TRP H2   H N N 342 
TRP HA   H N N 343 
TRP HB2  H N N 344 
TRP HB3  H N N 345 
TRP HD1  H N N 346 
TRP HE1  H N N 347 
TRP HE3  H N N 348 
TRP HZ2  H N N 349 
TRP HZ3  H N N 350 
TRP HH2  H N N 351 
TRP HXT  H N N 352 
TYR N    N N N 353 
TYR CA   C N S 354 
TYR C    C N N 355 
TYR O    O N N 356 
TYR CB   C N N 357 
TYR CG   C Y N 358 
TYR CD1  C Y N 359 
TYR CD2  C Y N 360 
TYR CE1  C Y N 361 
TYR CE2  C Y N 362 
TYR CZ   C Y N 363 
TYR OH   O N N 364 
TYR OXT  O N N 365 
TYR H    H N N 366 
TYR H2   H N N 367 
TYR HA   H N N 368 
TYR HB2  H N N 369 
TYR HB3  H N N 370 
TYR HD1  H N N 371 
TYR HD2  H N N 372 
TYR HE1  H N N 373 
TYR HE2  H N N 374 
TYR HH   H N N 375 
TYR HXT  H N N 376 
VAL N    N N N 377 
VAL CA   C N S 378 
VAL C    C N N 379 
VAL O    O N N 380 
VAL CB   C N N 381 
VAL CG1  C N N 382 
VAL CG2  C N N 383 
VAL OXT  O N N 384 
VAL H    H N N 385 
VAL H2   H N N 386 
VAL HA   H N N 387 
VAL HB   H N N 388 
VAL HG11 H N N 389 
VAL HG12 H N N 390 
VAL HG13 H N N 391 
VAL HG21 H N N 392 
VAL HG22 H N N 393 
VAL HG23 H N N 394 
VAL HXT  H N N 395 
# 
loop_
_chem_comp_bond.comp_id 
_chem_comp_bond.atom_id_1 
_chem_comp_bond.atom_id_2 
_chem_comp_bond.value_order 
_chem_comp_bond.pdbx_aromatic_flag 
_chem_comp_bond.pdbx_stereo_config 
_chem_comp_bond.pdbx_ordinal 
ALA N   CA   sing N N 1   
ALA N   H    sing N N 2   
ALA N   H2   sing N N 3   
ALA CA  C    sing N N 4   
ALA CA  CB   sing N N 5   
ALA CA  HA   sing N N 6   
ALA C   O    doub N N 7   
ALA C   OXT  sing N N 8   
ALA CB  HB1  sing N N 9   
ALA CB  HB2  sing N N 10  
ALA CB  HB3  sing N N 11  
ALA OXT HXT  sing N N 12  
ARG N   CA   sing N N 13  
ARG N   H    sing N N 14  
ARG N   H2   sing N N 15  
ARG CA  C    sing N N 16  
ARG CA  CB   sing N N 17  
ARG CA  HA   sing N N 18  
ARG C   O    doub N N 19  
ARG C   OXT  sing N N 20  
ARG CB  CG   sing N N 21  
ARG CB  HB2  sing N N 22  
ARG CB  HB3  sing N N 23  
ARG CG  CD   sing N N 24  
ARG CG  HG2  sing N N 25  
ARG CG  HG3  sing N N 26  
ARG CD  NE   sing N N 27  
ARG CD  HD2  sing N N 28  
ARG CD  HD3  sing N N 29  
ARG NE  CZ   sing N N 30  
ARG NE  HE   sing N N 31  
ARG CZ  NH1  sing N N 32  
ARG CZ  NH2  doub N N 33  
ARG NH1 HH11 sing N N 34  
ARG NH1 HH12 sing N N 35  
ARG NH2 HH21 sing N N 36  
ARG NH2 HH22 sing N N 37  
ARG OXT HXT  sing N N 38  
ASN N   CA   sing N N 39  
ASN N   H    sing N N 40  
ASN N   H2   sing N N 41  
ASN CA  C    sing N N 42  
ASN CA  CB   sing N N 43  
ASN CA  HA   sing N N 44  
ASN C   O    doub N N 45  
ASN C   OXT  sing N N 46  
ASN CB  CG   sing N N 47  
ASN CB  HB2  sing N N 48  
ASN CB  HB3  sing N N 49  
ASN CG  OD1  doub N N 50  
ASN CG  ND2  sing N N 51  
ASN ND2 HD21 sing N N 52  
ASN ND2 HD22 sing N N 53  
ASN OXT HXT  sing N N 54  
ASP N   CA   sing N N 55  
ASP N   H    sing N N 56  
ASP N   H2   sing N N 57  
ASP CA  C    sing N N 58  
ASP CA  CB   sing N N 59  
ASP CA  HA   sing N N 60  
ASP C   O    doub N N 61  
ASP C   OXT  sing N N 62  
ASP CB  CG   sing N N 63  
ASP CB  HB2  sing N N 64  
ASP CB  HB3  sing N N 65  
ASP CG  OD1  doub N N 66  
ASP CG  OD2  sing N N 67  
ASP OD2 HD2  sing N N 68  
ASP OXT HXT  sing N N 69  
CYS N   CA   sing N N 70  
CYS N   H    sing N N 71  
CYS N   H2   sing N N 72  
CYS CA  C    sing N N 73  
CYS CA  CB   sing N N 74  
CYS CA  HA   sing N N 75  
CYS C   O    doub N N 76  
CYS C   OXT  sing N N 77  
CYS CB  SG   sing N N 78  
CYS CB  HB2  sing N N 79  
CYS CB  HB3  sing N N 80  
CYS SG  HG   sing N N 81  
CYS OXT HXT  sing N N 82  
GLN N   CA   sing N N 83  
GLN N   H    sing N N 84  
GLN N   H2   sing N N 85  
GLN CA  C    sing N N 86  
GLN CA  CB   sing N N 87  
GLN CA  HA   sing N N 88  
GLN C   O    doub N N 89  
GLN C   OXT  sing N N 90  
GLN CB  CG   sing N N 91  
GLN CB  HB2  sing N N 92  
GLN CB  HB3  sing N N 93  
GLN CG  CD   sing N N 94  
GLN CG  HG2  sing N N 95  
GLN CG  HG3  sing N N 96  
GLN CD  OE1  doub N N 97  
GLN CD  NE2  sing N N 98  
GLN NE2 HE21 sing N N 99  
GLN NE2 HE22 sing N N 100 
GLN OXT HXT  sing N N 101 
GLU N   CA   sing N N 102 
GLU N   H    sing N N 103 
GLU N   H2   sing N N 104 
GLU CA  C    sing N N 105 
GLU CA  CB   sing N N 106 
GLU CA  HA   sing N N 107 
GLU C   O    doub N N 108 
GLU C   OXT  sing N N 109 
GLU CB  CG   sing N N 110 
GLU CB  HB2  sing N N 111 
GLU CB  HB3  sing N N 112 
GLU CG  CD   sing N N 113 
GLU CG  HG2  sing N N 114 
GLU CG  HG3  sing N N 115 
GLU CD  OE1  doub N N 116 
GLU CD  OE2  sing N N 117 
GLU OE2 HE2  sing N N 118 
GLU OXT HXT  sing N N 119 
GLY N   CA   sing N N 120 
GLY N   H    sing N N 121 
GLY N   H2   sing N N 122 
GLY CA  C    sing N N 123 
GLY CA  HA2  sing N N 124 
GLY CA  HA3  sing N N 125 
GLY C   O    doub N N 126 
GLY C   OXT  sing N N 127 
GLY OXT HXT  sing N N 128 
HIS N   CA   sing N N 129 
HIS N   H    sing N N 130 
HIS N   H2   sing N N 131 
HIS CA  C    sing N N 132 
HIS CA  CB   sing N N 133 
HIS CA  HA   sing N N 134 
HIS C   O    doub N N 135 
HIS C   OXT  sing N N 136 
HIS CB  CG   sing N N 137 
HIS CB  HB2  sing N N 138 
HIS CB  HB3  sing N N 139 
HIS CG  ND1  sing Y N 140 
HIS CG  CD2  doub Y N 141 
HIS ND1 CE1  doub Y N 142 
HIS ND1 HD1  sing N N 143 
HIS CD2 NE2  sing Y N 144 
HIS CD2 HD2  sing N N 145 
HIS CE1 NE2  sing Y N 146 
HIS CE1 HE1  sing N N 147 
HIS NE2 HE2  sing N N 148 
HIS OXT HXT  sing N N 149 
HOH O   H1   sing N N 150 
HOH O   H2   sing N N 151 
ILE N   CA   sing N N 152 
ILE N   H    sing N N 153 
ILE N   H2   sing N N 154 
ILE CA  C    sing N N 155 
ILE CA  CB   sing N N 156 
ILE CA  HA   sing N N 157 
ILE C   O    doub N N 158 
ILE C   OXT  sing N N 159 
ILE CB  CG1  sing N N 160 
ILE CB  CG2  sing N N 161 
ILE CB  HB   sing N N 162 
ILE CG1 CD1  sing N N 163 
ILE CG1 HG12 sing N N 164 
ILE CG1 HG13 sing N N 165 
ILE CG2 HG21 sing N N 166 
ILE CG2 HG22 sing N N 167 
ILE CG2 HG23 sing N N 168 
ILE CD1 HD11 sing N N 169 
ILE CD1 HD12 sing N N 170 
ILE CD1 HD13 sing N N 171 
ILE OXT HXT  sing N N 172 
LEU N   CA   sing N N 173 
LEU N   H    sing N N 174 
LEU N   H2   sing N N 175 
LEU CA  C    sing N N 176 
LEU CA  CB   sing N N 177 
LEU CA  HA   sing N N 178 
LEU C   O    doub N N 179 
LEU C   OXT  sing N N 180 
LEU CB  CG   sing N N 181 
LEU CB  HB2  sing N N 182 
LEU CB  HB3  sing N N 183 
LEU CG  CD1  sing N N 184 
LEU CG  CD2  sing N N 185 
LEU CG  HG   sing N N 186 
LEU CD1 HD11 sing N N 187 
LEU CD1 HD12 sing N N 188 
LEU CD1 HD13 sing N N 189 
LEU CD2 HD21 sing N N 190 
LEU CD2 HD22 sing N N 191 
LEU CD2 HD23 sing N N 192 
LEU OXT HXT  sing N N 193 
LYS N   CA   sing N N 194 
LYS N   H    sing N N 195 
LYS N   H2   sing N N 196 
LYS CA  C    sing N N 197 
LYS CA  CB   sing N N 198 
LYS CA  HA   sing N N 199 
LYS C   O    doub N N 200 
LYS C   OXT  sing N N 201 
LYS CB  CG   sing N N 202 
LYS CB  HB2  sing N N 203 
LYS CB  HB3  sing N N 204 
LYS CG  CD   sing N N 205 
LYS CG  HG2  sing N N 206 
LYS CG  HG3  sing N N 207 
LYS CD  CE   sing N N 208 
LYS CD  HD2  sing N N 209 
LYS CD  HD3  sing N N 210 
LYS CE  NZ   sing N N 211 
LYS CE  HE2  sing N N 212 
LYS CE  HE3  sing N N 213 
LYS NZ  HZ1  sing N N 214 
LYS NZ  HZ2  sing N N 215 
LYS NZ  HZ3  sing N N 216 
LYS OXT HXT  sing N N 217 
MET N   CA   sing N N 218 
MET N   H    sing N N 219 
MET N   H2   sing N N 220 
MET CA  C    sing N N 221 
MET CA  CB   sing N N 222 
MET CA  HA   sing N N 223 
MET C   O    doub N N 224 
MET C   OXT  sing N N 225 
MET CB  CG   sing N N 226 
MET CB  HB2  sing N N 227 
MET CB  HB3  sing N N 228 
MET CG  SD   sing N N 229 
MET CG  HG2  sing N N 230 
MET CG  HG3  sing N N 231 
MET SD  CE   sing N N 232 
MET CE  HE1  sing N N 233 
MET CE  HE2  sing N N 234 
MET CE  HE3  sing N N 235 
MET OXT HXT  sing N N 236 
PHE N   CA   sing N N 237 
PHE N   H    sing N N 238 
PHE N   H2   sing N N 239 
PHE CA  C    sing N N 240 
PHE CA  CB   sing N N 241 
PHE CA  HA   sing N N 242 
PHE C   O    doub N N 243 
PHE C   OXT  sing N N 244 
PHE CB  CG   sing N N 245 
PHE CB  HB2  sing N N 246 
PHE CB  HB3  sing N N 247 
PHE CG  CD1  doub Y N 248 
PHE CG  CD2  sing Y N 249 
PHE CD1 CE1  sing Y N 250 
PHE CD1 HD1  sing N N 251 
PHE CD2 CE2  doub Y N 252 
PHE CD2 HD2  sing N N 253 
PHE CE1 CZ   doub Y N 254 
PHE CE1 HE1  sing N N 255 
PHE CE2 CZ   sing Y N 256 
PHE CE2 HE2  sing N N 257 
PHE CZ  HZ   sing N N 258 
PHE OXT HXT  sing N N 259 
PRO N   CA   sing N N 260 
PRO N   CD   sing N N 261 
PRO N   H    sing N N 262 
PRO CA  C    sing N N 263 
PRO CA  CB   sing N N 264 
PRO CA  HA   sing N N 265 
PRO C   O    doub N N 266 
PRO C   OXT  sing N N 267 
PRO CB  CG   sing N N 268 
PRO CB  HB2  sing N N 269 
PRO CB  HB3  sing N N 270 
PRO CG  CD   sing N N 271 
PRO CG  HG2  sing N N 272 
PRO CG  HG3  sing N N 273 
PRO CD  HD2  sing N N 274 
PRO CD  HD3  sing N N 275 
PRO OXT HXT  sing N N 276 
SER N   CA   sing N N 277 
SER N   H    sing N N 278 
SER N   H2   sing N N 279 
SER CA  C    sing N N 280 
SER CA  CB   sing N N 281 
SER CA  HA   sing N N 282 
SER C   O    doub N N 283 
SER C   OXT  sing N N 284 
SER CB  OG   sing N N 285 
SER CB  HB2  sing N N 286 
SER CB  HB3  sing N N 287 
SER OG  HG   sing N N 288 
SER OXT HXT  sing N N 289 
SO4 S   O1   doub N N 290 
SO4 S   O2   doub N N 291 
SO4 S   O3   sing N N 292 
SO4 S   O4   sing N N 293 
THR N   CA   sing N N 294 
THR N   H    sing N N 295 
THR N   H2   sing N N 296 
THR CA  C    sing N N 297 
THR CA  CB   sing N N 298 
THR CA  HA   sing N N 299 
THR C   O    doub N N 300 
THR C   OXT  sing N N 301 
THR CB  OG1  sing N N 302 
THR CB  CG2  sing N N 303 
THR CB  HB   sing N N 304 
THR OG1 HG1  sing N N 305 
THR CG2 HG21 sing N N 306 
THR CG2 HG22 sing N N 307 
THR CG2 HG23 sing N N 308 
THR OXT HXT  sing N N 309 
TRP N   CA   sing N N 310 
TRP N   H    sing N N 311 
TRP N   H2   sing N N 312 
TRP CA  C    sing N N 313 
TRP CA  CB   sing N N 314 
TRP CA  HA   sing N N 315 
TRP C   O    doub N N 316 
TRP C   OXT  sing N N 317 
TRP CB  CG   sing N N 318 
TRP CB  HB2  sing N N 319 
TRP CB  HB3  sing N N 320 
TRP CG  CD1  doub Y N 321 
TRP CG  CD2  sing Y N 322 
TRP CD1 NE1  sing Y N 323 
TRP CD1 HD1  sing N N 324 
TRP CD2 CE2  doub Y N 325 
TRP CD2 CE3  sing Y N 326 
TRP NE1 CE2  sing Y N 327 
TRP NE1 HE1  sing N N 328 
TRP CE2 CZ2  sing Y N 329 
TRP CE3 CZ3  doub Y N 330 
TRP CE3 HE3  sing N N 331 
TRP CZ2 CH2  doub Y N 332 
TRP CZ2 HZ2  sing N N 333 
TRP CZ3 CH2  sing Y N 334 
TRP CZ3 HZ3  sing N N 335 
TRP CH2 HH2  sing N N 336 
TRP OXT HXT  sing N N 337 
TYR N   CA   sing N N 338 
TYR N   H    sing N N 339 
TYR N   H2   sing N N 340 
TYR CA  C    sing N N 341 
TYR CA  CB   sing N N 342 
TYR CA  HA   sing N N 343 
TYR C   O    doub N N 344 
TYR C   OXT  sing N N 345 
TYR CB  CG   sing N N 346 
TYR CB  HB2  sing N N 347 
TYR CB  HB3  sing N N 348 
TYR CG  CD1  doub Y N 349 
TYR CG  CD2  sing Y N 350 
TYR CD1 CE1  sing Y N 351 
TYR CD1 HD1  sing N N 352 
TYR CD2 CE2  doub Y N 353 
TYR CD2 HD2  sing N N 354 
TYR CE1 CZ   doub Y N 355 
TYR CE1 HE1  sing N N 356 
TYR CE2 CZ   sing Y N 357 
TYR CE2 HE2  sing N N 358 
TYR CZ  OH   sing N N 359 
TYR OH  HH   sing N N 360 
TYR OXT HXT  sing N N 361 
VAL N   CA   sing N N 362 
VAL N   H    sing N N 363 
VAL N   H2   sing N N 364 
VAL CA  C    sing N N 365 
VAL CA  CB   sing N N 366 
VAL CA  HA   sing N N 367 
VAL C   O    doub N N 368 
VAL C   OXT  sing N N 369 
VAL CB  CG1  sing N N 370 
VAL CB  CG2  sing N N 371 
VAL CB  HB   sing N N 372 
VAL CG1 HG11 sing N N 373 
VAL CG1 HG12 sing N N 374 
VAL CG1 HG13 sing N N 375 
VAL CG2 HG21 sing N N 376 
VAL CG2 HG22 sing N N 377 
VAL CG2 HG23 sing N N 378 
VAL OXT HXT  sing N N 379 
# 
_atom_sites.entry_id                    4E22 
_atom_sites.fract_transf_matrix[1][1]   -0.01281863 
_atom_sites.fract_transf_matrix[1][2]   -0.00076003 
_atom_sites.fract_transf_matrix[1][3]   -0.00219562 
_atom_sites.fract_transf_matrix[2][1]   -0.00822354 
_atom_sites.fract_transf_matrix[2][2]   0.00751045 
_atom_sites.fract_transf_matrix[2][3]   0.00675984 
_atom_sites.fract_transf_matrix[3][1]   0.00091641 
_atom_sites.fract_transf_matrix[3][2]   0.00845244 
_atom_sites.fract_transf_matrix[3][3]   -0.00827615 
_atom_sites.fract_transf_vector[1]      0.082128 
_atom_sites.fract_transf_vector[2]      -0.180514 
_atom_sites.fract_transf_vector[3]      -0.085658 
# 
loop_
_atom_type.symbol 
C 
N 
O 
S 
# 
loop_
_atom_site.group_PDB 
_atom_site.id 
_atom_site.type_symbol 
_atom_site.label_atom_id 
_atom_site.label_alt_id 
_atom_site.label_comp_id 
_atom_site.label_asym_id 
_atom_site.label_entity_id 
_atom_site.label_seq_id 
_atom_site.pdbx_PDB_ins_code 
_atom_site.Cartn_x 
_atom_site.Cartn_y 
_atom_site.Cartn_z 
_atom_site.occupancy 
_atom_site.B_iso_or_equiv 
_atom_site.pdbx_formal_charge 
_atom_site.auth_seq_id 
_atom_site.auth_comp_id 
_atom_site.auth_asym_id 
_atom_site.auth_atom_id 
_atom_site.pdbx_PDB_model_num 
ATOM   1    N N   . MET A 1 23  ? 5.016   -14.801 14.581  1.00 81.59  ? 1   MET A N   1 
ATOM   2    C CA  . MET A 1 23  ? 6.411   -15.131 14.845  1.00 77.92  ? 1   MET A CA  1 
ATOM   3    C C   . MET A 1 23  ? 7.258   -14.905 13.603  1.00 75.45  ? 1   MET A C   1 
ATOM   4    O O   . MET A 1 23  ? 6.791   -15.097 12.473  1.00 68.49  ? 1   MET A O   1 
ATOM   5    C CB  . MET A 1 23  ? 6.558   -16.580 15.301  1.00 78.53  ? 1   MET A CB  1 
ATOM   6    C CG  . MET A 1 23  ? 7.775   -16.797 16.194  1.00 87.55  ? 1   MET A CG  1 
ATOM   7    S SD  . MET A 1 23  ? 8.583   -18.396 15.951  1.00 101.91 ? 1   MET A SD  1 
ATOM   8    C CE  . MET A 1 23  ? 10.234  -18.029 16.562  1.00 93.26  ? 1   MET A CE  1 
ATOM   9    N N   . THR A 1 24  ? 8.511   -14.523 13.839  1.00 77.92  ? 2   THR A N   1 
ATOM   10   C CA  . THR A 1 24  ? 9.464   -14.198 12.790  1.00 74.68  ? 2   THR A CA  1 
ATOM   11   C C   . THR A 1 24  ? 9.648   -15.278 11.702  1.00 73.50  ? 2   THR A C   1 
ATOM   12   O O   . THR A 1 24  ? 9.492   -14.975 10.512  1.00 68.93  ? 2   THR A O   1 
ATOM   13   C CB  . THR A 1 24  ? 10.806  -13.737 13.390  1.00 74.90  ? 2   THR A CB  1 
ATOM   14   O OG1 . THR A 1 24  ? 10.569  -12.617 14.261  1.00 72.59  ? 2   THR A OG1 1 
ATOM   15   C CG2 . THR A 1 24  ? 11.782  -13.340 12.285  1.00 66.58  ? 2   THR A CG2 1 
ATOM   16   N N   . ALA A 1 25  ? 10.021  -16.507 12.063  1.00 73.83  ? 3   ALA A N   1 
ATOM   17   C CA  . ALA A 1 25  ? 9.920   -17.612 11.092  1.00 72.17  ? 3   ALA A CA  1 
ATOM   18   C C   . ALA A 1 25  ? 8.523   -18.186 11.344  1.00 73.03  ? 3   ALA A C   1 
ATOM   19   O O   . ALA A 1 25  ? 7.959   -17.890 12.406  1.00 79.19  ? 3   ALA A O   1 
ATOM   20   C CB  . ALA A 1 25  ? 10.998  -18.643 11.326  1.00 76.54  ? 3   ALA A CB  1 
ATOM   21   N N   . ILE A 1 26  ? 8.004   -19.012 10.428  1.00 68.24  ? 4   ILE A N   1 
ATOM   22   C CA  . ILE A 1 26  ? 6.555   -19.193 10.179  1.00 66.39  ? 4   ILE A CA  1 
ATOM   23   C C   . ILE A 1 26  ? 6.197   -18.226 9.057   1.00 64.97  ? 4   ILE A C   1 
ATOM   24   O O   . ILE A 1 26  ? 6.066   -18.623 7.893   1.00 65.05  ? 4   ILE A O   1 
ATOM   25   C CB  . ILE A 1 26  ? 5.569   -18.914 11.393  1.00 66.94  ? 4   ILE A CB  1 
ATOM   26   C CG1 . ILE A 1 26  ? 5.723   -19.917 12.542  1.00 72.83  ? 4   ILE A CG1 1 
ATOM   27   C CG2 . ILE A 1 26  ? 4.081   -18.921 10.961  1.00 70.25  ? 4   ILE A CG2 1 
ATOM   28   C CD1 . ILE A 1 26  ? 4.735   -19.610 13.694  1.00 73.35  ? 4   ILE A CD1 1 
ATOM   29   N N   . ALA A 1 27  ? 6.045   -16.952 9.425   1.00 65.67  ? 5   ALA A N   1 
ATOM   30   C CA  . ALA A 1 27  ? 5.561   -15.921 8.511   1.00 64.66  ? 5   ALA A CA  1 
ATOM   31   C C   . ALA A 1 27  ? 6.149   -14.549 8.845   1.00 60.96  ? 5   ALA A C   1 
ATOM   32   O O   . ALA A 1 27  ? 5.506   -13.737 9.508   1.00 63.28  ? 5   ALA A O   1 
ATOM   33   C CB  . ALA A 1 27  ? 4.036   -15.863 8.530   1.00 61.87  ? 5   ALA A CB  1 
ATOM   34   N N   . PRO A 1 28  ? 7.377   -14.290 8.380   1.00 54.00  ? 6   PRO A N   1 
ATOM   35   C CA  . PRO A 1 28  ? 7.980   -12.971 8.554   1.00 57.63  ? 6   PRO A CA  1 
ATOM   36   C C   . PRO A 1 28  ? 7.236   -11.913 7.757   1.00 55.57  ? 6   PRO A C   1 
ATOM   37   O O   . PRO A 1 28  ? 6.644   -12.214 6.706   1.00 55.42  ? 6   PRO A O   1 
ATOM   38   C CB  . PRO A 1 28  ? 9.403   -13.154 8.008   1.00 57.29  ? 6   PRO A CB  1 
ATOM   39   C CG  . PRO A 1 28  ? 9.340   -14.333 7.130   1.00 59.30  ? 6   PRO A CG  1 
ATOM   40   C CD  . PRO A 1 28  ? 8.267   -15.225 7.670   1.00 56.73  ? 6   PRO A CD  1 
ATOM   41   N N   . VAL A 1 29  ? 7.254   -10.687 8.269   1.00 55.33  ? 7   VAL A N   1 
ATOM   42   C CA  . VAL A 1 29  ? 6.653   -9.555  7.576   1.00 53.88  ? 7   VAL A CA  1 
ATOM   43   C C   . VAL A 1 29  ? 7.732   -8.526  7.354   1.00 51.56  ? 7   VAL A C   1 
ATOM   44   O O   . VAL A 1 29  ? 8.486   -8.223  8.269   1.00 53.50  ? 7   VAL A O   1 
ATOM   45   C CB  . VAL A 1 29  ? 5.544   -8.913  8.429   1.00 48.94  ? 7   VAL A CB  1 
ATOM   46   C CG1 . VAL A 1 29  ? 4.903   -7.738  7.696   1.00 47.04  ? 7   VAL A CG1 1 
ATOM   47   C CG2 . VAL A 1 29  ? 4.498   -9.924  8.738   1.00 51.82  ? 7   VAL A CG2 1 
ATOM   48   N N   . ILE A 1 30  ? 7.823   -8.006  6.137   1.00 51.69  ? 8   ILE A N   1 
ATOM   49   C CA  . ILE A 1 30  ? 8.625   -6.819  5.875   1.00 46.35  ? 8   ILE A CA  1 
ATOM   50   C C   . ILE A 1 30  ? 7.640   -5.676  5.625   1.00 47.29  ? 8   ILE A C   1 
ATOM   51   O O   . ILE A 1 30  ? 6.827   -5.747  4.695   1.00 48.37  ? 8   ILE A O   1 
ATOM   52   C CB  . ILE A 1 30  ? 9.551   -7.016  4.659   1.00 49.96  ? 8   ILE A CB  1 
ATOM   53   C CG1 . ILE A 1 30  ? 10.678  -8.006  4.989   1.00 51.79  ? 8   ILE A CG1 1 
ATOM   54   C CG2 . ILE A 1 30  ? 10.170  -5.692  4.189   1.00 46.49  ? 8   ILE A CG2 1 
ATOM   55   C CD1 . ILE A 1 30  ? 11.490  -8.420  3.779   1.00 53.04  ? 8   ILE A CD1 1 
ATOM   56   N N   . THR A 1 31  ? 7.684   -4.629  6.448   1.00 42.34  ? 9   THR A N   1 
ATOM   57   C CA  . THR A 1 31  ? 6.792   -3.496  6.231   1.00 41.97  ? 9   THR A CA  1 
ATOM   58   C C   . THR A 1 31  ? 7.552   -2.400  5.522   1.00 44.63  ? 9   THR A C   1 
ATOM   59   O O   . THR A 1 31  ? 8.762   -2.261  5.681   1.00 45.50  ? 9   THR A O   1 
ATOM   60   C CB  . THR A 1 31  ? 6.223   -2.927  7.541   1.00 45.67  ? 9   THR A CB  1 
ATOM   61   O OG1 . THR A 1 31  ? 7.293   -2.712  8.451   1.00 47.91  ? 9   THR A OG1 1 
ATOM   62   C CG2 . THR A 1 31  ? 5.234   -3.904  8.181   1.00 47.06  ? 9   THR A CG2 1 
ATOM   63   N N   . VAL A 1 32  ? 6.832   -1.618  4.737   1.00 47.14  ? 10  VAL A N   1 
ATOM   64   C CA  . VAL A 1 32  ? 7.421   -0.528  4.004   1.00 47.04  ? 10  VAL A CA  1 
ATOM   65   C C   . VAL A 1 32  ? 6.463   0.649   4.142   1.00 50.34  ? 10  VAL A C   1 
ATOM   66   O O   . VAL A 1 32  ? 5.353   0.644   3.591   1.00 51.98  ? 10  VAL A O   1 
ATOM   67   C CB  . VAL A 1 32  ? 7.649   -0.895  2.520   1.00 44.85  ? 10  VAL A CB  1 
ATOM   68   C CG1 . VAL A 1 32  ? 8.230   0.300   1.775   1.00 47.62  ? 10  VAL A CG1 1 
ATOM   69   C CG2 . VAL A 1 32  ? 8.634   -2.022  2.404   1.00 44.73  ? 10  VAL A CG2 1 
ATOM   70   N N   . ASP A 1 33  ? 6.907   1.656   4.888   1.00 47.90  ? 11  ASP A N   1 
ATOM   71   C CA  . ASP A 1 33  ? 6.096   2.830   5.175   1.00 54.52  ? 11  ASP A CA  1 
ATOM   72   C C   . ASP A 1 33  ? 6.682   4.043   4.446   1.00 53.50  ? 11  ASP A C   1 
ATOM   73   O O   . ASP A 1 33  ? 7.840   4.021   4.054   1.00 48.60  ? 11  ASP A O   1 
ATOM   74   C CB  . ASP A 1 33  ? 6.086   3.052   6.689   1.00 49.04  ? 11  ASP A CB  1 
ATOM   75   C CG  . ASP A 1 33  ? 5.770   1.758   7.461   1.00 61.97  ? 11  ASP A CG  1 
ATOM   76   O OD1 . ASP A 1 33  ? 4.562   1.406   7.509   1.00 60.09  ? 11  ASP A OD1 1 
ATOM   77   O OD2 . ASP A 1 33  ? 6.712   1.089   8.009   1.00 59.42  ? 11  ASP A OD2 1 
ATOM   78   N N   . GLY A 1 34  ? 5.877   5.078   4.239   1.00 52.10  ? 12  GLY A N   1 
ATOM   79   C CA  . GLY A 1 34  ? 6.344   6.285   3.585   1.00 55.21  ? 12  GLY A CA  1 
ATOM   80   C C   . GLY A 1 34  ? 5.214   7.066   2.940   1.00 51.66  ? 12  GLY A C   1 
ATOM   81   O O   . GLY A 1 34  ? 4.083   6.601   2.892   1.00 53.03  ? 12  GLY A O   1 
ATOM   82   N N   . PRO A 1 35  ? 5.522   8.265   2.435   1.00 50.53  ? 13  PRO A N   1 
ATOM   83   C CA  . PRO A 1 35  ? 4.587   9.057   1.627   1.00 54.71  ? 13  PRO A CA  1 
ATOM   84   C C   . PRO A 1 35  ? 4.332   8.430   0.254   1.00 52.15  ? 13  PRO A C   1 
ATOM   85   O O   . PRO A 1 35  ? 5.103   7.596   -0.194  1.00 54.98  ? 13  PRO A O   1 
ATOM   86   C CB  . PRO A 1 35  ? 5.319   10.388  1.460   1.00 54.16  ? 13  PRO A CB  1 
ATOM   87   C CG  . PRO A 1 35  ? 6.773   10.056  1.665   1.00 59.15  ? 13  PRO A CG  1 
ATOM   88   C CD  . PRO A 1 35  ? 6.799   8.961   2.672   1.00 53.89  ? 13  PRO A CD  1 
ATOM   89   N N   . SER A 1 36  ? 3.245   8.822   -0.400  1.00 57.15  ? 14  SER A N   1 
ATOM   90   C CA  . SER A 1 36  ? 2.995   8.422   -1.786  1.00 60.49  ? 14  SER A CA  1 
ATOM   91   C C   . SER A 1 36  ? 4.006   9.107   -2.694  1.00 57.03  ? 14  SER A C   1 
ATOM   92   O O   . SER A 1 36  ? 4.390   10.255  -2.457  1.00 57.34  ? 14  SER A O   1 
ATOM   93   C CB  . SER A 1 36  ? 1.594   8.853   -2.213  1.00 62.13  ? 14  SER A CB  1 
ATOM   94   O OG  . SER A 1 36  ? 1.430   10.237  -1.962  1.00 64.37  ? 14  SER A OG  1 
ATOM   95   N N   . GLY A 1 37  ? 4.445   8.401   -3.725  1.00 58.85  ? 15  GLY A N   1 
ATOM   96   C CA  . GLY A 1 37  ? 5.314   8.997   -4.717  1.00 60.91  ? 15  GLY A CA  1 
ATOM   97   C C   . GLY A 1 37  ? 6.791   8.863   -4.411  1.00 60.21  ? 15  GLY A C   1 
ATOM   98   O O   . GLY A 1 37  ? 7.620   9.557   -5.000  1.00 59.87  ? 15  GLY A O   1 
ATOM   99   N N   . ALA A 1 38  ? 7.131   7.969   -3.492  1.00 61.46  ? 16  ALA A N   1 
ATOM   100  C CA  . ALA A 1 38  ? 8.526   7.784   -3.104  1.00 56.85  ? 16  ALA A CA  1 
ATOM   101  C C   . ALA A 1 38  ? 9.127   6.494   -3.650  1.00 57.19  ? 16  ALA A C   1 
ATOM   102  O O   . ALA A 1 38  ? 10.327  6.250   -3.498  1.00 60.32  ? 16  ALA A O   1 
ATOM   103  C CB  . ALA A 1 38  ? 8.648   7.825   -1.610  1.00 58.66  ? 16  ALA A CB  1 
ATOM   104  N N   . GLY A 1 39  ? 8.295   5.666   -4.277  1.00 57.40  ? 17  GLY A N   1 
ATOM   105  C CA  . GLY A 1 39  ? 8.771   4.418   -4.851  1.00 61.05  ? 17  GLY A CA  1 
ATOM   106  C C   . GLY A 1 39  ? 8.373   3.204   -4.028  1.00 57.57  ? 17  GLY A C   1 
ATOM   107  O O   . GLY A 1 39  ? 8.818   2.088   -4.292  1.00 60.68  ? 17  GLY A O   1 
ATOM   108  N N   . LYS A 1 40  ? 7.524   3.432   -3.036  1.00 56.24  ? 18  LYS A N   1 
ATOM   109  C CA  . LYS A 1 40  ? 7.038   2.388   -2.149  1.00 56.12  ? 18  LYS A CA  1 
ATOM   110  C C   . LYS A 1 40  ? 6.412   1.248   -2.928  1.00 56.62  ? 18  LYS A C   1 
ATOM   111  O O   . LYS A 1 40  ? 6.785   0.074   -2.739  1.00 52.75  ? 18  LYS A O   1 
ATOM   112  C CB  . LYS A 1 40  ? 6.009   2.980   -1.186  1.00 54.66  ? 18  LYS A CB  1 
ATOM   113  C CG  . LYS A 1 40  ? 6.013   2.371   0.146   1.00 53.74  ? 18  LYS A CG  1 
ATOM   114  C CD  . LYS A 1 40  ? 5.468   3.311   1.195   1.00 56.49  ? 18  LYS A CD  1 
ATOM   115  C CE  . LYS A 1 40  ? 4.126   3.865   0.768   1.00 58.18  ? 18  LYS A CE  1 
ATOM   116  N NZ  . LYS A 1 40  ? 3.126   2.779   0.743   1.00 57.65  ? 18  LYS A NZ  1 
ATOM   117  N N   . GLY A 1 41  ? 5.440   1.590   -3.773  1.00 52.16  ? 19  GLY A N   1 
ATOM   118  C CA  . GLY A 1 41  ? 4.793   0.609   -4.632  1.00 52.53  ? 19  GLY A CA  1 
ATOM   119  C C   . GLY A 1 41  ? 5.832   -0.269  -5.309  1.00 57.99  ? 19  GLY A C   1 
ATOM   120  O O   . GLY A 1 41  ? 5.791   -1.518  -5.236  1.00 59.97  ? 19  GLY A O   1 
ATOM   121  N N   . THR A 1 42  ? 6.813   0.388   -5.915  1.00 52.85  ? 20  THR A N   1 
ATOM   122  C CA  . THR A 1 42  ? 7.795   -0.294  -6.739  1.00 54.61  ? 20  THR A CA  1 
ATOM   123  C C   . THR A 1 42  ? 8.759   -1.115  -5.891  1.00 55.03  ? 20  THR A C   1 
ATOM   124  O O   . THR A 1 42  ? 9.152   -2.217  -6.275  1.00 56.16  ? 20  THR A O   1 
ATOM   125  C CB  . THR A 1 42  ? 8.554   0.720   -7.626  1.00 57.26  ? 20  THR A CB  1 
ATOM   126  O OG1 . THR A 1 42  ? 7.632   1.281   -8.576  1.00 58.10  ? 20  THR A OG1 1 
ATOM   127  C CG2 . THR A 1 42  ? 9.727   0.045   -8.344  1.00 53.95  ? 20  THR A CG2 1 
ATOM   128  N N   . LEU A 1 43  ? 9.158   -0.572  -4.745  1.00 49.77  ? 21  LEU A N   1 
ATOM   129  C CA  . LEU A 1 43  ? 10.025  -1.305  -3.854  1.00 50.44  ? 21  LEU A CA  1 
ATOM   130  C C   . LEU A 1 43  ? 9.311   -2.577  -3.391  1.00 53.96  ? 21  LEU A C   1 
ATOM   131  O O   . LEU A 1 43  ? 9.914   -3.638  -3.298  1.00 52.70  ? 21  LEU A O   1 
ATOM   132  C CB  . LEU A 1 43  ? 10.400  -0.440  -2.657  1.00 53.43  ? 21  LEU A CB  1 
ATOM   133  C CG  . LEU A 1 43  ? 11.105  -1.179  -1.525  1.00 53.87  ? 21  LEU A CG  1 
ATOM   134  C CD1 . LEU A 1 43  ? 12.400  -1.789  -2.013  1.00 54.21  ? 21  LEU A CD1 1 
ATOM   135  C CD2 . LEU A 1 43  ? 11.349  -0.268  -0.319  1.00 50.05  ? 21  LEU A CD2 1 
ATOM   136  N N   . CYS A 1 44  ? 8.013   -2.479  -3.130  1.00 54.08  ? 22  CYS A N   1 
ATOM   137  C CA  . CYS A 1 44  ? 7.281   -3.614  -2.588  1.00 54.42  ? 22  CYS A CA  1 
ATOM   138  C C   . CYS A 1 44  ? 7.012   -4.720  -3.601  1.00 55.50  ? 22  CYS A C   1 
ATOM   139  O O   . CYS A 1 44  ? 7.142   -5.897  -3.271  1.00 54.95  ? 22  CYS A O   1 
ATOM   140  C CB  . CYS A 1 44  ? 5.989   -3.161  -1.919  1.00 50.22  ? 22  CYS A CB  1 
ATOM   141  S SG  . CYS A 1 44  ? 6.378   -2.311  -0.376  1.00 57.44  ? 22  CYS A SG  1 
ATOM   142  N N   . LYS A 1 45  ? 6.636   -4.346  -4.821  1.00 57.89  ? 23  LYS A N   1 
ATOM   143  C CA  . LYS A 1 45  ? 6.454   -5.328  -5.878  1.00 55.69  ? 23  LYS A CA  1 
ATOM   144  C C   . LYS A 1 45  ? 7.764   -6.055  -6.113  1.00 56.41  ? 23  LYS A C   1 
ATOM   145  O O   . LYS A 1 45  ? 7.769   -7.270  -6.317  1.00 62.05  ? 23  LYS A O   1 
ATOM   146  C CB  . LYS A 1 45  ? 5.924   -4.675  -7.166  1.00 57.69  ? 23  LYS A CB  1 
ATOM   147  C CG  . LYS A 1 45  ? 4.560   -4.035  -6.988  1.00 58.67  ? 23  LYS A CG  1 
ATOM   148  C CD  . LYS A 1 45  ? 3.981   -3.504  -8.297  1.00 66.51  ? 23  LYS A CD  1 
ATOM   149  C CE  . LYS A 1 45  ? 4.678   -2.207  -8.730  1.00 63.17  ? 23  LYS A CE  1 
ATOM   150  N NZ  . LYS A 1 45  ? 3.820   -1.379  -9.641  1.00 65.90  ? 23  LYS A NZ  1 
ATOM   151  N N   . ALA A 1 46  ? 8.877   -5.330  -6.029  1.00 51.42  ? 24  ALA A N   1 
ATOM   152  C CA  . ALA A 1 46  ? 10.177  -5.926  -6.337  1.00 53.82  ? 24  ALA A CA  1 
ATOM   153  C C   . ALA A 1 46  ? 10.650  -6.852  -5.231  1.00 54.45  ? 24  ALA A C   1 
ATOM   154  O O   . ALA A 1 46  ? 11.183  -7.912  -5.518  1.00 60.46  ? 24  ALA A O   1 
ATOM   155  C CB  . ALA A 1 46  ? 11.213  -4.857  -6.603  1.00 55.55  ? 24  ALA A CB  1 
ATOM   156  N N   . LEU A 1 47  ? 10.485  -6.451  -3.970  1.00 55.99  ? 25  LEU A N   1 
ATOM   157  C CA  . LEU A 1 47  ? 10.823  -7.325  -2.840  1.00 56.81  ? 25  LEU A CA  1 
ATOM   158  C C   . LEU A 1 47  ? 9.992   -8.596  -2.882  1.00 54.44  ? 25  LEU A C   1 
ATOM   159  O O   . LEU A 1 47  ? 10.475  -9.669  -2.540  1.00 56.35  ? 25  LEU A O   1 
ATOM   160  C CB  . LEU A 1 47  ? 10.558  -6.626  -1.501  1.00 53.47  ? 25  LEU A CB  1 
ATOM   161  C CG  . LEU A 1 47  ? 11.448  -5.431  -1.180  1.00 52.90  ? 25  LEU A CG  1 
ATOM   162  C CD1 . LEU A 1 47  ? 10.907  -4.632  0.044   1.00 45.13  ? 25  LEU A CD1 1 
ATOM   163  C CD2 . LEU A 1 47  ? 12.880  -5.899  -0.966  1.00 46.03  ? 25  LEU A CD2 1 
ATOM   164  N N   . ALA A 1 48  ? 8.736   -8.453  -3.293  1.00 54.00  ? 26  ALA A N   1 
ATOM   165  C CA  . ALA A 1 48  ? 7.764   -9.547  -3.254  1.00 57.10  ? 26  ALA A CA  1 
ATOM   166  C C   . ALA A 1 48  ? 8.093   -10.576 -4.301  1.00 60.85  ? 26  ALA A C   1 
ATOM   167  O O   . ALA A 1 48  ? 7.860   -11.759 -4.086  1.00 58.65  ? 26  ALA A O   1 
ATOM   168  C CB  . ALA A 1 48  ? 6.349   -9.026  -3.482  1.00 49.01  ? 26  ALA A CB  1 
ATOM   169  N N   . GLU A 1 49  ? 8.618   -10.124 -5.440  1.00 59.53  ? 27  GLU A N   1 
ATOM   170  C CA  . GLU A 1 49  ? 8.986   -11.033 -6.521  1.00 57.91  ? 27  GLU A CA  1 
ATOM   171  C C   . GLU A 1 49  ? 10.410  -11.533 -6.422  1.00 60.29  ? 27  GLU A C   1 
ATOM   172  O O   . GLU A 1 49  ? 10.772  -12.505 -7.078  1.00 70.06  ? 27  GLU A O   1 
ATOM   173  C CB  . GLU A 1 49  ? 8.800   -10.377 -7.873  1.00 64.28  ? 27  GLU A CB  1 
ATOM   174  C CG  . GLU A 1 49  ? 7.376   -10.121 -8.244  1.00 64.57  ? 27  GLU A CG  1 
ATOM   175  C CD  . GLU A 1 49  ? 7.296   -9.277  -9.474  1.00 75.25  ? 27  GLU A CD  1 
ATOM   176  O OE1 . GLU A 1 49  ? 6.717   -8.168  -9.401  1.00 75.43  ? 27  GLU A OE1 1 
ATOM   177  O OE2 . GLU A 1 49  ? 7.835   -9.713  -10.518 1.00 79.67  ? 27  GLU A OE2 1 
ATOM   178  N N   . SER A 1 50  ? 11.233  -10.868 -5.627  1.00 60.33  ? 28  SER A N   1 
ATOM   179  C CA  . SER A 1 50  ? 12.592  -11.348 -5.404  1.00 57.65  ? 28  SER A CA  1 
ATOM   180  C C   . SER A 1 50  ? 12.586  -12.439 -4.337  1.00 61.77  ? 28  SER A C   1 
ATOM   181  O O   . SER A 1 50  ? 13.354  -13.403 -4.420  1.00 63.74  ? 28  SER A O   1 
ATOM   182  C CB  . SER A 1 50  ? 13.507  -10.208 -4.985  1.00 51.70  ? 28  SER A CB  1 
ATOM   183  O OG  . SER A 1 50  ? 14.732  -10.729 -4.492  1.00 60.73  ? 28  SER A OG  1 
ATOM   184  N N   . LEU A 1 51  ? 11.709  -12.290 -3.346  1.00 60.92  ? 29  LEU A N   1 
ATOM   185  C CA  . LEU A 1 51  ? 11.605  -13.257 -2.246  1.00 59.28  ? 29  LEU A CA  1 
ATOM   186  C C   . LEU A 1 51  ? 10.474  -14.274 -2.487  1.00 59.91  ? 29  LEU A C   1 
ATOM   187  O O   . LEU A 1 51  ? 10.324  -15.245 -1.736  1.00 62.34  ? 29  LEU A O   1 
ATOM   188  C CB  . LEU A 1 51  ? 11.360  -12.520 -0.925  1.00 55.55  ? 29  LEU A CB  1 
ATOM   189  C CG  . LEU A 1 51  ? 12.557  -11.809 -0.291  1.00 61.81  ? 29  LEU A CG  1 
ATOM   190  C CD1 . LEU A 1 51  ? 12.125  -10.848 0.819   1.00 62.03  ? 29  LEU A CD1 1 
ATOM   191  C CD2 . LEU A 1 51  ? 13.535  -12.833 0.263   1.00 57.70  ? 29  LEU A CD2 1 
ATOM   192  N N   . ASN A 1 52  ? 9.706   -14.056 -3.554  1.00 61.09  ? 30  ASN A N   1 
ATOM   193  C CA  . ASN A 1 52  ? 8.448   -14.768 -3.793  1.00 60.20  ? 30  ASN A CA  1 
ATOM   194  C C   . ASN A 1 52  ? 7.564   -14.806 -2.540  1.00 58.00  ? 30  ASN A C   1 
ATOM   195  O O   . ASN A 1 52  ? 7.246   -15.870 -2.025  1.00 60.73  ? 30  ASN A O   1 
ATOM   196  C CB  . ASN A 1 52  ? 8.698   -16.176 -4.349  1.00 65.85  ? 30  ASN A CB  1 
ATOM   197  C CG  . ASN A 1 52  ? 9.520   -16.157 -5.637  1.00 68.44  ? 30  ASN A CG  1 
ATOM   198  O OD1 . ASN A 1 52  ? 10.661  -16.632 -5.665  1.00 69.05  ? 30  ASN A OD1 1 
ATOM   199  N ND2 . ASN A 1 52  ? 8.942   -15.603 -6.709  1.00 63.90  ? 30  ASN A ND2 1 
ATOM   200  N N   . TRP A 1 53  ? 7.168   -13.632 -2.057  1.00 57.29  ? 31  TRP A N   1 
ATOM   201  C CA  . TRP A 1 53  ? 6.302   -13.530 -0.885  1.00 54.22  ? 31  TRP A CA  1 
ATOM   202  C C   . TRP A 1 53  ? 4.944   -12.965 -1.257  1.00 54.07  ? 31  TRP A C   1 
ATOM   203  O O   . TRP A 1 53  ? 4.761   -12.449 -2.371  1.00 49.15  ? 31  TRP A O   1 
ATOM   204  C CB  . TRP A 1 53  ? 6.934   -12.646 0.193   1.00 52.36  ? 31  TRP A CB  1 
ATOM   205  C CG  . TRP A 1 53  ? 8.044   -13.305 0.932   1.00 53.66  ? 31  TRP A CG  1 
ATOM   206  C CD1 . TRP A 1 53  ? 8.583   -14.536 0.680   1.00 55.29  ? 31  TRP A CD1 1 
ATOM   207  C CD2 . TRP A 1 53  ? 8.743   -12.774 2.054   1.00 54.61  ? 31  TRP A CD2 1 
ATOM   208  N NE1 . TRP A 1 53  ? 9.586   -14.804 1.579   1.00 51.86  ? 31  TRP A NE1 1 
ATOM   209  C CE2 . TRP A 1 53  ? 9.704   -13.741 2.448   1.00 51.00  ? 31  TRP A CE2 1 
ATOM   210  C CE3 . TRP A 1 53  ? 8.668   -11.590 2.789   1.00 52.43  ? 31  TRP A CE3 1 
ATOM   211  C CZ2 . TRP A 1 53  ? 10.569  -13.554 3.514   1.00 54.64  ? 31  TRP A CZ2 1 
ATOM   212  C CZ3 . TRP A 1 53  ? 9.529   -11.401 3.851   1.00 54.58  ? 31  TRP A CZ3 1 
ATOM   213  C CH2 . TRP A 1 53  ? 10.471  -12.379 4.203   1.00 54.38  ? 31  TRP A CH2 1 
ATOM   214  N N   . ARG A 1 54  ? 3.986   -13.071 -0.335  1.00 52.31  ? 32  ARG A N   1 
ATOM   215  C CA  . ARG A 1 54  ? 2.699   -12.406 -0.543  1.00 56.73  ? 32  ARG A CA  1 
ATOM   216  C C   . ARG A 1 54  ? 2.873   -10.888 -0.490  1.00 54.77  ? 32  ARG A C   1 
ATOM   217  O O   . ARG A 1 54  ? 3.852   -10.370 0.084   1.00 52.87  ? 32  ARG A O   1 
ATOM   218  C CB  . ARG A 1 54  ? 1.672   -12.855 0.496   1.00 55.53  ? 32  ARG A CB  1 
ATOM   219  C CG  . ARG A 1 54  ? 1.590   -14.365 0.664   1.00 59.70  ? 32  ARG A CG  1 
ATOM   220  C CD  . ARG A 1 54  ? 0.901   -15.008 -0.518  1.00 60.24  ? 32  ARG A CD  1 
ATOM   221  N NE  . ARG A 1 54  ? -0.539  -14.954 -0.363  1.00 70.68  ? 32  ARG A NE  1 
ATOM   222  C CZ  . ARG A 1 54  ? -1.322  -16.023 -0.274  1.00 65.05  ? 32  ARG A CZ  1 
ATOM   223  N NH1 . ARG A 1 54  ? -0.793  -17.236 -0.346  1.00 66.29  ? 32  ARG A NH1 1 
ATOM   224  N NH2 . ARG A 1 54  ? -2.636  -15.874 -0.124  1.00 63.05  ? 32  ARG A NH2 1 
ATOM   225  N N   . LEU A 1 55  ? 1.915   -10.186 -1.084  1.00 56.95  ? 33  LEU A N   1 
ATOM   226  C CA  . LEU A 1 55  ? 1.926   -8.731  -1.129  1.00 50.55  ? 33  LEU A CA  1 
ATOM   227  C C   . LEU A 1 55  ? 0.611   -8.159  -0.609  1.00 48.83  ? 33  LEU A C   1 
ATOM   228  O O   . LEU A 1 55  ? -0.467  -8.521  -1.078  1.00 53.53  ? 33  LEU A O   1 
ATOM   229  C CB  . LEU A 1 55  ? 2.180   -8.246  -2.560  1.00 50.49  ? 33  LEU A CB  1 
ATOM   230  C CG  . LEU A 1 55  ? 2.080   -6.739  -2.804  1.00 55.29  ? 33  LEU A CG  1 
ATOM   231  C CD1 . LEU A 1 55  ? 3.069   -5.961  -1.938  1.00 55.55  ? 33  LEU A CD1 1 
ATOM   232  C CD2 . LEU A 1 55  ? 2.324   -6.425  -4.265  1.00 59.65  ? 33  LEU A CD2 1 
ATOM   233  N N   . LEU A 1 56  ? 0.714   -7.251  0.356   1.00 50.78  ? 34  LEU A N   1 
ATOM   234  C CA  . LEU A 1 56  ? -0.416  -6.448  0.808   1.00 49.97  ? 34  LEU A CA  1 
ATOM   235  C C   . LEU A 1 56  ? -0.197  -5.006  0.365   1.00 50.53  ? 34  LEU A C   1 
ATOM   236  O O   . LEU A 1 56  ? 0.841   -4.401  0.674   1.00 49.87  ? 34  LEU A O   1 
ATOM   237  C CB  . LEU A 1 56  ? -0.510  -6.500  2.338   1.00 46.91  ? 34  LEU A CB  1 
ATOM   238  C CG  . LEU A 1 56  ? -1.459  -5.512  3.023   1.00 48.22  ? 34  LEU A CG  1 
ATOM   239  C CD1 . LEU A 1 56  ? -2.837  -5.591  2.427   1.00 44.44  ? 34  LEU A CD1 1 
ATOM   240  C CD2 . LEU A 1 56  ? -1.514  -5.774  4.531   1.00 43.84  ? 34  LEU A CD2 1 
ATOM   241  N N   . ASP A 1 57  ? -1.162  -4.446  -0.354  1.00 53.20  ? 35  ASP A N   1 
ATOM   242  C CA  . ASP A 1 57  ? -1.094  -3.032  -0.740  1.00 52.66  ? 35  ASP A CA  1 
ATOM   243  C C   . ASP A 1 57  ? -2.195  -2.242  -0.035  1.00 53.04  ? 35  ASP A C   1 
ATOM   244  O O   . ASP A 1 57  ? -3.374  -2.276  -0.441  1.00 52.88  ? 35  ASP A O   1 
ATOM   245  C CB  . ASP A 1 57  ? -1.214  -2.895  -2.258  1.00 59.02  ? 35  ASP A CB  1 
ATOM   246  C CG  . ASP A 1 57  ? -0.826  -1.511  -2.752  1.00 65.40  ? 35  ASP A CG  1 
ATOM   247  O OD1 . ASP A 1 57  ? -1.313  -0.504  -2.169  1.00 60.88  ? 35  ASP A OD1 1 
ATOM   248  O OD2 . ASP A 1 57  ? -0.023  -1.421  -3.717  1.00 70.40  ? 35  ASP A OD2 1 
ATOM   249  N N   . SER A 1 58  ? -1.818  -1.536  1.021   1.00 50.64  ? 36  SER A N   1 
ATOM   250  C CA  . SER A 1 58  ? -2.808  -0.899  1.889   1.00 55.82  ? 36  SER A CA  1 
ATOM   251  C C   . SER A 1 58  ? -3.688  0.145   1.194   1.00 53.94  ? 36  SER A C   1 
ATOM   252  O O   . SER A 1 58  ? -4.908  0.160   1.364   1.00 56.62  ? 36  SER A O   1 
ATOM   253  C CB  . SER A 1 58  ? -2.097  -0.231  3.062   1.00 56.94  ? 36  SER A CB  1 
ATOM   254  O OG  . SER A 1 58  ? -2.991  -0.004  4.125   1.00 58.58  ? 36  SER A OG  1 
ATOM   255  N N   . GLY A 1 59  ? -3.066  1.026   0.419   1.00 57.73  ? 37  GLY A N   1 
ATOM   256  C CA  . GLY A 1 59  ? -3.802  2.072   -0.274  1.00 58.47  ? 37  GLY A CA  1 
ATOM   257  C C   . GLY A 1 59  ? -4.900  1.459   -1.122  1.00 57.15  ? 37  GLY A C   1 
ATOM   258  O O   . GLY A 1 59  ? -6.042  1.901   -1.095  1.00 59.66  ? 37  GLY A O   1 
ATOM   259  N N   . ALA A 1 60  ? -4.544  0.404   -1.849  1.00 55.20  ? 38  ALA A N   1 
ATOM   260  C CA  . ALA A 1 60  ? -5.470  -0.298  -2.723  1.00 51.65  ? 38  ALA A CA  1 
ATOM   261  C C   . ALA A 1 60  ? -6.578  -1.023  -1.978  1.00 57.52  ? 38  ALA A C   1 
ATOM   262  O O   . ALA A 1 60  ? -7.656  -1.234  -2.548  1.00 56.89  ? 38  ALA A O   1 
ATOM   263  C CB  . ALA A 1 60  ? -4.708  -1.280  -3.585  1.00 56.43  ? 38  ALA A CB  1 
ATOM   264  N N   . ILE A 1 61  ? -6.345  -1.425  -0.724  1.00 53.27  ? 39  ILE A N   1 
ATOM   265  C CA  . ILE A 1 61  ? -7.380  -2.216  -0.066  1.00 51.27  ? 39  ILE A CA  1 
ATOM   266  C C   . ILE A 1 61  ? -8.593  -1.359  0.265   1.00 55.31  ? 39  ILE A C   1 
ATOM   267  O O   . ILE A 1 61  ? -9.743  -1.807  0.111   1.00 54.32  ? 39  ILE A O   1 
ATOM   268  C CB  . ILE A 1 61  ? -6.878  -3.094  1.141   1.00 55.59  ? 39  ILE A CB  1 
ATOM   269  C CG1 . ILE A 1 61  ? -7.823  -4.282  1.343   1.00 55.39  ? 39  ILE A CG1 1 
ATOM   270  C CG2 . ILE A 1 61  ? -6.758  -2.288  2.402   1.00 49.46  ? 39  ILE A CG2 1 
ATOM   271  C CD1 . ILE A 1 61  ? -7.236  -5.424  2.152   1.00 57.22  ? 39  ILE A CD1 1 
ATOM   272  N N   . TYR A 1 62  ? -8.348  -0.112  0.672   1.00 56.37  ? 40  TYR A N   1 
ATOM   273  C CA  . TYR A 1 62  ? -9.448  0.829   0.938   1.00 56.11  ? 40  TYR A CA  1 
ATOM   274  C C   . TYR A 1 62  ? -10.306 1.040   -0.310  1.00 55.43  ? 40  TYR A C   1 
ATOM   275  O O   . TYR A 1 62  ? -11.526 1.098   -0.223  1.00 56.16  ? 40  TYR A O   1 
ATOM   276  C CB  . TYR A 1 62  ? -8.916  2.158   1.505   1.00 60.93  ? 40  TYR A CB  1 
ATOM   277  C CG  . TYR A 1 62  ? -8.720  2.112   3.011   1.00 56.49  ? 40  TYR A CG  1 
ATOM   278  C CD1 . TYR A 1 62  ? -9.683  2.622   3.873   1.00 58.73  ? 40  TYR A CD1 1 
ATOM   279  C CD2 . TYR A 1 62  ? -7.597  1.509   3.570   1.00 61.96  ? 40  TYR A CD2 1 
ATOM   280  C CE1 . TYR A 1 62  ? -9.522  2.568   5.262   1.00 58.29  ? 40  TYR A CE1 1 
ATOM   281  C CE2 . TYR A 1 62  ? -7.425  1.447   4.957   1.00 60.08  ? 40  TYR A CE2 1 
ATOM   282  C CZ  . TYR A 1 62  ? -8.401  1.978   5.796   1.00 59.89  ? 40  TYR A CZ  1 
ATOM   283  O OH  . TYR A 1 62  ? -8.256  1.919   7.171   1.00 55.79  ? 40  TYR A OH  1 
ATOM   284  N N   . ARG A 1 63  ? -9.656  1.094   -1.472  1.00 56.12  ? 41  ARG A N   1 
ATOM   285  C CA  . ARG A 1 63  ? -10.337 1.250   -2.760  1.00 60.67  ? 41  ARG A CA  1 
ATOM   286  C C   . ARG A 1 63  ? -11.100 0.001   -3.217  1.00 62.55  ? 41  ARG A C   1 
ATOM   287  O O   . ARG A 1 63  ? -12.174 0.101   -3.817  1.00 63.89  ? 41  ARG A O   1 
ATOM   288  C CB  . ARG A 1 63  ? -9.334  1.677   -3.842  1.00 65.31  ? 41  ARG A CB  1 
ATOM   289  C CG  . ARG A 1 63  ? -8.923  3.147   -3.738  1.00 66.45  ? 41  ARG A CG  1 
ATOM   290  C CD  . ARG A 1 63  ? -7.620  3.461   -4.450  1.00 67.17  ? 41  ARG A CD  1 
ATOM   291  N NE  . ARG A 1 63  ? -7.264  4.867   -4.274  1.00 76.05  ? 41  ARG A NE  1 
ATOM   292  C CZ  . ARG A 1 63  ? -7.678  5.853   -5.072  1.00 79.89  ? 41  ARG A CZ  1 
ATOM   293  N NH1 . ARG A 1 63  ? -8.450  5.586   -6.120  1.00 69.99  ? 41  ARG A NH1 1 
ATOM   294  N NH2 . ARG A 1 63  ? -7.312  7.108   -4.825  1.00 79.93  ? 41  ARG A NH2 1 
ATOM   295  N N   . VAL A 1 64  ? -10.540 -1.175  -2.947  1.00 62.65  ? 42  VAL A N   1 
ATOM   296  C CA  . VAL A 1 64  ? -11.228 -2.417  -3.264  1.00 59.41  ? 42  VAL A CA  1 
ATOM   297  C C   . VAL A 1 64  ? -12.483 -2.523  -2.427  1.00 62.75  ? 42  VAL A C   1 
ATOM   298  O O   . VAL A 1 64  ? -13.539 -2.898  -2.928  1.00 66.28  ? 42  VAL A O   1 
ATOM   299  C CB  . VAL A 1 64  ? -10.346 -3.641  -3.019  1.00 60.92  ? 42  VAL A CB  1 
ATOM   300  C CG1 . VAL A 1 64  ? -11.155 -4.901  -3.190  1.00 61.63  ? 42  VAL A CG1 1 
ATOM   301  C CG2 . VAL A 1 64  ? -9.171  -3.637  -3.986  1.00 63.11  ? 42  VAL A CG2 1 
ATOM   302  N N   . LEU A 1 65  ? -12.378 -2.188  -1.145  1.00 64.64  ? 43  LEU A N   1 
ATOM   303  C CA  . LEU A 1 65  ? -13.558 -2.166  -0.275  1.00 62.80  ? 43  LEU A CA  1 
ATOM   304  C C   . LEU A 1 65  ? -14.641 -1.249  -0.849  1.00 63.44  ? 43  LEU A C   1 
ATOM   305  O O   . LEU A 1 65  ? -15.814 -1.611  -0.879  1.00 63.38  ? 43  LEU A O   1 
ATOM   306  C CB  . LEU A 1 65  ? -13.190 -1.727  1.146   1.00 53.01  ? 43  LEU A CB  1 
ATOM   307  C CG  . LEU A 1 65  ? -14.375 -1.516  2.093   1.00 60.30  ? 43  LEU A CG  1 
ATOM   308  C CD1 . LEU A 1 65  ? -15.126 -2.812  2.365   1.00 58.92  ? 43  LEU A CD1 1 
ATOM   309  C CD2 . LEU A 1 65  ? -13.930 -0.892  3.389   1.00 60.24  ? 43  LEU A CD2 1 
ATOM   310  N N   . ALA A 1 66  ? -14.239 -0.077  -1.331  1.00 63.69  ? 44  ALA A N   1 
ATOM   311  C CA  . ALA A 1 66  ? -15.203 0.885   -1.865  1.00 68.01  ? 44  ALA A CA  1 
ATOM   312  C C   . ALA A 1 66  ? -15.723 0.463   -3.241  1.00 69.91  ? 44  ALA A C   1 
ATOM   313  O O   . ALA A 1 66  ? -16.804 0.880   -3.657  1.00 72.80  ? 44  ALA A O   1 
ATOM   314  C CB  . ALA A 1 66  ? -14.593 2.267   -1.929  1.00 66.47  ? 44  ALA A CB  1 
ATOM   315  N N   . LEU A 1 67  ? -14.949 -0.356  -3.948  1.00 65.39  ? 45  LEU A N   1 
ATOM   316  C CA  . LEU A 1 67  ? -15.410 -0.892  -5.216  1.00 69.29  ? 45  LEU A CA  1 
ATOM   317  C C   . LEU A 1 67  ? -16.368 -2.037  -4.948  1.00 72.49  ? 45  LEU A C   1 
ATOM   318  O O   . LEU A 1 67  ? -17.328 -2.230  -5.688  1.00 74.30  ? 45  LEU A O   1 
ATOM   319  C CB  . LEU A 1 67  ? -14.246 -1.367  -6.075  1.00 66.61  ? 45  LEU A CB  1 
ATOM   320  C CG  . LEU A 1 67  ? -14.676 -1.921  -7.436  1.00 73.50  ? 45  LEU A CG  1 
ATOM   321  C CD1 . LEU A 1 67  ? -15.262 -0.813  -8.308  1.00 73.91  ? 45  LEU A CD1 1 
ATOM   322  C CD2 . LEU A 1 67  ? -13.500 -2.612  -8.133  1.00 72.56  ? 45  LEU A CD2 1 
ATOM   323  N N   . ALA A 1 68  ? -16.096 -2.794  -3.886  1.00 68.69  ? 46  ALA A N   1 
ATOM   324  C CA  . ALA A 1 68  ? -16.997 -3.848  -3.448  1.00 72.43  ? 46  ALA A CA  1 
ATOM   325  C C   . ALA A 1 68  ? -18.314 -3.231  -2.986  1.00 76.69  ? 46  ALA A C   1 
ATOM   326  O O   . ALA A 1 68  ? -19.380 -3.848  -3.091  1.00 79.36  ? 46  ALA A O   1 
ATOM   327  C CB  . ALA A 1 68  ? -16.364 -4.665  -2.326  1.00 68.63  ? 46  ALA A CB  1 
ATOM   328  N N   . ALA A 1 69  ? -18.230 -2.007  -2.473  1.00 76.04  ? 47  ALA A N   1 
ATOM   329  C CA  . ALA A 1 69  ? -19.406 -1.334  -1.944  1.00 77.74  ? 47  ALA A CA  1 
ATOM   330  C C   . ALA A 1 69  ? -20.254 -0.788  -3.081  1.00 76.73  ? 47  ALA A C   1 
ATOM   331  O O   . ALA A 1 69  ? -21.476 -0.766  -2.979  1.00 76.74  ? 47  ALA A O   1 
ATOM   332  C CB  . ALA A 1 69  ? -19.012 -0.220  -0.970  1.00 72.87  ? 47  ALA A CB  1 
ATOM   333  N N   . LEU A 1 70  ? -19.601 -0.347  -4.155  1.00 75.11  ? 48  LEU A N   1 
ATOM   334  C CA  . LEU A 1 70  ? -20.316 0.163   -5.323  1.00 76.01  ? 48  LEU A CA  1 
ATOM   335  C C   . LEU A 1 70  ? -20.961 -0.964  -6.135  1.00 77.54  ? 48  LEU A C   1 
ATOM   336  O O   . LEU A 1 70  ? -22.110 -0.843  -6.542  1.00 79.11  ? 48  LEU A O   1 
ATOM   337  C CB  . LEU A 1 70  ? -19.396 1.015   -6.194  1.00 74.93  ? 48  LEU A CB  1 
ATOM   338  C CG  . LEU A 1 70  ? -19.004 2.383   -5.613  1.00 75.78  ? 48  LEU A CG  1 
ATOM   339  C CD1 . LEU A 1 70  ? -18.067 3.131   -6.551  1.00 74.95  ? 48  LEU A CD1 1 
ATOM   340  C CD2 . LEU A 1 70  ? -20.236 3.228   -5.301  1.00 75.66  ? 48  LEU A CD2 1 
ATOM   341  N N   . HIS A 1 71  ? -20.225 -2.057  -6.352  1.00 78.73  ? 49  HIS A N   1 
ATOM   342  C CA  . HIS A 1 71  ? -20.758 -3.259  -7.006  1.00 79.47  ? 49  HIS A CA  1 
ATOM   343  C C   . HIS A 1 71  ? -22.005 -3.790  -6.310  1.00 83.44  ? 49  HIS A C   1 
ATOM   344  O O   . HIS A 1 71  ? -23.050 -3.992  -6.943  1.00 83.32  ? 49  HIS A O   1 
ATOM   345  C CB  . HIS A 1 71  ? -19.720 -4.385  -7.025  1.00 76.99  ? 49  HIS A CB  1 
ATOM   346  C CG  . HIS A 1 71  ? -18.671 -4.230  -8.084  1.00 77.62  ? 49  HIS A CG  1 
ATOM   347  N ND1 . HIS A 1 71  ? -17.589 -5.068  -8.176  1.00 78.88  ? 49  HIS A ND1 1 
ATOM   348  C CD2 . HIS A 1 71  ? -18.555 -3.328  -9.087  1.00 71.76  ? 49  HIS A CD2 1 
ATOM   349  C CE1 . HIS A 1 71  ? -16.830 -4.687  -9.198  1.00 77.09  ? 49  HIS A CE1 1 
ATOM   350  N NE2 . HIS A 1 71  ? -17.398 -3.638  -9.763  1.00 75.95  ? 49  HIS A NE2 1 
ATOM   351  N N   . HIS A 1 72  ? -21.889 -4.036  -5.007  1.00 81.04  ? 50  HIS A N   1 
ATOM   352  C CA  . HIS A 1 72  ? -23.008 -4.584  -4.255  1.00 79.68  ? 50  HIS A CA  1 
ATOM   353  C C   . HIS A 1 72  ? -23.925 -3.444  -3.817  1.00 80.62  ? 50  HIS A C   1 
ATOM   354  O O   . HIS A 1 72  ? -24.860 -3.659  -3.041  1.00 80.63  ? 50  HIS A O   1 
ATOM   355  C CB  . HIS A 1 72  ? -22.520 -5.395  -3.053  1.00 79.82  ? 50  HIS A CB  1 
ATOM   356  C CG  . HIS A 1 72  ? -21.610 -6.526  -3.416  1.00 83.72  ? 50  HIS A CG  1 
ATOM   357  N ND1 . HIS A 1 72  ? -20.401 -6.343  -4.060  1.00 85.02  ? 50  HIS A ND1 1 
ATOM   358  C CD2 . HIS A 1 72  ? -21.721 -7.863  -3.215  1.00 86.24  ? 50  HIS A CD2 1 
ATOM   359  C CE1 . HIS A 1 72  ? -19.817 -7.511  -4.246  1.00 83.32  ? 50  HIS A CE1 1 
ATOM   360  N NE2 . HIS A 1 72  ? -20.600 -8.453  -3.744  1.00 82.60  ? 50  HIS A NE2 1 
ATOM   361  N N   . GLN A 1 73  ? -23.637 -2.242  -4.328  1.00 80.79  ? 51  GLN A N   1 
ATOM   362  C CA  . GLN A 1 73  ? -24.399 -1.012  -4.044  1.00 83.65  ? 51  GLN A CA  1 
ATOM   363  C C   . GLN A 1 73  ? -25.042 -0.938  -2.659  1.00 84.86  ? 51  GLN A C   1 
ATOM   364  O O   . GLN A 1 73  ? -26.256 -1.100  -2.529  1.00 88.01  ? 51  GLN A O   1 
ATOM   365  C CB  . GLN A 1 73  ? -25.460 -0.774  -5.121  1.00 83.89  ? 51  GLN A CB  1 
ATOM   366  C CG  . GLN A 1 73  ? -25.046 0.236   -6.183  1.00 86.25  ? 51  GLN A CG  1 
ATOM   367  C CD  . GLN A 1 73  ? -26.060 0.333   -7.304  1.00 91.92  ? 51  GLN A CD  1 
ATOM   368  O OE1 . GLN A 1 73  ? -26.799 -0.621  -7.572  1.00 95.00  ? 51  GLN A OE1 1 
ATOM   369  N NE2 . GLN A 1 73  ? -26.112 1.489   -7.960  1.00 87.65  ? 51  GLN A NE2 1 
ATOM   370  N N   . VAL A 1 74  ? -24.240 -0.687  -1.628  1.00 84.58  ? 52  VAL A N   1 
ATOM   371  C CA  . VAL A 1 74  ? -24.765 -0.723  -0.268  1.00 85.12  ? 52  VAL A CA  1 
ATOM   372  C C   . VAL A 1 74  ? -24.633 0.635   0.426   1.00 86.40  ? 52  VAL A C   1 
ATOM   373  O O   . VAL A 1 74  ? -23.876 1.499   -0.027  1.00 89.17  ? 52  VAL A O   1 
ATOM   374  C CB  . VAL A 1 74  ? -24.135 -1.871  0.555   1.00 84.53  ? 52  VAL A CB  1 
ATOM   375  C CG1 . VAL A 1 74  ? -22.790 -1.459  1.143   1.00 78.13  ? 52  VAL A CG1 1 
ATOM   376  C CG2 . VAL A 1 74  ? -25.115 -2.346  1.641   1.00 88.38  ? 52  VAL A CG2 1 
ATOM   377  N N   . ASP A 1 75  ? -25.386 0.826   1.507   1.00 85.22  ? 53  ASP A N   1 
ATOM   378  C CA  . ASP A 1 75  ? -25.484 2.130   2.155   1.00 86.66  ? 53  ASP A CA  1 
ATOM   379  C C   . ASP A 1 75  ? -24.143 2.603   2.709   1.00 87.71  ? 53  ASP A C   1 
ATOM   380  O O   . ASP A 1 75  ? -23.633 2.025   3.677   1.00 83.76  ? 53  ASP A O   1 
ATOM   381  C CB  . ASP A 1 75  ? -26.523 2.092   3.284   1.00 88.76  ? 53  ASP A CB  1 
ATOM   382  C CG  . ASP A 1 75  ? -27.010 3.484   3.683   1.00 91.39  ? 53  ASP A CG  1 
ATOM   383  O OD1 . ASP A 1 75  ? -28.154 3.843   3.326   1.00 91.10  ? 53  ASP A OD1 1 
ATOM   384  O OD2 . ASP A 1 75  ? -26.256 4.224   4.358   1.00 88.89  ? 53  ASP A OD2 1 
ATOM   385  N N   . ILE A 1 76  ? -23.581 3.649   2.090   1.00 88.21  ? 54  ILE A N   1 
ATOM   386  C CA  . ILE A 1 76  ? -22.350 4.281   2.578   1.00 83.09  ? 54  ILE A CA  1 
ATOM   387  C C   . ILE A 1 76  ? -22.667 5.423   3.554   1.00 84.21  ? 54  ILE A C   1 
ATOM   388  O O   . ILE A 1 76  ? -22.162 6.542   3.436   1.00 83.62  ? 54  ILE A O   1 
ATOM   389  C CB  . ILE A 1 76  ? -21.453 4.784   1.423   1.00 83.71  ? 54  ILE A CB  1 
ATOM   390  C CG1 . ILE A 1 76  ? -21.388 3.734   0.326   1.00 86.27  ? 54  ILE A CG1 1 
ATOM   391  C CG2 . ILE A 1 76  ? -20.032 5.084   1.913   1.00 80.09  ? 54  ILE A CG2 1 
ATOM   392  C CD1 . ILE A 1 76  ? -20.819 2.415   0.802   1.00 77.54  ? 54  ILE A CD1 1 
ATOM   393  N N   . SER A 1 77  ? -23.542 5.129   4.506   1.00 86.40  ? 55  SER A N   1 
ATOM   394  C CA  . SER A 1 77  ? -23.625 5.877   5.749   1.00 85.78  ? 55  SER A CA  1 
ATOM   395  C C   . SER A 1 77  ? -23.544 4.790   6.808   1.00 85.02  ? 55  SER A C   1 
ATOM   396  O O   . SER A 1 77  ? -22.976 3.719   6.561   1.00 84.38  ? 55  SER A O   1 
ATOM   397  C CB  . SER A 1 77  ? -24.956 6.606   5.861   1.00 88.53  ? 55  SER A CB  1 
ATOM   398  O OG  . SER A 1 77  ? -25.397 7.076   4.599   1.00 87.74  ? 55  SER A OG  1 
ATOM   399  N N   . THR A 1 78  ? -24.084 5.064   7.985   1.00 82.07  ? 56  THR A N   1 
ATOM   400  C CA  . THR A 1 78  ? -24.484 4.016   8.918   1.00 80.57  ? 56  THR A CA  1 
ATOM   401  C C   . THR A 1 78  ? -23.497 2.867   9.230   1.00 82.99  ? 56  THR A C   1 
ATOM   402  O O   . THR A 1 78  ? -23.720 2.126   10.192  1.00 84.25  ? 56  THR A O   1 
ATOM   403  C CB  . THR A 1 78  ? -25.838 3.406   8.484   1.00 86.76  ? 56  THR A CB  1 
ATOM   404  O OG1 . THR A 1 78  ? -26.624 3.088   9.644   1.00 84.73  ? 56  THR A OG1 1 
ATOM   405  C CG2 . THR A 1 78  ? -25.634 2.154   7.617   1.00 87.49  ? 56  THR A CG2 1 
ATOM   406  N N   . GLU A 1 79  ? -22.434 2.699   8.436   1.00 82.32  ? 57  GLU A N   1 
ATOM   407  C CA  . GLU A 1 79  ? -21.331 1.759   8.747   1.00 75.55  ? 57  GLU A CA  1 
ATOM   408  C C   . GLU A 1 79  ? -21.723 0.282   8.935   1.00 78.75  ? 57  GLU A C   1 
ATOM   409  O O   . GLU A 1 79  ? -20.856 -0.591  8.907   1.00 79.97  ? 57  GLU A O   1 
ATOM   410  C CB  . GLU A 1 79  ? -20.550 2.247   9.980   0.00 74.55  ? 57  GLU A CB  1 
ATOM   411  C CG  . GLU A 1 79  ? -20.928 1.534   11.274  0.00 74.10  ? 57  GLU A CG  1 
ATOM   412  C CD  . GLU A 1 79  ? -20.504 2.296   12.513  0.00 71.79  ? 57  GLU A CD  1 
ATOM   413  O OE1 . GLU A 1 79  ? -19.365 2.804   12.552  0.00 67.55  ? 57  GLU A OE1 1 
ATOM   414  O OE2 . GLU A 1 79  ? -21.316 2.389   13.455  0.00 72.00  ? 57  GLU A OE2 1 
ATOM   415  N N   . GLU A 1 80  ? -23.016 0.010   9.110   1.00 80.00  ? 58  GLU A N   1 
ATOM   416  C CA  . GLU A 1 80  ? -23.511 -1.329  9.462   1.00 79.92  ? 58  GLU A CA  1 
ATOM   417  C C   . GLU A 1 80  ? -23.196 -2.420  8.437   1.00 81.35  ? 58  GLU A C   1 
ATOM   418  O O   . GLU A 1 80  ? -23.019 -3.587  8.802   1.00 81.93  ? 58  GLU A O   1 
ATOM   419  C CB  . GLU A 1 80  ? -25.028 -1.298  9.682   0.00 80.79  ? 58  GLU A CB  1 
ATOM   420  C CG  . GLU A 1 80  ? -25.493 -0.529  10.904  0.00 81.14  ? 58  GLU A CG  1 
ATOM   421  C CD  . GLU A 1 80  ? -27.001 -0.381  10.949  0.00 81.20  ? 58  GLU A CD  1 
ATOM   422  O OE1 . GLU A 1 80  ? -27.704 -1.412  10.896  0.00 80.75  ? 58  GLU A OE1 1 
ATOM   423  O OE2 . GLU A 1 80  ? -27.485 0.766   11.032  0.00 81.29  ? 58  GLU A OE2 1 
ATOM   424  N N   . ALA A 1 81  ? -23.145 -2.049  7.159   1.00 79.05  ? 59  ALA A N   1 
ATOM   425  C CA  . ALA A 1 81  ? -22.971 -3.039  6.096   1.00 77.01  ? 59  ALA A CA  1 
ATOM   426  C C   . ALA A 1 81  ? -21.525 -3.112  5.613   1.00 76.63  ? 59  ALA A C   1 
ATOM   427  O O   . ALA A 1 81  ? -21.078 -4.162  5.133   1.00 75.85  ? 59  ALA A O   1 
ATOM   428  C CB  . ALA A 1 81  ? -23.911 -2.742  4.938   1.00 79.31  ? 59  ALA A CB  1 
ATOM   429  N N   . LEU A 1 82  ? -20.808 -1.992  5.745   1.00 73.54  ? 60  LEU A N   1 
ATOM   430  C CA  . LEU A 1 82  ? -19.396 -1.905  5.373   1.00 67.89  ? 60  LEU A CA  1 
ATOM   431  C C   . LEU A 1 82  ? -18.499 -2.724  6.301   1.00 68.73  ? 60  LEU A C   1 
ATOM   432  O O   . LEU A 1 82  ? -17.457 -3.237  5.880   1.00 66.53  ? 60  LEU A O   1 
ATOM   433  C CB  . LEU A 1 82  ? -18.922 -0.458  5.407   1.00 68.01  ? 60  LEU A CB  1 
ATOM   434  C CG  . LEU A 1 82  ? -19.403 0.516   4.330   1.00 73.51  ? 60  LEU A CG  1 
ATOM   435  C CD1 . LEU A 1 82  ? -18.831 1.901   4.597   1.00 67.15  ? 60  LEU A CD1 1 
ATOM   436  C CD2 . LEU A 1 82  ? -18.994 0.028   2.950   1.00 67.84  ? 60  LEU A CD2 1 
ATOM   437  N N   . VAL A 1 83  ? -18.888 -2.842  7.568   1.00 65.96  ? 61  VAL A N   1 
ATOM   438  C CA  . VAL A 1 83  ? -18.044 -3.553  8.519   1.00 63.98  ? 61  VAL A CA  1 
ATOM   439  C C   . VAL A 1 83  ? -17.838 -5.021  8.134   1.00 70.30  ? 61  VAL A C   1 
ATOM   440  O O   . VAL A 1 83  ? -16.693 -5.483  8.059   1.00 66.86  ? 61  VAL A O   1 
ATOM   441  C CB  . VAL A 1 83  ? -18.544 -3.435  9.977   1.00 64.31  ? 61  VAL A CB  1 
ATOM   442  C CG1 . VAL A 1 83  ? -17.799 -4.422  10.862  1.00 64.25  ? 61  VAL A CG1 1 
ATOM   443  C CG2 . VAL A 1 83  ? -18.381 -2.006  10.484  1.00 60.67  ? 61  VAL A CG2 1 
ATOM   444  N N   . PRO A 1 84  ? -18.938 -5.765  7.872   1.00 74.16  ? 62  PRO A N   1 
ATOM   445  C CA  . PRO A 1 84  ? -18.709 -7.168  7.510   1.00 69.94  ? 62  PRO A CA  1 
ATOM   446  C C   . PRO A 1 84  ? -18.115 -7.314  6.117   1.00 67.36  ? 62  PRO A C   1 
ATOM   447  O O   . PRO A 1 84  ? -17.368 -8.263  5.896   1.00 70.33  ? 62  PRO A O   1 
ATOM   448  C CB  . PRO A 1 84  ? -20.113 -7.778  7.566   1.00 72.84  ? 62  PRO A CB  1 
ATOM   449  C CG  . PRO A 1 84  ? -21.023 -6.641  7.319   1.00 71.40  ? 62  PRO A CG  1 
ATOM   450  C CD  . PRO A 1 84  ? -20.381 -5.464  7.973   1.00 73.21  ? 62  PRO A CD  1 
ATOM   451  N N   . LEU A 1 85  ? -18.428 -6.402  5.202   1.00 65.45  ? 63  LEU A N   1 
ATOM   452  C CA  . LEU A 1 85  ? -17.765 -6.397  3.901   1.00 68.30  ? 63  LEU A CA  1 
ATOM   453  C C   . LEU A 1 85  ? -16.251 -6.340  4.082   1.00 68.31  ? 63  LEU A C   1 
ATOM   454  O O   . LEU A 1 85  ? -15.529 -7.232  3.641   1.00 65.85  ? 63  LEU A O   1 
ATOM   455  C CB  . LEU A 1 85  ? -18.228 -5.209  3.062   1.00 68.13  ? 63  LEU A CB  1 
ATOM   456  C CG  . LEU A 1 85  ? -18.945 -5.667  1.804   1.00 69.75  ? 63  LEU A CG  1 
ATOM   457  C CD1 . LEU A 1 85  ? -19.412 -4.474  0.990   1.00 74.83  ? 63  LEU A CD1 1 
ATOM   458  C CD2 . LEU A 1 85  ? -18.021 -6.572  0.995   1.00 65.13  ? 63  LEU A CD2 1 
ATOM   459  N N   . ALA A 1 86  ? -15.792 -5.291  4.760   1.00 66.42  ? 64  ALA A N   1 
ATOM   460  C CA  . ALA A 1 86  ? -14.385 -5.121  5.087   1.00 62.26  ? 64  ALA A CA  1 
ATOM   461  C C   . ALA A 1 86  ? -13.781 -6.360  5.726   1.00 63.42  ? 64  ALA A C   1 
ATOM   462  O O   . ALA A 1 86  ? -12.743 -6.852  5.283   1.00 64.34  ? 64  ALA A O   1 
ATOM   463  C CB  . ALA A 1 86  ? -14.210 -3.920  6.018   1.00 61.43  ? 64  ALA A CB  1 
ATOM   464  N N   . ALA A 1 87  ? -14.434 -6.861  6.770   1.00 66.14  ? 65  ALA A N   1 
ATOM   465  C CA  . ALA A 1 87  ? -13.848 -7.891  7.630   1.00 66.57  ? 65  ALA A CA  1 
ATOM   466  C C   . ALA A 1 87  ? -13.475 -9.141  6.870   1.00 67.05  ? 65  ALA A C   1 
ATOM   467  O O   . ALA A 1 87  ? -12.505 -9.811  7.222   1.00 69.99  ? 65  ALA A O   1 
ATOM   468  C CB  . ALA A 1 87  ? -14.796 -8.235  8.784   1.00 66.98  ? 65  ALA A CB  1 
ATOM   469  N N   . HIS A 1 88  ? -14.245 -9.459  5.832   1.00 67.68  ? 66  HIS A N   1 
ATOM   470  C CA  . HIS A 1 88  ? -13.989 -10.669 5.041   1.00 71.78  ? 66  HIS A CA  1 
ATOM   471  C C   . HIS A 1 88  ? -13.764 -10.377 3.549   1.00 70.21  ? 66  HIS A C   1 
ATOM   472  O O   . HIS A 1 88  ? -13.894 -11.274 2.704   1.00 66.35  ? 66  HIS A O   1 
ATOM   473  C CB  . HIS A 1 88  ? -15.128 -11.676 5.221   1.00 71.62  ? 66  HIS A CB  1 
ATOM   474  C CG  . HIS A 1 88  ? -15.211 -12.252 6.600   1.00 76.73  ? 66  HIS A CG  1 
ATOM   475  N ND1 . HIS A 1 88  ? -16.372 -12.237 7.344   1.00 80.69  ? 66  HIS A ND1 1 
ATOM   476  C CD2 . HIS A 1 88  ? -14.278 -12.860 7.374   1.00 78.92  ? 66  HIS A CD2 1 
ATOM   477  C CE1 . HIS A 1 88  ? -16.154 -12.814 8.511   1.00 86.29  ? 66  HIS A CE1 1 
ATOM   478  N NE2 . HIS A 1 88  ? -14.889 -13.203 8.556   1.00 84.08  ? 66  HIS A NE2 1 
ATOM   479  N N   . LEU A 1 89  ? -13.416 -9.129  3.243   1.00 63.31  ? 67  LEU A N   1 
ATOM   480  C CA  . LEU A 1 89  ? -13.162 -8.687  1.879   1.00 60.13  ? 67  LEU A CA  1 
ATOM   481  C C   . LEU A 1 89  ? -12.397 -9.740  1.092   1.00 60.31  ? 67  LEU A C   1 
ATOM   482  O O   . LEU A 1 89  ? -11.400 -10.280 1.571   1.00 62.61  ? 67  LEU A O   1 
ATOM   483  C CB  . LEU A 1 89  ? -12.372 -7.375  1.896   1.00 60.18  ? 67  LEU A CB  1 
ATOM   484  C CG  . LEU A 1 89  ? -12.299 -6.631  0.561   1.00 61.78  ? 67  LEU A CG  1 
ATOM   485  C CD1 . LEU A 1 89  ? -13.708 -6.441  0.008   1.00 57.88  ? 67  LEU A CD1 1 
ATOM   486  C CD2 . LEU A 1 89  ? -11.579 -5.294  0.737   1.00 53.83  ? 67  LEU A CD2 1 
ATOM   487  N N   . ASP A 1 90  ? -12.880 -10.053 -0.104  1.00 65.90  ? 68  ASP A N   1 
ATOM   488  C CA  . ASP A 1 90  ? -12.270 -11.106 -0.913  1.00 65.85  ? 68  ASP A CA  1 
ATOM   489  C C   . ASP A 1 90  ? -11.299 -10.465 -1.891  1.00 67.00  ? 68  ASP A C   1 
ATOM   490  O O   . ASP A 1 90  ? -11.633 -10.234 -3.054  1.00 69.34  ? 68  ASP A O   1 
ATOM   491  C CB  . ASP A 1 90  ? -13.350 -11.903 -1.647  1.00 69.70  ? 68  ASP A CB  1 
ATOM   492  C CG  . ASP A 1 90  ? -12.781 -13.050 -2.464  1.00 74.79  ? 68  ASP A CG  1 
ATOM   493  O OD1 . ASP A 1 90  ? -11.552 -13.294 -2.394  1.00 74.30  ? 68  ASP A OD1 1 
ATOM   494  O OD2 . ASP A 1 90  ? -13.567 -13.742 -3.158  1.00 78.54  ? 68  ASP A OD2 1 
ATOM   495  N N   . VAL A 1 91  ? -10.097 -10.176 -1.403  1.00 64.72  ? 69  VAL A N   1 
ATOM   496  C CA  . VAL A 1 91  ? -9.128  -9.415  -2.165  1.00 61.86  ? 69  VAL A CA  1 
ATOM   497  C C   . VAL A 1 91  ? -7.760  -10.074 -2.056  1.00 57.62  ? 69  VAL A C   1 
ATOM   498  O O   . VAL A 1 91  ? -7.391  -10.579 -0.990  1.00 58.14  ? 69  VAL A O   1 
ATOM   499  C CB  . VAL A 1 91  ? -9.064  -7.954  -1.650  1.00 64.34  ? 69  VAL A CB  1 
ATOM   500  C CG1 . VAL A 1 91  ? -8.662  -7.923  -0.177  1.00 60.89  ? 69  VAL A CG1 1 
ATOM   501  C CG2 . VAL A 1 91  ? -8.118  -7.108  -2.500  1.00 60.32  ? 69  VAL A CG2 1 
ATOM   502  N N   . ARG A 1 92  ? -7.030  -10.116 -3.169  1.00 57.76  ? 70  ARG A N   1 
ATOM   503  C CA  . ARG A 1 92  ? -5.618  -10.514 -3.138  1.00 61.67  ? 70  ARG A CA  1 
ATOM   504  C C   . ARG A 1 92  ? -4.806  -9.676  -4.121  1.00 58.95  ? 70  ARG A C   1 
ATOM   505  O O   . ARG A 1 92  ? -5.337  -9.182  -5.115  1.00 61.59  ? 70  ARG A O   1 
ATOM   506  C CB  . ARG A 1 92  ? -5.436  -12.017 -3.413  1.00 59.16  ? 70  ARG A CB  1 
ATOM   507  C CG  . ARG A 1 92  ? -5.604  -12.444 -4.870  1.00 61.20  ? 70  ARG A CG  1 
ATOM   508  C CD  . ARG A 1 92  ? -5.727  -13.968 -4.986  1.00 67.18  ? 70  ARG A CD  1 
ATOM   509  N NE  . ARG A 1 92  ? -6.791  -14.507 -4.132  1.00 67.34  ? 70  ARG A NE  1 
ATOM   510  C CZ  . ARG A 1 92  ? -6.592  -15.064 -2.940  1.00 60.46  ? 70  ARG A CZ  1 
ATOM   511  N NH1 . ARG A 1 92  ? -5.367  -15.162 -2.449  1.00 55.22  ? 70  ARG A NH1 1 
ATOM   512  N NH2 . ARG A 1 92  ? -7.620  -15.521 -2.235  1.00 60.79  ? 70  ARG A NH2 1 
ATOM   513  N N   . PHE A 1 93  ? -3.520  -9.514  -3.845  1.00 58.63  ? 71  PHE A N   1 
ATOM   514  C CA  . PHE A 1 93  ? -2.665  -8.750  -4.739  1.00 61.69  ? 71  PHE A CA  1 
ATOM   515  C C   . PHE A 1 93  ? -1.615  -9.681  -5.347  1.00 60.17  ? 71  PHE A C   1 
ATOM   516  O O   . PHE A 1 93  ? -0.846  -10.319 -4.645  1.00 58.04  ? 71  PHE A O   1 
ATOM   517  C CB  . PHE A 1 93  ? -2.054  -7.524  -4.013  1.00 55.90  ? 71  PHE A CB  1 
ATOM   518  C CG  . PHE A 1 93  ? -3.079  -6.694  -3.278  1.00 53.88  ? 71  PHE A CG  1 
ATOM   519  C CD1 . PHE A 1 93  ? -3.794  -5.706  -3.933  1.00 59.08  ? 71  PHE A CD1 1 
ATOM   520  C CD2 . PHE A 1 93  ? -3.364  -6.938  -1.939  1.00 54.81  ? 71  PHE A CD2 1 
ATOM   521  C CE1 . PHE A 1 93  ? -4.769  -4.954  -3.260  1.00 55.89  ? 71  PHE A CE1 1 
ATOM   522  C CE2 . PHE A 1 93  ? -4.328  -6.194  -1.268  1.00 51.82  ? 71  PHE A CE2 1 
ATOM   523  C CZ  . PHE A 1 93  ? -5.032  -5.205  -1.934  1.00 52.52  ? 71  PHE A CZ  1 
ATOM   524  N N   . VAL A 1 94  ? -1.632  -9.798  -6.666  1.00 64.74  ? 72  VAL A N   1 
ATOM   525  C CA  . VAL A 1 94  ? -0.622  -10.583 -7.362  1.00 67.63  ? 72  VAL A CA  1 
ATOM   526  C C   . VAL A 1 94  ? 0.249   -9.600  -8.104  1.00 67.56  ? 72  VAL A C   1 
ATOM   527  O O   . VAL A 1 94  ? -0.246  -8.617  -8.659  1.00 68.75  ? 72  VAL A O   1 
ATOM   528  C CB  . VAL A 1 94  ? -1.247  -11.563 -8.381  1.00 66.33  ? 72  VAL A CB  1 
ATOM   529  C CG1 . VAL A 1 94  ? -0.171  -12.329 -9.109  1.00 68.89  ? 72  VAL A CG1 1 
ATOM   530  C CG2 . VAL A 1 94  ? -2.199  -12.525 -7.684  1.00 68.75  ? 72  VAL A CG2 1 
ATOM   531  N N   . SER A 1 95  ? 1.548   -9.842  -8.104  1.00 70.43  ? 73  SER A N   1 
ATOM   532  C CA  . SER A 1 95  ? 2.430   -9.007  -8.892  1.00 71.94  ? 73  SER A CA  1 
ATOM   533  C C   . SER A 1 95  ? 3.392   -9.883  -9.693  1.00 73.10  ? 73  SER A C   1 
ATOM   534  O O   . SER A 1 95  ? 4.134   -10.697 -9.129  1.00 69.24  ? 73  SER A O   1 
ATOM   535  C CB  . SER A 1 95  ? 3.163   -8.006  -7.995  1.00 68.10  ? 73  SER A CB  1 
ATOM   536  O OG  . SER A 1 95  ? 4.461   -8.460  -7.637  1.00 74.81  ? 73  SER A OG  1 
ATOM   537  N N   . GLN A 1 96  ? 3.334   -9.746  -11.014 1.00 75.20  ? 74  GLN A N   1 
ATOM   538  C CA  . GLN A 1 96  ? 4.302   -10.394 -11.897 1.00 79.01  ? 74  GLN A CA  1 
ATOM   539  C C   . GLN A 1 96  ? 4.882   -9.383  -12.887 1.00 75.83  ? 74  GLN A C   1 
ATOM   540  O O   . GLN A 1 96  ? 4.152   -8.575  -13.479 1.00 67.86  ? 74  GLN A O   1 
ATOM   541  C CB  . GLN A 1 96  ? 3.681   -11.565 -12.670 1.00 78.55  ? 74  GLN A CB  1 
ATOM   542  C CG  . GLN A 1 96  ? 3.044   -12.654 -11.823 1.00 80.66  ? 74  GLN A CG  1 
ATOM   543  C CD  . GLN A 1 96  ? 1.701   -13.083 -12.391 1.00 86.72  ? 74  GLN A CD  1 
ATOM   544  O OE1 . GLN A 1 96  ? 1.121   -12.376 -13.223 1.00 88.11  ? 74  GLN A OE1 1 
ATOM   545  N NE2 . GLN A 1 96  ? 1.198   -14.236 -11.949 1.00 81.54  ? 74  GLN A NE2 1 
ATOM   546  N N   . ASN A 1 97  ? 6.198   -9.445  -13.057 1.00 74.68  ? 75  ASN A N   1 
ATOM   547  C CA  . ASN A 1 97  ? 6.891   -8.608  -14.022 1.00 77.34  ? 75  ASN A CA  1 
ATOM   548  C C   . ASN A 1 97  ? 6.607   -7.127  -13.821 1.00 76.04  ? 75  ASN A C   1 
ATOM   549  O O   . ASN A 1 97  ? 6.411   -6.395  -14.792 1.00 74.04  ? 75  ASN A O   1 
ATOM   550  C CB  . ASN A 1 97  ? 6.528   -9.031  -15.447 1.00 80.03  ? 75  ASN A CB  1 
ATOM   551  C CG  . ASN A 1 97  ? 6.564   -10.536 -15.631 1.00 80.97  ? 75  ASN A CG  1 
ATOM   552  O OD1 . ASN A 1 97  ? 7.374   -11.234 -15.007 1.00 78.30  ? 75  ASN A OD1 1 
ATOM   553  N ND2 . ASN A 1 97  ? 5.684   -11.046 -16.491 1.00 75.17  ? 75  ASN A ND2 1 
ATOM   554  N N   . GLY A 1 98  ? 6.549   -6.710  -12.554 1.00 77.16  ? 76  GLY A N   1 
ATOM   555  C CA  . GLY A 1 98  ? 6.496   -5.303  -12.194 1.00 71.18  ? 76  GLY A CA  1 
ATOM   556  C C   . GLY A 1 98  ? 5.123   -4.659  -12.108 1.00 71.44  ? 76  GLY A C   1 
ATOM   557  O O   . GLY A 1 98  ? 5.006   -3.548  -11.612 1.00 72.87  ? 76  GLY A O   1 
ATOM   558  N N   . GLN A 1 99  ? 4.082   -5.337  -12.585 1.00 74.05  ? 77  GLN A N   1 
ATOM   559  C CA  . GLN A 1 99  ? 2.736   -4.753  -12.618 1.00 73.92  ? 77  GLN A CA  1 
ATOM   560  C C   . GLN A 1 99  ? 1.829   -5.333  -11.522 1.00 74.87  ? 77  GLN A C   1 
ATOM   561  O O   . GLN A 1 99  ? 1.807   -6.548  -11.303 1.00 75.60  ? 77  GLN A O   1 
ATOM   562  C CB  . GLN A 1 99  ? 2.102   -4.955  -14.003 1.00 74.79  ? 77  GLN A CB  1 
ATOM   563  C CG  . GLN A 1 99  ? 2.976   -4.491  -15.179 1.00 77.65  ? 77  GLN A CG  1 
ATOM   564  C CD  . GLN A 1 99  ? 3.211   -2.980  -15.194 1.00 82.67  ? 77  GLN A CD  1 
ATOM   565  O OE1 . GLN A 1 99  ? 2.258   -2.187  -15.157 1.00 81.72  ? 77  GLN A OE1 1 
ATOM   566  N NE2 . GLN A 1 99  ? 4.487   -2.576  -15.246 1.00 77.73  ? 77  GLN A NE2 1 
ATOM   567  N N   . LEU A 1 100 ? 1.077   -4.474  -10.833 1.00 73.91  ? 78  LEU A N   1 
ATOM   568  C CA  . LEU A 1 100 ? 0.224   -4.946  -9.734  1.00 73.49  ? 78  LEU A CA  1 
ATOM   569  C C   . LEU A 1 100 ? -1.128  -5.424  -10.241 1.00 70.26  ? 78  LEU A C   1 
ATOM   570  O O   . LEU A 1 100 ? -1.861  -4.678  -10.908 1.00 73.84  ? 78  LEU A O   1 
ATOM   571  C CB  . LEU A 1 100 ? 0.018   -3.864  -8.663  1.00 70.99  ? 78  LEU A CB  1 
ATOM   572  C CG  . LEU A 1 100 ? -0.927  -4.258  -7.513  1.00 70.21  ? 78  LEU A CG  1 
ATOM   573  C CD1 . LEU A 1 100 ? -0.434  -5.492  -6.782  1.00 60.13  ? 78  LEU A CD1 1 
ATOM   574  C CD2 . LEU A 1 100 ? -1.130  -3.093  -6.538  1.00 69.56  ? 78  LEU A CD2 1 
ATOM   575  N N   . GLN A 1 101 ? -1.460  -6.668  -9.933  1.00 65.35  ? 79  GLN A N   1 
ATOM   576  C CA  . GLN A 1 101 ? -2.745  -7.197  -10.349 1.00 70.25  ? 79  GLN A CA  1 
ATOM   577  C C   . GLN A 1 101 ? -3.635  -7.380  -9.127  1.00 67.99  ? 79  GLN A C   1 
ATOM   578  O O   . GLN A 1 101 ? -3.307  -8.136  -8.224  1.00 65.64  ? 79  GLN A O   1 
ATOM   579  C CB  . GLN A 1 101 ? -2.573  -8.499  -11.117 1.00 70.82  ? 79  GLN A CB  1 
ATOM   580  C CG  . GLN A 1 101 ? -3.890  -9.118  -11.573 1.00 78.14  ? 79  GLN A CG  1 
ATOM   581  C CD  . GLN A 1 101 ? -3.682  -10.376 -12.405 1.00 81.48  ? 79  GLN A CD  1 
ATOM   582  O OE1 . GLN A 1 101 ? -2.566  -10.665 -12.857 1.00 84.15  ? 79  GLN A OE1 1 
ATOM   583  N NE2 . GLN A 1 101 ? -4.755  -11.133 -12.608 1.00 77.37  ? 79  GLN A NE2 1 
ATOM   584  N N   . VAL A 1 102 ? -4.753  -6.664  -9.108  1.00 68.20  ? 80  VAL A N   1 
ATOM   585  C CA  . VAL A 1 102 ? -5.643  -6.637  -7.960  1.00 69.00  ? 80  VAL A CA  1 
ATOM   586  C C   . VAL A 1 102 ? -6.907  -7.425  -8.266  1.00 70.10  ? 80  VAL A C   1 
ATOM   587  O O   . VAL A 1 102 ? -7.608  -7.136  -9.237  1.00 70.41  ? 80  VAL A O   1 
ATOM   588  C CB  . VAL A 1 102 ? -6.050  -5.195  -7.586  1.00 69.72  ? 80  VAL A CB  1 
ATOM   589  C CG1 . VAL A 1 102 ? -6.851  -5.205  -6.279  1.00 65.72  ? 80  VAL A CG1 1 
ATOM   590  C CG2 . VAL A 1 102 ? -4.819  -4.295  -7.471  1.00 64.99  ? 80  VAL A CG2 1 
ATOM   591  N N   . ILE A 1 103 ? -7.209  -8.408  -7.425  1.00 68.03  ? 81  ILE A N   1 
ATOM   592  C CA  . ILE A 1 103 ? -8.309  -9.323  -7.704  1.00 70.24  ? 81  ILE A CA  1 
ATOM   593  C C   . ILE A 1 103 ? -9.380  -9.332  -6.615  1.00 67.84  ? 81  ILE A C   1 
ATOM   594  O O   . ILE A 1 103 ? -9.145  -9.786  -5.495  1.00 69.23  ? 81  ILE A O   1 
ATOM   595  C CB  . ILE A 1 103 ? -7.787  -10.748 -7.918  1.00 70.92  ? 81  ILE A CB  1 
ATOM   596  C CG1 . ILE A 1 103 ? -6.819  -10.771 -9.102  1.00 67.45  ? 81  ILE A CG1 1 
ATOM   597  C CG2 . ILE A 1 103 ? -8.944  -11.697 -8.153  1.00 71.32  ? 81  ILE A CG2 1 
ATOM   598  C CD1 . ILE A 1 103 ? -6.146  -12.106 -9.312  1.00 70.56  ? 81  ILE A CD1 1 
ATOM   599  N N   . LEU A 1 104 ? -10.559 -8.825  -6.961  1.00 70.49  ? 82  LEU A N   1 
ATOM   600  C CA  . LEU A 1 104 ? -11.691 -8.766  -6.046  1.00 72.05  ? 82  LEU A CA  1 
ATOM   601  C C   . LEU A 1 104 ? -12.754 -9.787  -6.428  1.00 74.71  ? 82  LEU A C   1 
ATOM   602  O O   . LEU A 1 104 ? -13.375 -9.674  -7.491  1.00 75.38  ? 82  LEU A O   1 
ATOM   603  C CB  . LEU A 1 104 ? -12.326 -7.372  -6.053  1.00 70.23  ? 82  LEU A CB  1 
ATOM   604  C CG  . LEU A 1 104 ? -13.676 -7.308  -5.340  1.00 69.98  ? 82  LEU A CG  1 
ATOM   605  C CD1 . LEU A 1 104 ? -13.532 -7.756  -3.898  1.00 65.39  ? 82  LEU A CD1 1 
ATOM   606  C CD2 . LEU A 1 104 ? -14.298 -5.912  -5.428  1.00 69.06  ? 82  LEU A CD2 1 
ATOM   607  N N   . GLU A 1 105 ? -12.967 -10.765 -5.546  1.00 73.18  ? 83  GLU A N   1 
ATOM   608  C CA  . GLU A 1 105 ? -14.007 -11.767 -5.730  1.00 75.92  ? 83  GLU A CA  1 
ATOM   609  C C   . GLU A 1 105 ? -13.836 -12.471 -7.076  1.00 83.68  ? 83  GLU A C   1 
ATOM   610  O O   . GLU A 1 105 ? -14.824 -12.756 -7.759  1.00 82.71  ? 83  GLU A O   1 
ATOM   611  C CB  . GLU A 1 105 ? -15.403 -11.126 -5.624  1.00 75.21  ? 83  GLU A CB  1 
ATOM   612  C CG  . GLU A 1 105 ? -15.764 -10.647 -4.210  1.00 79.30  ? 83  GLU A CG  1 
ATOM   613  C CD  . GLU A 1 105 ? -17.007 -9.756  -4.159  1.00 85.21  ? 83  GLU A CD  1 
ATOM   614  O OE1 . GLU A 1 105 ? -17.927 -9.936  -4.991  1.00 88.66  ? 83  GLU A OE1 1 
ATOM   615  O OE2 . GLU A 1 105 ? -17.068 -8.866  -3.278  1.00 85.20  ? 83  GLU A OE2 1 
ATOM   616  N N   . GLY A 1 106 ? -12.584 -12.728 -7.462  1.00 75.93  ? 84  GLY A N   1 
ATOM   617  C CA  . GLY A 1 106 ? -12.294 -13.347 -8.744  1.00 74.20  ? 84  GLY A CA  1 
ATOM   618  C C   . GLY A 1 106 ? -11.930 -12.389 -9.877  1.00 78.95  ? 84  GLY A C   1 
ATOM   619  O O   . GLY A 1 106 ? -10.953 -12.618 -10.590 1.00 81.10  ? 84  GLY A O   1 
ATOM   620  N N   . GLU A 1 107 ? -12.710 -11.330 -10.071 1.00 76.25  ? 85  GLU A N   1 
ATOM   621  C CA  . GLU A 1 107 ? -12.461 -10.408 -11.180 1.00 78.03  ? 85  GLU A CA  1 
ATOM   622  C C   . GLU A 1 107 ? -11.150 -9.645  -10.990 1.00 77.54  ? 85  GLU A C   1 
ATOM   623  O O   . GLU A 1 107 ? -10.798 -9.270  -9.870  1.00 78.28  ? 85  GLU A O   1 
ATOM   624  C CB  . GLU A 1 107 ? -13.625 -9.404  -11.339 1.00 81.39  ? 85  GLU A CB  1 
ATOM   625  C CG  . GLU A 1 107 ? -13.450 -8.406  -12.507 1.00 84.53  ? 85  GLU A CG  1 
ATOM   626  C CD  . GLU A 1 107 ? -14.516 -7.294  -12.561 1.00 90.01  ? 85  GLU A CD  1 
ATOM   627  O OE1 . GLU A 1 107 ? -15.468 -7.292  -11.737 1.00 88.07  ? 85  GLU A OE1 1 
ATOM   628  O OE2 . GLU A 1 107 ? -14.398 -6.405  -13.441 1.00 90.16  ? 85  GLU A OE2 1 
ATOM   629  N N   . ASP A 1 108 ? -10.422 -9.421  -12.078 1.00 74.44  ? 86  ASP A N   1 
ATOM   630  C CA  . ASP A 1 108 ? -9.296  -8.490  -12.059 1.00 76.13  ? 86  ASP A CA  1 
ATOM   631  C C   . ASP A 1 108 ? -9.880  -7.063  -12.066 1.00 78.24  ? 86  ASP A C   1 
ATOM   632  O O   . ASP A 1 108 ? -10.561 -6.661  -13.021 1.00 79.25  ? 86  ASP A O   1 
ATOM   633  C CB  . ASP A 1 108 ? -8.393  -8.724  -13.279 1.00 80.00  ? 86  ASP A CB  1 
ATOM   634  C CG  . ASP A 1 108 ? -7.122  -7.872  -13.265 1.00 80.12  ? 86  ASP A CG  1 
ATOM   635  O OD1 . ASP A 1 108 ? -7.168  -6.702  -12.820 1.00 76.44  ? 86  ASP A OD1 1 
ATOM   636  O OD2 . ASP A 1 108 ? -6.071  -8.370  -13.726 1.00 81.24  ? 86  ASP A OD2 1 
ATOM   637  N N   . VAL A 1 109 ? -9.636  -6.306  -10.996 1.00 76.94  ? 87  VAL A N   1 
ATOM   638  C CA  . VAL A 1 109 ? -10.218 -4.967  -10.851 1.00 72.96  ? 87  VAL A CA  1 
ATOM   639  C C   . VAL A 1 109 ? -9.153  -3.873  -10.820 1.00 69.82  ? 87  VAL A C   1 
ATOM   640  O O   . VAL A 1 109 ? -9.409  -2.766  -10.350 1.00 71.42  ? 87  VAL A O   1 
ATOM   641  C CB  . VAL A 1 109 ? -11.059 -4.851  -9.566  1.00 71.13  ? 87  VAL A CB  1 
ATOM   642  C CG1 . VAL A 1 109 ? -12.332 -5.684  -9.664  1.00 74.25  ? 87  VAL A CG1 1 
ATOM   643  C CG2 . VAL A 1 109 ? -10.234 -5.253  -8.359  1.00 66.98  ? 87  VAL A CG2 1 
ATOM   644  N N   . SER A 1 110 ? -7.969  -4.182  -11.333 1.00 67.35  ? 88  SER A N   1 
ATOM   645  C CA  . SER A 1 110 ? -6.820  -3.294  -11.222 1.00 73.02  ? 88  SER A CA  1 
ATOM   646  C C   . SER A 1 110 ? -7.102  -1.857  -11.665 1.00 81.33  ? 88  SER A C   1 
ATOM   647  O O   . SER A 1 110 ? -6.760  -0.907  -10.954 1.00 80.32  ? 88  SER A O   1 
ATOM   648  C CB  . SER A 1 110 ? -5.647  -3.863  -12.014 1.00 72.24  ? 88  SER A CB  1 
ATOM   649  O OG  . SER A 1 110 ? -5.608  -5.271  -11.900 1.00 70.21  ? 88  SER A OG  1 
ATOM   650  N N   . ASN A 1 111 ? -7.730  -1.705  -12.830 1.00 82.13  ? 89  ASN A N   1 
ATOM   651  C CA  . ASN A 1 111 ? -8.070  -0.383  -13.362 1.00 81.84  ? 89  ASN A CA  1 
ATOM   652  C C   . ASN A 1 111 ? -9.263  0.256   -12.654 1.00 80.29  ? 89  ASN A C   1 
ATOM   653  O O   . ASN A 1 111 ? -9.281  1.468   -12.406 1.00 79.47  ? 89  ASN A O   1 
ATOM   654  C CB  . ASN A 1 111 ? -8.383  -0.482  -14.860 1.00 82.24  ? 89  ASN A CB  1 
ATOM   655  C CG  . ASN A 1 111 ? -7.310  -1.220  -15.630 1.00 90.12  ? 89  ASN A CG  1 
ATOM   656  O OD1 . ASN A 1 111 ? -7.510  -2.362  -16.061 1.00 94.14  ? 89  ASN A OD1 1 
ATOM   657  N ND2 . ASN A 1 111 ? -6.158  -0.570  -15.815 1.00 88.70  ? 89  ASN A ND2 1 
ATOM   658  N N   . GLU A 1 112 ? -10.260 -0.571  -12.350 1.00 76.91  ? 90  GLU A N   1 
ATOM   659  C CA  . GLU A 1 112 ? -11.501 -0.120  -11.731 1.00 79.39  ? 90  GLU A CA  1 
ATOM   660  C C   . GLU A 1 112 ? -11.252 0.657   -10.429 1.00 81.45  ? 90  GLU A C   1 
ATOM   661  O O   . GLU A 1 112 ? -11.885 1.690   -10.188 1.00 82.27  ? 90  GLU A O   1 
ATOM   662  C CB  . GLU A 1 112 ? -12.410 -1.328  -11.458 1.00 77.13  ? 90  GLU A CB  1 
ATOM   663  C CG  . GLU A 1 112 ? -13.813 -1.211  -12.040 1.00 79.71  ? 90  GLU A CG  1 
ATOM   664  C CD  . GLU A 1 112 ? -14.707 -2.397  -11.678 1.00 83.85  ? 90  GLU A CD  1 
ATOM   665  O OE1 . GLU A 1 112 ? -14.181 -3.524  -11.543 1.00 83.64  ? 90  GLU A OE1 1 
ATOM   666  O OE2 . GLU A 1 112 ? -15.936 -2.202  -11.522 1.00 83.99  ? 90  GLU A OE2 1 
ATOM   667  N N   . ILE A 1 113 ? -10.321 0.165   -9.608  1.00 76.04  ? 91  ILE A N   1 
ATOM   668  C CA  . ILE A 1 113 ? -10.020 0.791   -8.322  1.00 74.90  ? 91  ILE A CA  1 
ATOM   669  C C   . ILE A 1 113 ? -9.210  2.078   -8.461  1.00 76.70  ? 91  ILE A C   1 
ATOM   670  O O   . ILE A 1 113 ? -8.917  2.738   -7.463  1.00 77.87  ? 91  ILE A O   1 
ATOM   671  C CB  . ILE A 1 113 ? -9.236  -0.152  -7.358  1.00 72.39  ? 91  ILE A CB  1 
ATOM   672  C CG1 . ILE A 1 113 ? -7.828  -0.437  -7.895  1.00 73.35  ? 91  ILE A CG1 1 
ATOM   673  C CG2 . ILE A 1 113 ? -10.003 -1.441  -7.097  1.00 69.28  ? 91  ILE A CG2 1 
ATOM   674  C CD1 . ILE A 1 113 ? -6.797  -0.711  -6.816  1.00 69.89  ? 91  ILE A CD1 1 
ATOM   675  N N   . ARG A 1 114 ? -8.826  2.439   -9.679  1.00 75.76  ? 92  ARG A N   1 
ATOM   676  C CA  . ARG A 1 114 ? -8.022  3.656   -9.854  1.00 78.52  ? 92  ARG A CA  1 
ATOM   677  C C   . ARG A 1 114 ? -8.855  4.919   -10.126 1.00 79.22  ? 92  ARG A C   1 
ATOM   678  O O   . ARG A 1 114 ? -8.352  6.037   -9.973  1.00 77.35  ? 92  ARG A O   1 
ATOM   679  C CB  . ARG A 1 114 ? -6.932  3.463   -10.915 0.00 77.96  ? 92  ARG A CB  1 
ATOM   680  C CG  . ARG A 1 114 ? -5.566  3.062   -10.351 0.00 77.28  ? 92  ARG A CG  1 
ATOM   681  C CD  . ARG A 1 114 ? -5.646  1.788   -9.520  0.00 76.14  ? 92  ARG A CD  1 
ATOM   682  N NE  . ARG A 1 114 ? -4.334  1.324   -9.076  0.00 75.39  ? 92  ARG A NE  1 
ATOM   683  C CZ  . ARG A 1 114 ? -3.932  0.057   -9.126  0.00 74.56  ? 92  ARG A CZ  1 
ATOM   684  N NH1 . ARG A 1 114 ? -4.740  -0.882  -9.599  0.00 74.54  ? 92  ARG A NH1 1 
ATOM   685  N NH2 . ARG A 1 114 ? -2.720  -0.271  -8.701  0.00 73.25  ? 92  ARG A NH2 1 
ATOM   686  N N   . THR A 1 115 ? -10.128 4.751   -10.489 1.00 79.10  ? 93  THR A N   1 
ATOM   687  C CA  . THR A 1 115 ? -10.973 5.907   -10.831 1.00 82.40  ? 93  THR A CA  1 
ATOM   688  C C   . THR A 1 115 ? -11.219 6.838   -9.640  1.00 84.36  ? 93  THR A C   1 
ATOM   689  O O   . THR A 1 115 ? -11.016 6.455   -8.483  1.00 82.73  ? 93  THR A O   1 
ATOM   690  C CB  . THR A 1 115 ? -12.328 5.496   -11.450 1.00 80.27  ? 93  THR A CB  1 
ATOM   691  O OG1 . THR A 1 115 ? -13.232 5.097   -10.414 1.00 80.22  ? 93  THR A OG1 1 
ATOM   692  C CG2 . THR A 1 115 ? -12.141 4.359   -12.450 1.00 79.74  ? 93  THR A CG2 1 
ATOM   693  N N   . GLU A 1 116 ? -11.670 8.056   -9.927  1.00 84.70  ? 94  GLU A N   1 
ATOM   694  C CA  . GLU A 1 116 ? -11.766 9.079   -8.895  1.00 84.16  ? 94  GLU A CA  1 
ATOM   695  C C   . GLU A 1 116 ? -12.986 8.879   -8.002  1.00 82.63  ? 94  GLU A C   1 
ATOM   696  O O   . GLU A 1 116 ? -12.947 9.212   -6.818  1.00 83.94  ? 94  GLU A O   1 
ATOM   697  C CB  . GLU A 1 116 ? -11.754 10.492  -9.505  1.00 87.39  ? 94  GLU A CB  1 
ATOM   698  C CG  . GLU A 1 116 ? -10.916 11.498  -8.705  1.00 85.20  ? 94  GLU A CG  1 
ATOM   699  C CD  . GLU A 1 116 ? -11.317 12.941  -8.968  1.00 90.65  ? 94  GLU A CD  1 
ATOM   700  O OE1 . GLU A 1 116 ? -11.943 13.204  -10.023 1.00 96.18  ? 94  GLU A OE1 1 
ATOM   701  O OE2 . GLU A 1 116 ? -11.012 13.815  -8.120  1.00 84.25  ? 94  GLU A OE2 1 
ATOM   702  N N   . THR A 1 117 ? -14.064 8.337   -8.566  1.00 81.45  ? 95  THR A N   1 
ATOM   703  C CA  . THR A 1 117 ? -15.271 8.056   -7.787  1.00 80.29  ? 95  THR A CA  1 
ATOM   704  C C   . THR A 1 117 ? -15.043 6.949   -6.748  1.00 83.48  ? 95  THR A C   1 
ATOM   705  O O   . THR A 1 117 ? -15.577 6.994   -5.629  1.00 82.49  ? 95  THR A O   1 
ATOM   706  C CB  . THR A 1 117 ? -16.433 7.644   -8.698  1.00 81.27  ? 95  THR A CB  1 
ATOM   707  O OG1 . THR A 1 117 ? -17.457 7.019   -7.911  1.00 85.40  ? 95  THR A OG1 1 
ATOM   708  C CG2 . THR A 1 117 ? -15.952 6.658   -9.765  1.00 82.32  ? 95  THR A CG2 1 
ATOM   709  N N   . VAL A 1 118 ? -14.256 5.952   -7.140  1.00 80.70  ? 96  VAL A N   1 
ATOM   710  C CA  . VAL A 1 118 ? -13.882 4.856   -6.262  1.00 80.33  ? 96  VAL A CA  1 
ATOM   711  C C   . VAL A 1 118 ? -13.082 5.373   -5.060  1.00 77.64  ? 96  VAL A C   1 
ATOM   712  O O   . VAL A 1 118 ? -13.367 5.008   -3.916  1.00 75.09  ? 96  VAL A O   1 
ATOM   713  C CB  . VAL A 1 118 ? -13.068 3.794   -7.043  1.00 77.83  ? 96  VAL A CB  1 
ATOM   714  C CG1 . VAL A 1 118 ? -12.345 2.838   -6.097  1.00 76.00  ? 96  VAL A CG1 1 
ATOM   715  C CG2 . VAL A 1 118 ? -13.977 3.040   -7.995  1.00 75.50  ? 96  VAL A CG2 1 
ATOM   716  N N   . GLY A 1 119 ? -12.099 6.233   -5.330  1.00 77.75  ? 97  GLY A N   1 
ATOM   717  C CA  . GLY A 1 119 ? -11.234 6.785   -4.299  1.00 76.68  ? 97  GLY A CA  1 
ATOM   718  C C   . GLY A 1 119 ? -11.903 7.827   -3.413  1.00 77.97  ? 97  GLY A C   1 
ATOM   719  O O   . GLY A 1 119 ? -11.401 8.134   -2.319  1.00 76.54  ? 97  GLY A O   1 
ATOM   720  N N   . ASN A 1 120 ? -13.025 8.378   -3.884  1.00 77.31  ? 98  ASN A N   1 
ATOM   721  C CA  . ASN A 1 120 ? -13.835 9.281   -3.065  1.00 78.63  ? 98  ASN A CA  1 
ATOM   722  C C   . ASN A 1 120 ? -14.811 8.512   -2.184  1.00 74.96  ? 98  ASN A C   1 
ATOM   723  O O   . ASN A 1 120 ? -15.207 8.989   -1.123  1.00 75.31  ? 98  ASN A O   1 
ATOM   724  C CB  . ASN A 1 120 ? -14.588 10.316  -3.917  1.00 79.10  ? 98  ASN A CB  1 
ATOM   725  C CG  . ASN A 1 120 ? -13.654 11.337  -4.570  1.00 84.18  ? 98  ASN A CG  1 
ATOM   726  O OD1 . ASN A 1 120 ? -12.487 11.475  -4.187  1.00 82.93  ? 98  ASN A OD1 1 
ATOM   727  N ND2 . ASN A 1 120 ? -14.174 12.065  -5.560  1.00 82.43  ? 98  ASN A ND2 1 
ATOM   728  N N   . THR A 1 121 ? -15.227 7.334   -2.633  1.00 72.80  ? 99  THR A N   1 
ATOM   729  C CA  . THR A 1 121 ? -16.048 6.483   -1.780  1.00 73.41  ? 99  THR A CA  1 
ATOM   730  C C   . THR A 1 121 ? -15.172 5.717   -0.773  1.00 70.40  ? 99  THR A C   1 
ATOM   731  O O   . THR A 1 121 ? -15.656 5.282   0.266   1.00 69.83  ? 99  THR A O   1 
ATOM   732  C CB  . THR A 1 121 ? -16.960 5.525   -2.590  1.00 75.48  ? 99  THR A CB  1 
ATOM   733  O OG1 . THR A 1 121 ? -16.158 4.701   -3.440  1.00 76.28  ? 99  THR A OG1 1 
ATOM   734  C CG2 . THR A 1 121 ? -17.932 6.320   -3.455  1.00 77.54  ? 99  THR A CG2 1 
ATOM   735  N N   . ALA A 1 122 ? -13.887 5.565   -1.081  1.00 68.27  ? 100 ALA A N   1 
ATOM   736  C CA  . ALA A 1 122 ? -12.947 4.944   -0.151  1.00 69.87  ? 100 ALA A CA  1 
ATOM   737  C C   . ALA A 1 122 ? -12.680 5.846   1.061   1.00 69.39  ? 100 ALA A C   1 
ATOM   738  O O   . ALA A 1 122 ? -12.635 5.375   2.202   1.00 63.28  ? 100 ALA A O   1 
ATOM   739  C CB  . ALA A 1 122 ? -11.645 4.595   -0.857  1.00 66.80  ? 100 ALA A CB  1 
ATOM   740  N N   . SER A 1 123 ? -12.500 7.142   0.804   1.00 66.93  ? 101 SER A N   1 
ATOM   741  C CA  . SER A 1 123 ? -12.414 8.141   1.870   1.00 69.26  ? 101 SER A CA  1 
ATOM   742  C C   . SER A 1 123 ? -13.714 8.268   2.669   1.00 68.78  ? 101 SER A C   1 
ATOM   743  O O   . SER A 1 123 ? -13.709 8.771   3.790   1.00 72.06  ? 101 SER A O   1 
ATOM   744  C CB  . SER A 1 123 ? -12.030 9.516   1.310   1.00 71.87  ? 101 SER A CB  1 
ATOM   745  O OG  . SER A 1 123 ? -10.707 9.511   0.790   1.00 76.03  ? 101 SER A OG  1 
ATOM   746  N N   . GLN A 1 124 ? -14.827 7.816   2.104   1.00 69.13  ? 102 GLN A N   1 
ATOM   747  C CA  . GLN A 1 124 ? -16.105 7.918   2.798   1.00 69.08  ? 102 GLN A CA  1 
ATOM   748  C C   . GLN A 1 124 ? -16.258 6.755   3.763   1.00 67.11  ? 102 GLN A C   1 
ATOM   749  O O   . GLN A 1 124 ? -16.807 6.911   4.850   1.00 67.07  ? 102 GLN A O   1 
ATOM   750  C CB  . GLN A 1 124 ? -17.244 7.929   1.786   1.00 72.66  ? 102 GLN A CB  1 
ATOM   751  C CG  . GLN A 1 124 ? -18.583 8.461   2.280   1.00 74.89  ? 102 GLN A CG  1 
ATOM   752  C CD  . GLN A 1 124 ? -19.503 8.811   1.113   1.00 80.04  ? 102 GLN A CD  1 
ATOM   753  O OE1 . GLN A 1 124 ? -19.039 9.267   0.060   1.00 76.64  ? 102 GLN A OE1 1 
ATOM   754  N NE2 . GLN A 1 124 ? -20.805 8.584   1.286   1.00 77.32  ? 102 GLN A NE2 1 
ATOM   755  N N   . ALA A 1 125 ? -15.787 5.581   3.348   1.00 68.87  ? 103 ALA A N   1 
ATOM   756  C CA  . ALA A 1 125 ? -15.790 4.391   4.198   1.00 66.78  ? 103 ALA A CA  1 
ATOM   757  C C   . ALA A 1 125 ? -14.726 4.539   5.280   1.00 61.24  ? 103 ALA A C   1 
ATOM   758  O O   . ALA A 1 125 ? -14.937 4.168   6.432   1.00 62.63  ? 103 ALA A O   1 
ATOM   759  C CB  . ALA A 1 125 ? -15.505 3.158   3.364   1.00 65.67  ? 103 ALA A CB  1 
ATOM   760  N N   . ALA A 1 126 ? -13.589 5.101   4.887   1.00 59.24  ? 104 ALA A N   1 
ATOM   761  C CA  . ALA A 1 126 ? -12.425 5.241   5.751   1.00 60.89  ? 104 ALA A CA  1 
ATOM   762  C C   . ALA A 1 126 ? -12.688 6.145   6.943   1.00 63.81  ? 104 ALA A C   1 
ATOM   763  O O   . ALA A 1 126 ? -11.854 6.242   7.852   1.00 59.19  ? 104 ALA A O   1 
ATOM   764  C CB  . ALA A 1 126 ? -11.230 5.769   4.952   1.00 57.57  ? 104 ALA A CB  1 
ATOM   765  N N   . ALA A 1 127 ? -13.842 6.807   6.939   1.00 62.80  ? 105 ALA A N   1 
ATOM   766  C CA  . ALA A 1 127 ? -14.182 7.745   8.002   1.00 60.74  ? 105 ALA A CA  1 
ATOM   767  C C   . ALA A 1 127 ? -14.819 7.093   9.231   1.00 58.35  ? 105 ALA A C   1 
ATOM   768  O O   . ALA A 1 127 ? -14.804 7.684   10.306  1.00 59.28  ? 105 ALA A O   1 
ATOM   769  C CB  . ALA A 1 127 ? -15.053 8.893   7.465   1.00 57.78  ? 105 ALA A CB  1 
ATOM   770  N N   . PHE A 1 128 ? -15.367 5.883   9.083   1.00 63.73  ? 106 PHE A N   1 
ATOM   771  C CA  . PHE A 1 128 ? -16.002 5.147   10.205  1.00 58.00  ? 106 PHE A CA  1 
ATOM   772  C C   . PHE A 1 128 ? -14.999 4.242   10.946  1.00 59.36  ? 106 PHE A C   1 
ATOM   773  O O   . PHE A 1 128 ? -14.424 3.325   10.344  1.00 59.26  ? 106 PHE A O   1 
ATOM   774  C CB  . PHE A 1 128 ? -17.174 4.305   9.690   1.00 56.44  ? 106 PHE A CB  1 
ATOM   775  C CG  . PHE A 1 128 ? -18.279 5.121   9.053   1.00 66.89  ? 106 PHE A CG  1 
ATOM   776  C CD1 . PHE A 1 128 ? -19.337 5.598   9.821   1.00 67.89  ? 106 PHE A CD1 1 
ATOM   777  C CD2 . PHE A 1 128 ? -18.254 5.424   7.694   1.00 66.12  ? 106 PHE A CD2 1 
ATOM   778  C CE1 . PHE A 1 128 ? -20.347 6.352   9.245   1.00 72.14  ? 106 PHE A CE1 1 
ATOM   779  C CE2 . PHE A 1 128 ? -19.265 6.183   7.112   1.00 71.78  ? 106 PHE A CE2 1 
ATOM   780  C CZ  . PHE A 1 128 ? -20.311 6.647   7.888   1.00 73.88  ? 106 PHE A CZ  1 
ATOM   781  N N   . PRO A 1 129 ? -14.784 4.486   12.251  1.00 56.20  ? 107 PRO A N   1 
ATOM   782  C CA  . PRO A 1 129 ? -13.726 3.783   12.990  1.00 54.16  ? 107 PRO A CA  1 
ATOM   783  C C   . PRO A 1 129 ? -13.849 2.262   12.874  1.00 56.47  ? 107 PRO A C   1 
ATOM   784  O O   . PRO A 1 129 ? -12.866 1.565   12.579  1.00 55.49  ? 107 PRO A O   1 
ATOM   785  C CB  . PRO A 1 129 ? -13.966 4.207   14.440  1.00 53.86  ? 107 PRO A CB  1 
ATOM   786  C CG  . PRO A 1 129 ? -14.728 5.473   14.352  1.00 55.27  ? 107 PRO A CG  1 
ATOM   787  C CD  . PRO A 1 129 ? -15.594 5.342   13.133  1.00 57.44  ? 107 PRO A CD  1 
ATOM   788  N N   . ARG A 1 130 ? -15.060 1.766   13.095  1.00 56.47  ? 108 ARG A N   1 
ATOM   789  C CA  . ARG A 1 130 ? -15.360 0.341   13.015  1.00 59.51  ? 108 ARG A CA  1 
ATOM   790  C C   . ARG A 1 130 ? -15.022 -0.274  11.650  1.00 56.12  ? 108 ARG A C   1 
ATOM   791  O O   . ARG A 1 130 ? -14.635 -1.446  11.576  1.00 52.45  ? 108 ARG A O   1 
ATOM   792  C CB  . ARG A 1 130 ? -16.825 0.080   13.390  1.00 60.47  ? 108 ARG A CB  1 
ATOM   793  C CG  . ARG A 1 130 ? -17.117 0.273   14.880  1.00 63.74  ? 108 ARG A CG  1 
ATOM   794  C CD  . ARG A 1 130 ? -18.431 -0.376  15.292  1.00 66.79  ? 108 ARG A CD  1 
ATOM   795  N NE  . ARG A 1 130 ? -18.406 -1.836  15.156  1.00 73.01  ? 108 ARG A NE  1 
ATOM   796  C CZ  . ARG A 1 130 ? -19.367 -2.558  14.577  1.00 76.85  ? 108 ARG A CZ  1 
ATOM   797  N NH1 . ARG A 1 130 ? -20.445 -1.954  14.069  1.00 71.09  ? 108 ARG A NH1 1 
ATOM   798  N NH2 . ARG A 1 130 ? -19.251 -3.884  14.509  1.00 71.91  ? 108 ARG A NH2 1 
ATOM   799  N N   . VAL A 1 131 ? -15.146 0.513   10.578  1.00 56.14  ? 109 VAL A N   1 
ATOM   800  C CA  . VAL A 1 131 ? -14.683 0.057   9.269   1.00 53.40  ? 109 VAL A CA  1 
ATOM   801  C C   . VAL A 1 131 ? -13.157 0.050   9.222   1.00 55.83  ? 109 VAL A C   1 
ATOM   802  O O   . VAL A 1 131 ? -12.554 -0.873  8.676   1.00 55.60  ? 109 VAL A O   1 
ATOM   803  C CB  . VAL A 1 131 ? -15.212 0.916   8.121   1.00 58.54  ? 109 VAL A CB  1 
ATOM   804  C CG1 . VAL A 1 131 ? -14.543 0.512   6.813   1.00 55.84  ? 109 VAL A CG1 1 
ATOM   805  C CG2 . VAL A 1 131 ? -16.719 0.788   8.014   1.00 58.61  ? 109 VAL A CG2 1 
ATOM   806  N N   . ARG A 1 132 ? -12.531 1.061   9.817   1.00 52.19  ? 110 ARG A N   1 
ATOM   807  C CA  . ARG A 1 132 ? -11.084 1.096   9.863   1.00 54.46  ? 110 ARG A CA  1 
ATOM   808  C C   . ARG A 1 132 ? -10.530 -0.071  10.669  1.00 53.30  ? 110 ARG A C   1 
ATOM   809  O O   . ARG A 1 132 ? -9.542  -0.690  10.258  1.00 53.13  ? 110 ARG A O   1 
ATOM   810  C CB  . ARG A 1 132 ? -10.551 2.439   10.387  1.00 53.14  ? 110 ARG A CB  1 
ATOM   811  C CG  . ARG A 1 132 ? -10.806 3.588   9.428   1.00 53.26  ? 110 ARG A CG  1 
ATOM   812  C CD  . ARG A 1 132 ? -9.858  4.765   9.671   1.00 51.49  ? 110 ARG A CD  1 
ATOM   813  N NE  . ARG A 1 132 ? -9.897  5.238   11.051  1.00 55.78  ? 110 ARG A NE  1 
ATOM   814  C CZ  . ARG A 1 132 ? -10.824 6.055   11.540  1.00 55.50  ? 110 ARG A CZ  1 
ATOM   815  N NH1 . ARG A 1 132 ? -11.808 6.494   10.764  1.00 54.05  ? 110 ARG A NH1 1 
ATOM   816  N NH2 . ARG A 1 132 ? -10.771 6.425   12.811  1.00 52.70  ? 110 ARG A NH2 1 
ATOM   817  N N   . GLU A 1 133 ? -11.164 -0.379  11.799  1.00 51.56  ? 111 GLU A N   1 
ATOM   818  C CA  . GLU A 1 133 ? -10.756 -1.521  12.621  1.00 52.96  ? 111 GLU A CA  1 
ATOM   819  C C   . GLU A 1 133 ? -11.007 -2.854  11.893  1.00 55.76  ? 111 GLU A C   1 
ATOM   820  O O   . GLU A 1 133 ? -10.214 -3.791  11.992  1.00 52.04  ? 111 GLU A O   1 
ATOM   821  C CB  . GLU A 1 133 ? -11.437 -1.466  13.995  1.00 55.06  ? 111 GLU A CB  1 
ATOM   822  C CG  . GLU A 1 133 ? -10.895 -0.310  14.848  1.00 64.87  ? 111 GLU A CG  1 
ATOM   823  C CD  . GLU A 1 133 ? -11.915 0.280   15.837  1.00 74.36  ? 111 GLU A CD  1 
ATOM   824  O OE1 . GLU A 1 133 ? -13.096 -0.154  15.833  1.00 72.39  ? 111 GLU A OE1 1 
ATOM   825  O OE2 . GLU A 1 133 ? -11.529 1.190   16.623  1.00 73.64  ? 111 GLU A OE2 1 
ATOM   826  N N   . ALA A 1 134 ? -12.102 -2.917  11.138  1.00 54.45  ? 112 ALA A N   1 
ATOM   827  C CA  . ALA A 1 134 ? -12.389 -4.081  10.310  1.00 56.28  ? 112 ALA A CA  1 
ATOM   828  C C   . ALA A 1 134 ? -11.316 -4.291  9.233   1.00 58.08  ? 112 ALA A C   1 
ATOM   829  O O   . ALA A 1 134 ? -10.804 -5.401  9.053   1.00 59.52  ? 112 ALA A O   1 
ATOM   830  C CB  . ALA A 1 134 ? -13.767 -3.949  9.673   1.00 57.90  ? 112 ALA A CB  1 
ATOM   831  N N   . LEU A 1 135 ? -10.966 -3.220  8.525   1.00 54.86  ? 113 LEU A N   1 
ATOM   832  C CA  . LEU A 1 135 ? -9.916  -3.289  7.521   1.00 51.52  ? 113 LEU A CA  1 
ATOM   833  C C   . LEU A 1 135 ? -8.561  -3.576  8.160   1.00 51.20  ? 113 LEU A C   1 
ATOM   834  O O   . LEU A 1 135 ? -7.713  -4.214  7.561   1.00 46.93  ? 113 LEU A O   1 
ATOM   835  C CB  . LEU A 1 135 ? -9.849  -1.989  6.756   1.00 54.58  ? 113 LEU A CB  1 
ATOM   836  C CG  . LEU A 1 135 ? -9.947  -2.049  5.233   1.00 60.83  ? 113 LEU A CG  1 
ATOM   837  C CD1 . LEU A 1 135 ? -10.796 -3.225  4.737   1.00 55.66  ? 113 LEU A CD1 1 
ATOM   838  C CD2 . LEU A 1 135 ? -10.535 -0.725  4.782   1.00 58.64  ? 113 LEU A CD2 1 
ATOM   839  N N   . LEU A 1 136 ? -8.363  -3.133  9.392   1.00 48.38  ? 114 LEU A N   1 
ATOM   840  C CA  . LEU A 1 136 ? -7.110  -3.416  10.060  1.00 49.36  ? 114 LEU A CA  1 
ATOM   841  C C   . LEU A 1 136 ? -6.984  -4.934  10.276  1.00 51.64  ? 114 LEU A C   1 
ATOM   842  O O   . LEU A 1 136 ? -5.940  -5.520  9.981   1.00 51.90  ? 114 LEU A O   1 
ATOM   843  C CB  . LEU A 1 136 ? -7.029  -2.629  11.374  1.00 45.77  ? 114 LEU A CB  1 
ATOM   844  C CG  . LEU A 1 136 ? -5.895  -2.941  12.345  1.00 51.33  ? 114 LEU A CG  1 
ATOM   845  C CD1 . LEU A 1 136 ? -4.545  -2.696  11.708  1.00 50.42  ? 114 LEU A CD1 1 
ATOM   846  C CD2 . LEU A 1 136 ? -6.074  -2.072  13.564  1.00 50.22  ? 114 LEU A CD2 1 
ATOM   847  N N   . ARG A 1 137 ? -8.057  -5.573  10.744  1.00 54.50  ? 115 ARG A N   1 
ATOM   848  C CA  . ARG A 1 137 ? -8.057  -7.031  10.940  1.00 54.33  ? 115 ARG A CA  1 
ATOM   849  C C   . ARG A 1 137 ? -7.920  -7.785  9.614   1.00 52.44  ? 115 ARG A C   1 
ATOM   850  O O   . ARG A 1 137 ? -7.182  -8.773  9.522   1.00 50.19  ? 115 ARG A O   1 
ATOM   851  C CB  . ARG A 1 137 ? -9.330  -7.483  11.666  1.00 61.41  ? 115 ARG A CB  1 
ATOM   852  C CG  . ARG A 1 137 ? -9.306  -7.272  13.190  1.00 66.37  ? 115 ARG A CG  1 
ATOM   853  C CD  . ARG A 1 137 ? -10.540 -7.911  13.864  1.00 69.83  ? 115 ARG A CD  1 
ATOM   854  N NE  . ARG A 1 137 ? -10.762 -9.285  13.410  1.00 77.52  ? 115 ARG A NE  1 
ATOM   855  C CZ  . ARG A 1 137 ? -10.288 -10.376 14.017  1.00 81.95  ? 115 ARG A CZ  1 
ATOM   856  N NH1 . ARG A 1 137 ? -9.559  -10.273 15.124  1.00 77.32  ? 115 ARG A NH1 1 
ATOM   857  N NH2 . ARG A 1 137 ? -10.548 -11.580 13.511  1.00 83.50  ? 115 ARG A NH2 1 
ATOM   858  N N   . ARG A 1 138 ? -8.630  -7.333  8.585   1.00 50.13  ? 116 ARG A N   1 
ATOM   859  C CA  . ARG A 1 138 ? -8.464  -7.952  7.278   1.00 51.41  ? 116 ARG A CA  1 
ATOM   860  C C   . ARG A 1 138 ? -7.002  -7.898  6.789   1.00 53.53  ? 116 ARG A C   1 
ATOM   861  O O   . ARG A 1 138 ? -6.501  -8.884  6.233   1.00 55.43  ? 116 ARG A O   1 
ATOM   862  C CB  . ARG A 1 138 ? -9.394  -7.315  6.251   1.00 55.79  ? 116 ARG A CB  1 
ATOM   863  C CG  . ARG A 1 138 ? -9.380  -8.029  4.906   1.00 58.35  ? 116 ARG A CG  1 
ATOM   864  C CD  . ARG A 1 138 ? -9.837  -9.467  5.043   1.00 58.13  ? 116 ARG A CD  1 
ATOM   865  N NE  . ARG A 1 138 ? -9.692  -10.221 3.799   1.00 55.91  ? 116 ARG A NE  1 
ATOM   866  C CZ  . ARG A 1 138 ? -8.585  -10.872 3.463   1.00 57.72  ? 116 ARG A CZ  1 
ATOM   867  N NH1 . ARG A 1 138 ? -7.541  -10.840 4.282   1.00 54.73  ? 116 ARG A NH1 1 
ATOM   868  N NH2 . ARG A 1 138 ? -8.519  -11.549 2.320   1.00 60.58  ? 116 ARG A NH2 1 
ATOM   869  N N   . GLN A 1 139 ? -6.309  -6.779  7.019   1.00 46.22  ? 117 GLN A N   1 
ATOM   870  C CA  . GLN A 1 139 ? -4.933  -6.614  6.541   1.00 47.78  ? 117 GLN A CA  1 
ATOM   871  C C   . GLN A 1 139 ? -3.964  -7.477  7.335   1.00 49.65  ? 117 GLN A C   1 
ATOM   872  O O   . GLN A 1 139 ? -3.002  -7.994  6.780   1.00 49.25  ? 117 GLN A O   1 
ATOM   873  C CB  . GLN A 1 139 ? -4.467  -5.149  6.634   1.00 44.02  ? 117 GLN A CB  1 
ATOM   874  C CG  . GLN A 1 139 ? -5.326  -4.142  5.896   1.00 51.11  ? 117 GLN A CG  1 
ATOM   875  C CD  . GLN A 1 139 ? -4.771  -2.716  5.989   1.00 54.21  ? 117 GLN A CD  1 
ATOM   876  O OE1 . GLN A 1 139 ? -3.695  -2.424  5.469   1.00 53.54  ? 117 GLN A OE1 1 
ATOM   877  N NE2 . GLN A 1 139 ? -5.494  -1.835  6.672   1.00 51.92  ? 117 GLN A NE2 1 
ATOM   878  N N   . ARG A 1 140 ? -4.165  -7.591  8.641   1.00 48.03  ? 118 ARG A N   1 
ATOM   879  C CA  . ARG A 1 140 ? -3.350  -8.529  9.410   1.00 53.47  ? 118 ARG A CA  1 
ATOM   880  C C   . ARG A 1 140 ? -3.473  -9.951  8.870   1.00 51.17  ? 118 ARG A C   1 
ATOM   881  O O   . ARG A 1 140 ? -2.492  -10.692 8.806   1.00 53.55  ? 118 ARG A O   1 
ATOM   882  C CB  . ARG A 1 140 ? -3.713  -8.465  10.892  1.00 50.73  ? 118 ARG A CB  1 
ATOM   883  C CG  . ARG A 1 140 ? -3.126  -7.227  11.542  1.00 52.49  ? 118 ARG A CG  1 
ATOM   884  C CD  . ARG A 1 140 ? -3.748  -6.887  12.867  1.00 48.46  ? 118 ARG A CD  1 
ATOM   885  N NE  . ARG A 1 140 ? -3.011  -5.789  13.484  1.00 48.49  ? 118 ARG A NE  1 
ATOM   886  C CZ  . ARG A 1 140 ? -3.402  -5.146  14.578  1.00 56.09  ? 118 ARG A CZ  1 
ATOM   887  N NH1 . ARG A 1 140 ? -4.540  -5.493  15.177  1.00 57.94  ? 118 ARG A NH1 1 
ATOM   888  N NH2 . ARG A 1 140 ? -2.659  -4.158  15.068  1.00 51.24  ? 118 ARG A NH2 1 
ATOM   889  N N   . ALA A 1 141 ? -4.671  -10.312 8.429   1.00 52.59  ? 119 ALA A N   1 
ATOM   890  C CA  . ALA A 1 141 ? -4.913  -11.672 7.940   1.00 53.81  ? 119 ALA A CA  1 
ATOM   891  C C   . ALA A 1 141 ? -4.146  -11.973 6.661   1.00 55.90  ? 119 ALA A C   1 
ATOM   892  O O   . ALA A 1 141 ? -4.184  -13.108 6.177   1.00 50.45  ? 119 ALA A O   1 
ATOM   893  C CB  . ALA A 1 141 ? -6.405  -11.915 7.730   1.00 46.98  ? 119 ALA A CB  1 
ATOM   894  N N   . PHE A 1 142 ? -3.461  -10.970 6.105   1.00 52.05  ? 120 PHE A N   1 
ATOM   895  C CA  . PHE A 1 142 ? -2.587  -11.225 4.964   1.00 51.93  ? 120 PHE A CA  1 
ATOM   896  C C   . PHE A 1 142 ? -1.287  -11.924 5.356   1.00 55.79  ? 120 PHE A C   1 
ATOM   897  O O   . PHE A 1 142 ? -0.611  -12.512 4.502   1.00 56.56  ? 120 PHE A O   1 
ATOM   898  C CB  . PHE A 1 142 ? -2.270  -9.936  4.225   1.00 47.89  ? 120 PHE A CB  1 
ATOM   899  C CG  . PHE A 1 142 ? -3.279  -9.584  3.194   1.00 51.64  ? 120 PHE A CG  1 
ATOM   900  C CD1 . PHE A 1 142 ? -4.495  -9.017  3.552   1.00 47.26  ? 120 PHE A CD1 1 
ATOM   901  C CD2 . PHE A 1 142 ? -3.021  -9.811  1.856   1.00 50.72  ? 120 PHE A CD2 1 
ATOM   902  C CE1 . PHE A 1 142 ? -5.417  -8.700  2.601   1.00 47.71  ? 120 PHE A CE1 1 
ATOM   903  C CE2 . PHE A 1 142 ? -3.961  -9.484  0.901   1.00 46.58  ? 120 PHE A CE2 1 
ATOM   904  C CZ  . PHE A 1 142 ? -5.154  -8.933  1.278   1.00 47.38  ? 120 PHE A CZ  1 
ATOM   905  N N   . ARG A 1 143 ? -0.925  -11.838 6.636   1.00 51.93  ? 121 ARG A N   1 
ATOM   906  C CA  . ARG A 1 143 ? 0.312   -12.446 7.119   1.00 56.97  ? 121 ARG A CA  1 
ATOM   907  C C   . ARG A 1 143 ? 0.247   -13.978 7.060   1.00 58.69  ? 121 ARG A C   1 
ATOM   908  O O   . ARG A 1 143 ? -0.445  -14.609 7.863   1.00 51.77  ? 121 ARG A O   1 
ATOM   909  C CB  . ARG A 1 143 ? 0.621   -12.006 8.552   1.00 56.29  ? 121 ARG A CB  1 
ATOM   910  C CG  . ARG A 1 143 ? 2.065   -12.250 8.915   1.00 60.32  ? 121 ARG A CG  1 
ATOM   911  C CD  . ARG A 1 143 ? 2.235   -12.846 10.283  1.00 67.40  ? 121 ARG A CD  1 
ATOM   912  N NE  . ARG A 1 143 ? 2.433   -11.864 11.342  1.00 71.01  ? 121 ARG A NE  1 
ATOM   913  C CZ  . ARG A 1 143 ? 3.623   -11.508 11.824  1.00 71.41  ? 121 ARG A CZ  1 
ATOM   914  N NH1 . ARG A 1 143 ? 4.729   -12.041 11.321  1.00 65.05  ? 121 ARG A NH1 1 
ATOM   915  N NH2 . ARG A 1 143 ? 3.709   -10.609 12.805  1.00 70.83  ? 121 ARG A NH2 1 
ATOM   916  N N   . GLU A 1 144 ? 0.959   -14.557 6.090   1.00 61.78  ? 122 GLU A N   1 
ATOM   917  C CA  . GLU A 1 144 ? 0.941   -16.003 5.827   1.00 57.90  ? 122 GLU A CA  1 
ATOM   918  C C   . GLU A 1 144 ? 2.340   -16.447 5.433   1.00 59.24  ? 122 GLU A C   1 
ATOM   919  O O   . GLU A 1 144 ? 3.211   -15.613 5.191   1.00 60.15  ? 122 GLU A O   1 
ATOM   920  C CB  . GLU A 1 144 ? -0.008  -16.333 4.679   0.00 59.56  ? 122 GLU A CB  1 
ATOM   921  C CG  . GLU A 1 144 ? -1.482  -16.301 5.019   0.00 60.12  ? 122 GLU A CG  1 
ATOM   922  C CD  . GLU A 1 144 ? -2.337  -16.538 3.796   0.00 62.15  ? 122 GLU A CD  1 
ATOM   923  O OE1 . GLU A 1 144 ? -1.753  -16.780 2.721   0.00 63.24  ? 122 GLU A OE1 1 
ATOM   924  O OE2 . GLU A 1 144 ? -3.580  -16.480 3.904   0.00 62.11  ? 122 GLU A OE2 1 
ATOM   925  N N   . ALA A 1 145 ? 2.554   -17.756 5.358   1.00 59.45  ? 123 ALA A N   1 
ATOM   926  C CA  . ALA A 1 145 ? 3.797   -18.292 4.818   1.00 56.43  ? 123 ALA A CA  1 
ATOM   927  C C   . ALA A 1 145 ? 3.732   -18.227 3.305   1.00 55.67  ? 123 ALA A C   1 
ATOM   928  O O   . ALA A 1 145 ? 2.651   -18.368 2.717   1.00 58.22  ? 123 ALA A O   1 
ATOM   929  C CB  . ALA A 1 145 ? 4.025   -19.731 5.285   1.00 55.42  ? 123 ALA A CB  1 
ATOM   930  N N   . PRO A 1 146 ? 4.888   -18.014 2.656   1.00 52.58  ? 124 PRO A N   1 
ATOM   931  C CA  . PRO A 1 146 ? 6.228   -17.906 3.253   1.00 55.61  ? 124 PRO A CA  1 
ATOM   932  C C   . PRO A 1 146 ? 6.578   -16.551 3.863   1.00 59.25  ? 124 PRO A C   1 
ATOM   933  O O   . PRO A 1 146 ? 7.647   -16.441 4.476   1.00 59.11  ? 124 PRO A O   1 
ATOM   934  C CB  . PRO A 1 146 ? 7.143   -18.136 2.051   1.00 59.05  ? 124 PRO A CB  1 
ATOM   935  C CG  . PRO A 1 146 ? 6.381   -17.584 0.917   1.00 54.93  ? 124 PRO A CG  1 
ATOM   936  C CD  . PRO A 1 146 ? 4.940   -17.917 1.188   1.00 51.94  ? 124 PRO A CD  1 
ATOM   937  N N   . GLY A 1 147 ? 5.724   -15.541 3.687   1.00 59.03  ? 125 GLY A N   1 
ATOM   938  C CA  . GLY A 1 147 ? 6.049   -14.195 4.134   1.00 52.00  ? 125 GLY A CA  1 
ATOM   939  C C   . GLY A 1 147 ? 5.217   -13.109 3.469   1.00 51.94  ? 125 GLY A C   1 
ATOM   940  O O   . GLY A 1 147 ? 4.594   -13.331 2.425   1.00 52.56  ? 125 GLY A O   1 
ATOM   941  N N   . LEU A 1 148 ? 5.194   -11.929 4.084   1.00 49.20  ? 126 LEU A N   1 
ATOM   942  C CA  . LEU A 1 148 ? 4.376   -10.842 3.583   1.00 49.21  ? 126 LEU A CA  1 
ATOM   943  C C   . LEU A 1 148 ? 5.211   -9.598  3.402   1.00 50.92  ? 126 LEU A C   1 
ATOM   944  O O   . LEU A 1 148 ? 6.020   -9.269  4.277   1.00 50.16  ? 126 LEU A O   1 
ATOM   945  C CB  . LEU A 1 148 ? 3.225   -10.533 4.549   1.00 47.11  ? 126 LEU A CB  1 
ATOM   946  C CG  . LEU A 1 148 ? 2.271   -9.395  4.174   1.00 47.53  ? 126 LEU A CG  1 
ATOM   947  C CD1 . LEU A 1 148 ? 1.746   -9.576  2.735   1.00 47.90  ? 126 LEU A CD1 1 
ATOM   948  C CD2 . LEU A 1 148 ? 1.094   -9.316  5.139   1.00 46.90  ? 126 LEU A CD2 1 
ATOM   949  N N   . ILE A 1 149 ? 5.022   -8.929  2.259   1.00 50.84  ? 127 ILE A N   1 
ATOM   950  C CA  . ILE A 1 149 ? 5.470   -7.555  2.079   1.00 46.57  ? 127 ILE A CA  1 
ATOM   951  C C   . ILE A 1 149 ? 4.265   -6.619  2.271   1.00 47.61  ? 127 ILE A C   1 
ATOM   952  O O   . ILE A 1 149 ? 3.312   -6.634  1.492   1.00 50.28  ? 127 ILE A O   1 
ATOM   953  C CB  . ILE A 1 149 ? 6.084   -7.287  0.683   1.00 51.13  ? 127 ILE A CB  1 
ATOM   954  C CG1 . ILE A 1 149 ? 7.109   -8.351  0.310   1.00 50.11  ? 127 ILE A CG1 1 
ATOM   955  C CG2 . ILE A 1 149 ? 6.746   -5.903  0.659   1.00 48.13  ? 127 ILE A CG2 1 
ATOM   956  C CD1 . ILE A 1 149 ? 8.303   -8.360  1.212   1.00 52.53  ? 127 ILE A CD1 1 
ATOM   957  N N   . ALA A 1 150 ? 4.311   -5.791  3.306   1.00 46.11  ? 128 ALA A N   1 
ATOM   958  C CA  . ALA A 1 150 ? 3.190   -4.921  3.641   1.00 46.44  ? 128 ALA A CA  1 
ATOM   959  C C   . ALA A 1 150 ? 3.523   -3.466  3.304   1.00 47.54  ? 128 ALA A C   1 
ATOM   960  O O   . ALA A 1 150 ? 4.422   -2.867  3.904   1.00 43.17  ? 128 ALA A O   1 
ATOM   961  C CB  . ALA A 1 150 ? 2.848   -5.057  5.115   1.00 40.66  ? 128 ALA A CB  1 
ATOM   962  N N   . ASP A 1 151 ? 2.790   -2.920  2.342   1.00 46.18  ? 129 ASP A N   1 
ATOM   963  C CA  . ASP A 1 151 ? 3.029   -1.591  1.811   1.00 46.28  ? 129 ASP A CA  1 
ATOM   964  C C   . ASP A 1 151 ? 1.930   -0.640  2.319   1.00 48.71  ? 129 ASP A C   1 
ATOM   965  O O   . ASP A 1 151 ? 0.758   -0.785  1.958   1.00 51.54  ? 129 ASP A O   1 
ATOM   966  C CB  . ASP A 1 151 ? 3.001   -1.686  0.272   1.00 48.46  ? 129 ASP A CB  1 
ATOM   967  C CG  . ASP A 1 151 ? 3.098   -0.333  -0.407  1.00 63.13  ? 129 ASP A CG  1 
ATOM   968  O OD1 . ASP A 1 151 ? 2.884   -0.247  -1.650  1.00 65.76  ? 129 ASP A OD1 1 
ATOM   969  O OD2 . ASP A 1 151 ? 3.398   0.673   0.292   1.00 66.05  ? 129 ASP A OD2 1 
ATOM   970  N N   . GLY A 1 152 ? 2.290   0.336   3.151   1.00 49.85  ? 130 GLY A N   1 
ATOM   971  C CA  . GLY A 1 152 ? 1.287   1.261   3.680   1.00 50.11  ? 130 GLY A CA  1 
ATOM   972  C C   . GLY A 1 152 ? 1.854   2.530   4.288   1.00 54.14  ? 130 GLY A C   1 
ATOM   973  O O   . GLY A 1 152 ? 2.856   3.065   3.819   1.00 58.29  ? 130 GLY A O   1 
ATOM   974  N N   . ARG A 1 153 ? 1.217   3.014   5.345   1.00 55.96  ? 131 ARG A N   1 
ATOM   975  C CA  . ARG A 1 153 ? 1.663   4.225   6.017   1.00 56.84  ? 131 ARG A CA  1 
ATOM   976  C C   . ARG A 1 153 ? 2.005   3.959   7.482   1.00 57.36  ? 131 ARG A C   1 
ATOM   977  O O   . ARG A 1 153 ? 2.957   4.531   8.031   1.00 50.34  ? 131 ARG A O   1 
ATOM   978  C CB  . ARG A 1 153 ? 0.588   5.310   5.905   1.00 58.75  ? 131 ARG A CB  1 
ATOM   979  C CG  . ARG A 1 153 ? 0.330   5.774   4.470   1.00 64.27  ? 131 ARG A CG  1 
ATOM   980  C CD  . ARG A 1 153 ? -0.872  6.714   4.352   1.00 70.80  ? 131 ARG A CD  1 
ATOM   981  N NE  . ARG A 1 153 ? -0.499  8.114   4.535   1.00 77.29  ? 131 ARG A NE  1 
ATOM   982  C CZ  . ARG A 1 153 ? -0.466  8.730   5.714   1.00 81.05  ? 131 ARG A CZ  1 
ATOM   983  N NH1 . ARG A 1 153 ? -0.786  8.066   6.824   1.00 78.28  ? 131 ARG A NH1 1 
ATOM   984  N NH2 . ARG A 1 153 ? -0.113  10.010  5.785   1.00 75.61  ? 131 ARG A NH2 1 
ATOM   985  N N   . ASP A 1 154 ? 1.233   3.065   8.099   1.00 57.39  ? 132 ASP A N   1 
ATOM   986  C CA  . ASP A 1 154 ? 1.315   2.800   9.529   1.00 55.87  ? 132 ASP A CA  1 
ATOM   987  C C   . ASP A 1 154 ? 1.585   1.308   9.712   1.00 59.20  ? 132 ASP A C   1 
ATOM   988  O O   . ASP A 1 154 ? 1.295   0.737   10.774  1.00 56.72  ? 132 ASP A O   1 
ATOM   989  C CB  . ASP A 1 154 ? -0.034  3.137   10.177  1.00 51.86  ? 132 ASP A CB  1 
ATOM   990  C CG  . ASP A 1 154 ? -1.180  2.332   9.565   1.00 59.76  ? 132 ASP A CG  1 
ATOM   991  O OD1 . ASP A 1 154 ? -1.013  1.822   8.429   1.00 69.16  ? 132 ASP A OD1 1 
ATOM   992  O OD2 . ASP A 1 154 ? -2.254  2.195   10.189  1.00 68.18  ? 132 ASP A OD2 1 
ATOM   993  N N   . MET A 1 155 ? 2.117   0.677   8.665   1.00 53.21  ? 133 MET A N   1 
ATOM   994  C CA  . MET A 1 155 ? 2.329   -0.765  8.659   1.00 49.90  ? 133 MET A CA  1 
ATOM   995  C C   . MET A 1 155 ? 3.225   -1.203  9.780   1.00 49.11  ? 133 MET A C   1 
ATOM   996  O O   . MET A 1 155 ? 2.909   -2.154  10.484  1.00 51.88  ? 133 MET A O   1 
ATOM   997  C CB  . MET A 1 155 ? 2.914   -1.233  7.329   1.00 46.82  ? 133 MET A CB  1 
ATOM   998  C CG  . MET A 1 155 ? 1.884   -1.296  6.235   1.00 51.89  ? 133 MET A CG  1 
ATOM   999  S SD  . MET A 1 155 ? 0.670   -2.572  6.604   1.00 62.28  ? 133 MET A SD  1 
ATOM   1000 C CE  . MET A 1 155 ? -0.604  -2.108  5.468   1.00 51.19  ? 133 MET A CE  1 
ATOM   1001 N N   . GLY A 1 156 ? 4.334   -0.498  9.966   1.00 51.50  ? 134 GLY A N   1 
ATOM   1002 C CA  . GLY A 1 156 ? 5.317   -0.886  10.965  1.00 51.37  ? 134 GLY A CA  1 
ATOM   1003 C C   . GLY A 1 156 ? 5.016   -0.374  12.367  1.00 54.95  ? 134 GLY A C   1 
ATOM   1004 O O   . GLY A 1 156 ? 5.684   -0.763  13.329  1.00 56.82  ? 134 GLY A O   1 
ATOM   1005 N N   . THR A 1 157 ? 4.012   0.487   12.492  1.00 53.57  ? 135 THR A N   1 
ATOM   1006 C CA  . THR A 1 157 ? 3.728   1.158   13.766  1.00 58.37  ? 135 THR A CA  1 
ATOM   1007 C C   . THR A 1 157 ? 2.404   0.695   14.347  1.00 56.25  ? 135 THR A C   1 
ATOM   1008 O O   . THR A 1 157 ? 2.224   0.665   15.557  1.00 58.83  ? 135 THR A O   1 
ATOM   1009 C CB  . THR A 1 157 ? 3.692   2.699   13.612  1.00 58.56  ? 135 THR A CB  1 
ATOM   1010 O OG1 . THR A 1 157 ? 2.760   3.059   12.586  1.00 57.85  ? 135 THR A OG1 1 
ATOM   1011 C CG2 . THR A 1 157 ? 5.069   3.237   13.234  1.00 62.71  ? 135 THR A CG2 1 
ATOM   1012 N N   . ILE A 1 158 ? 1.469   0.333   13.477  1.00 55.32  ? 136 ILE A N   1 
ATOM   1013 C CA  . ILE A 1 158 ? 0.159   -0.110  13.944  1.00 54.60  ? 136 ILE A CA  1 
ATOM   1014 C C   . ILE A 1 158 ? -0.292  -1.476  13.413  1.00 51.43  ? 136 ILE A C   1 
ATOM   1015 O O   . ILE A 1 158 ? -0.734  -2.318  14.196  1.00 52.13  ? 136 ILE A O   1 
ATOM   1016 C CB  . ILE A 1 158 ? -0.947  0.959   13.696  1.00 59.39  ? 136 ILE A CB  1 
ATOM   1017 C CG1 . ILE A 1 158 ? -0.711  2.191   14.598  1.00 60.91  ? 136 ILE A CG1 1 
ATOM   1018 C CG2 . ILE A 1 158 ? -2.334  0.368   13.956  1.00 52.06  ? 136 ILE A CG2 1 
ATOM   1019 C CD1 . ILE A 1 158 ? -1.627  3.391   14.276  1.00 59.99  ? 136 ILE A CD1 1 
ATOM   1020 N N   . VAL A 1 159 ? -0.210  -1.713  12.105  1.00 51.10  ? 137 VAL A N   1 
ATOM   1021 C CA  . VAL A 1 159 ? -0.686  -3.000  11.590  1.00 50.34  ? 137 VAL A CA  1 
ATOM   1022 C C   . VAL A 1 159 ? 0.187   -4.170  12.069  1.00 49.76  ? 137 VAL A C   1 
ATOM   1023 O O   . VAL A 1 159 ? -0.333  -5.159  12.564  1.00 51.14  ? 137 VAL A O   1 
ATOM   1024 C CB  . VAL A 1 159 ? -0.830  -3.042  10.054  1.00 52.84  ? 137 VAL A CB  1 
ATOM   1025 C CG1 . VAL A 1 159 ? -1.374  -4.411  9.628   1.00 49.85  ? 137 VAL A CG1 1 
ATOM   1026 C CG2 . VAL A 1 159 ? -1.772  -1.927  9.539   1.00 47.27  ? 137 VAL A CG2 1 
ATOM   1027 N N   . PHE A 1 160 ? 1.503   -4.036  11.950  1.00 47.82  ? 138 PHE A N   1 
ATOM   1028 C CA  . PHE A 1 160 ? 2.428   -5.104  12.301  1.00 48.92  ? 138 PHE A CA  1 
ATOM   1029 C C   . PHE A 1 160 ? 3.561   -4.558  13.174  1.00 53.68  ? 138 PHE A C   1 
ATOM   1030 O O   . PHE A 1 160 ? 4.741   -4.591  12.784  1.00 49.64  ? 138 PHE A O   1 
ATOM   1031 C CB  . PHE A 1 160 ? 3.053   -5.721  11.039  1.00 50.32  ? 138 PHE A CB  1 
ATOM   1032 C CG  . PHE A 1 160 ? 2.068   -6.383  10.118  1.00 47.92  ? 138 PHE A CG  1 
ATOM   1033 C CD1 . PHE A 1 160 ? 1.388   -7.524  10.507  1.00 46.28  ? 138 PHE A CD1 1 
ATOM   1034 C CD2 . PHE A 1 160 ? 1.848   -5.881  8.857   1.00 44.68  ? 138 PHE A CD2 1 
ATOM   1035 C CE1 . PHE A 1 160 ? 0.497   -8.143  9.657   1.00 46.26  ? 138 PHE A CE1 1 
ATOM   1036 C CE2 . PHE A 1 160 ? 0.938   -6.484  7.994   1.00 47.07  ? 138 PHE A CE2 1 
ATOM   1037 C CZ  . PHE A 1 160 ? 0.267   -7.618  8.402   1.00 49.80  ? 138 PHE A CZ  1 
ATOM   1038 N N   . PRO A 1 161 ? 3.228   -4.094  14.381  1.00 54.54  ? 139 PRO A N   1 
ATOM   1039 C CA  . PRO A 1 161 ? 4.246   -3.382  15.159  1.00 54.33  ? 139 PRO A CA  1 
ATOM   1040 C C   . PRO A 1 161 ? 5.414   -4.282  15.538  1.00 55.88  ? 139 PRO A C   1 
ATOM   1041 O O   . PRO A 1 161 ? 6.486   -3.756  15.846  1.00 57.86  ? 139 PRO A O   1 
ATOM   1042 C CB  . PRO A 1 161 ? 3.483   -2.953  16.421  1.00 53.56  ? 139 PRO A CB  1 
ATOM   1043 C CG  . PRO A 1 161 ? 2.405   -4.001  16.573  1.00 54.37  ? 139 PRO A CG  1 
ATOM   1044 C CD  . PRO A 1 161 ? 2.003   -4.360  15.161  1.00 55.73  ? 139 PRO A CD  1 
ATOM   1045 N N   . ASP A 1 162 ? 5.215   -5.601  15.524  1.00 55.09  ? 140 ASP A N   1 
ATOM   1046 C CA  . ASP A 1 162 ? 6.292   -6.544  15.870  1.00 57.79  ? 140 ASP A CA  1 
ATOM   1047 C C   . ASP A 1 162 ? 7.080   -7.140  14.670  1.00 59.97  ? 140 ASP A C   1 
ATOM   1048 O O   . ASP A 1 162 ? 7.867   -8.086  14.844  1.00 58.71  ? 140 ASP A O   1 
ATOM   1049 C CB  . ASP A 1 162 ? 5.737   -7.665  16.754  1.00 54.62  ? 140 ASP A CB  1 
ATOM   1050 C CG  . ASP A 1 162 ? 5.530   -7.213  18.190  1.00 67.22  ? 140 ASP A CG  1 
ATOM   1051 O OD1 . ASP A 1 162 ? 6.526   -6.758  18.801  1.00 67.18  ? 140 ASP A OD1 1 
ATOM   1052 O OD2 . ASP A 1 162 ? 4.380   -7.286  18.702  1.00 66.31  ? 140 ASP A OD2 1 
ATOM   1053 N N   . ALA A 1 163 ? 6.861   -6.593  13.473  1.00 53.95  ? 141 ALA A N   1 
ATOM   1054 C CA  . ALA A 1 163 ? 7.551   -7.027  12.255  1.00 53.39  ? 141 ALA A CA  1 
ATOM   1055 C C   . ALA A 1 163 ? 9.071   -7.066  12.396  1.00 52.51  ? 141 ALA A C   1 
ATOM   1056 O O   . ALA A 1 163 ? 9.674   -6.125  12.914  1.00 56.18  ? 141 ALA A O   1 
ATOM   1057 C CB  . ALA A 1 163 ? 7.170   -6.120  11.096  1.00 54.44  ? 141 ALA A CB  1 
ATOM   1058 N N   . PRO A 1 164 ? 9.700   -8.157  11.926  1.00 53.42  ? 142 PRO A N   1 
ATOM   1059 C CA  . PRO A 1 164 ? 11.170  -8.319  11.958  1.00 55.05  ? 142 PRO A CA  1 
ATOM   1060 C C   . PRO A 1 164 ? 11.906  -7.231  11.170  1.00 54.76  ? 142 PRO A C   1 
ATOM   1061 O O   . PRO A 1 164 ? 13.015  -6.835  11.551  1.00 56.58  ? 142 PRO A O   1 
ATOM   1062 C CB  . PRO A 1 164 ? 11.418  -9.661  11.249  1.00 51.54  ? 142 PRO A CB  1 
ATOM   1063 C CG  . PRO A 1 164 ? 10.091  -10.328 11.148  1.00 59.34  ? 142 PRO A CG  1 
ATOM   1064 C CD  . PRO A 1 164 ? 9.000   -9.311  11.337  1.00 54.58  ? 142 PRO A CD  1 
ATOM   1065 N N   . VAL A 1 165 ? 11.316  -6.788  10.058  1.00 54.64  ? 143 VAL A N   1 
ATOM   1066 C CA  . VAL A 1 165 ? 11.974  -5.832  9.160   1.00 53.03  ? 143 VAL A CA  1 
ATOM   1067 C C   . VAL A 1 165 ? 11.030  -4.684  8.845   1.00 49.18  ? 143 VAL A C   1 
ATOM   1068 O O   . VAL A 1 165 ? 9.944   -4.886  8.313   1.00 51.33  ? 143 VAL A O   1 
ATOM   1069 C CB  . VAL A 1 165 ? 12.424  -6.508  7.845   1.00 49.03  ? 143 VAL A CB  1 
ATOM   1070 C CG1 . VAL A 1 165 ? 13.163  -5.530  6.958   1.00 48.28  ? 143 VAL A CG1 1 
ATOM   1071 C CG2 . VAL A 1 165 ? 13.329  -7.709  8.145   1.00 49.99  ? 143 VAL A CG2 1 
ATOM   1072 N N   . LYS A 1 166 ? 11.428  -3.478  9.213   1.00 48.22  ? 144 LYS A N   1 
ATOM   1073 C CA  . LYS A 1 166 ? 10.623  -2.322  8.915   1.00 48.32  ? 144 LYS A CA  1 
ATOM   1074 C C   . LYS A 1 166 ? 11.509  -1.352  8.168   1.00 47.11  ? 144 LYS A C   1 
ATOM   1075 O O   . LYS A 1 166 ? 12.685  -1.218  8.487   1.00 50.59  ? 144 LYS A O   1 
ATOM   1076 C CB  . LYS A 1 166 ? 10.090  -1.677  10.198  1.00 50.62  ? 144 LYS A CB  1 
ATOM   1077 C CG  . LYS A 1 166 ? 9.529   -2.667  11.204  1.00 47.60  ? 144 LYS A CG  1 
ATOM   1078 C CD  . LYS A 1 166 ? 8.836   -1.927  12.317  1.00 51.52  ? 144 LYS A CD  1 
ATOM   1079 C CE  . LYS A 1 166 ? 8.378   -2.853  13.443  1.00 55.57  ? 144 LYS A CE  1 
ATOM   1080 N NZ  . LYS A 1 166 ? 8.050   -2.031  14.647  1.00 54.39  ? 144 LYS A NZ  1 
ATOM   1081 N N   . ILE A 1 167 ? 10.936  -0.693  7.169   1.00 43.99  ? 145 ILE A N   1 
ATOM   1082 C CA  . ILE A 1 167 ? 11.658  0.220   6.306   1.00 45.66  ? 145 ILE A CA  1 
ATOM   1083 C C   . ILE A 1 167 ? 10.781  1.436   6.161   1.00 46.61  ? 145 ILE A C   1 
ATOM   1084 O O   . ILE A 1 167 ? 9.569   1.306   6.065   1.00 46.76  ? 145 ILE A O   1 
ATOM   1085 C CB  . ILE A 1 167 ? 11.885  -0.403  4.923   1.00 44.57  ? 145 ILE A CB  1 
ATOM   1086 C CG1 . ILE A 1 167 ? 12.716  -1.683  5.066   1.00 47.72  ? 145 ILE A CG1 1 
ATOM   1087 C CG2 . ILE A 1 167 ? 12.614  0.569   4.001   1.00 50.44  ? 145 ILE A CG2 1 
ATOM   1088 C CD1 . ILE A 1 167 ? 12.674  -2.597  3.878   1.00 50.96  ? 145 ILE A CD1 1 
ATOM   1089 N N   . PHE A 1 168 ? 11.375  2.622   6.178   1.00 47.93  ? 146 PHE A N   1 
ATOM   1090 C CA  . PHE A 1 168 ? 10.629  3.827   5.865   1.00 47.69  ? 146 PHE A CA  1 
ATOM   1091 C C   . PHE A 1 168 ? 11.275  4.423   4.624   1.00 50.51  ? 146 PHE A C   1 
ATOM   1092 O O   . PHE A 1 168 ? 12.496  4.588   4.554   1.00 50.88  ? 146 PHE A O   1 
ATOM   1093 C CB  . PHE A 1 168 ? 10.624  4.794   7.055   1.00 52.20  ? 146 PHE A CB  1 
ATOM   1094 C CG  . PHE A 1 168 ? 9.664   5.954   6.899   1.00 54.61  ? 146 PHE A CG  1 
ATOM   1095 C CD1 . PHE A 1 168 ? 8.372   5.884   7.400   1.00 52.94  ? 146 PHE A CD1 1 
ATOM   1096 C CD2 . PHE A 1 168 ? 10.064  7.119   6.257   1.00 54.54  ? 146 PHE A CD2 1 
ATOM   1097 C CE1 . PHE A 1 168 ? 7.494   6.953   7.251   1.00 58.67  ? 146 PHE A CE1 1 
ATOM   1098 C CE2 . PHE A 1 168 ? 9.191   8.187   6.105   1.00 56.46  ? 146 PHE A CE2 1 
ATOM   1099 C CZ  . PHE A 1 168 ? 7.904   8.107   6.602   1.00 57.14  ? 146 PHE A CZ  1 
ATOM   1100 N N   . LEU A 1 169 ? 10.454  4.698   3.620   1.00 55.06  ? 147 LEU A N   1 
ATOM   1101 C CA  . LEU A 1 169 ? 10.938  5.175   2.331   1.00 53.05  ? 147 LEU A CA  1 
ATOM   1102 C C   . LEU A 1 169 ? 10.432  6.598   2.080   1.00 55.20  ? 147 LEU A C   1 
ATOM   1103 O O   . LEU A 1 169 ? 9.256   6.815   1.731   1.00 54.10  ? 147 LEU A O   1 
ATOM   1104 C CB  . LEU A 1 169 ? 10.489  4.229   1.198   1.00 52.45  ? 147 LEU A CB  1 
ATOM   1105 C CG  . LEU A 1 169 ? 11.032  4.508   -0.222  1.00 54.50  ? 147 LEU A CG  1 
ATOM   1106 C CD1 . LEU A 1 169 ? 12.549  4.566   -0.253  1.00 55.59  ? 147 LEU A CD1 1 
ATOM   1107 C CD2 . LEU A 1 169 ? 10.557  3.465   -1.208  1.00 54.08  ? 147 LEU A CD2 1 
ATOM   1108 N N   . ASP A 1 170 ? 11.320  7.569   2.271   1.00 57.10  ? 148 ASP A N   1 
ATOM   1109 C CA  . ASP A 1 170 ? 10.956  8.969   2.093   1.00 59.17  ? 148 ASP A CA  1 
ATOM   1110 C C   . ASP A 1 170 ? 11.494  9.538   0.780   1.00 63.57  ? 148 ASP A C   1 
ATOM   1111 O O   . ASP A 1 170 ? 12.279  8.882   0.081   1.00 62.75  ? 148 ASP A O   1 
ATOM   1112 C CB  . ASP A 1 170 ? 11.440  9.808   3.278   1.00 58.72  ? 148 ASP A CB  1 
ATOM   1113 C CG  . ASP A 1 170 ? 10.473  10.926  3.617   1.00 66.38  ? 148 ASP A CG  1 
ATOM   1114 O OD1 . ASP A 1 170 ? 9.970   11.562  2.665   1.00 66.79  ? 148 ASP A OD1 1 
ATOM   1115 O OD2 . ASP A 1 170 ? 10.181  11.157  4.817   1.00 69.93  ? 148 ASP A OD2 1 
ATOM   1116 N N   . ALA A 1 171 ? 11.050  10.752  0.455   1.00 61.26  ? 149 ALA A N   1 
ATOM   1117 C CA  . ALA A 1 171 ? 11.468  11.482  -0.734  1.00 58.97  ? 149 ALA A CA  1 
ATOM   1118 C C   . ALA A 1 171 ? 10.998  12.938  -0.615  1.00 59.65  ? 149 ALA A C   1 
ATOM   1119 O O   . ALA A 1 171 ? 10.014  13.221  0.067   1.00 58.65  ? 149 ALA A O   1 
ATOM   1120 C CB  . ALA A 1 171 ? 10.877  10.845  -1.973  1.00 59.83  ? 149 ALA A CB  1 
ATOM   1121 N N   . SER A 1 172 ? 11.695  13.858  -1.277  1.00 59.24  ? 150 SER A N   1 
ATOM   1122 C CA  . SER A 1 172 ? 11.326  15.277  -1.243  1.00 59.16  ? 150 SER A CA  1 
ATOM   1123 C C   . SER A 1 172 ? 9.984   15.526  -1.945  1.00 56.25  ? 150 SER A C   1 
ATOM   1124 O O   . SER A 1 172 ? 9.535   14.706  -2.751  1.00 54.47  ? 150 SER A O   1 
ATOM   1125 C CB  . SER A 1 172 ? 12.408  16.110  -1.920  1.00 58.63  ? 150 SER A CB  1 
ATOM   1126 O OG  . SER A 1 172 ? 12.272  16.016  -3.336  1.00 60.09  ? 150 SER A OG  1 
ATOM   1127 N N   . SER A 1 173 ? 9.344   16.653  -1.643  1.00 56.38  ? 151 SER A N   1 
ATOM   1128 C CA  . SER A 1 173 ? 8.065   16.995  -2.276  1.00 60.83  ? 151 SER A CA  1 
ATOM   1129 C C   . SER A 1 173 ? 8.170   17.093  -3.800  1.00 57.99  ? 151 SER A C   1 
ATOM   1130 O O   . SER A 1 173 ? 7.243   16.701  -4.521  1.00 53.70  ? 151 SER A O   1 
ATOM   1131 C CB  . SER A 1 173 ? 7.511   18.306  -1.709  1.00 62.00  ? 151 SER A CB  1 
ATOM   1132 O OG  . SER A 1 173 ? 8.439   18.915  -0.826  1.00 67.43  ? 151 SER A OG  1 
ATOM   1133 N N   . GLN A 1 174 ? 9.299   17.608  -4.281  1.00 57.39  ? 152 GLN A N   1 
ATOM   1134 C CA  . GLN A 1 174 ? 9.537   17.732  -5.719  1.00 59.19  ? 152 GLN A CA  1 
ATOM   1135 C C   . GLN A 1 174 ? 9.573   16.372  -6.379  1.00 58.45  ? 152 GLN A C   1 
ATOM   1136 O O   . GLN A 1 174 ? 8.951   16.146  -7.426  1.00 59.99  ? 152 GLN A O   1 
ATOM   1137 C CB  . GLN A 1 174 ? 10.858  18.455  -5.990  1.00 62.28  ? 152 GLN A CB  1 
ATOM   1138 C CG  . GLN A 1 174 ? 10.990  19.810  -5.302  1.00 65.88  ? 152 GLN A CG  1 
ATOM   1139 C CD  . GLN A 1 174 ? 11.628  19.698  -3.925  1.00 74.22  ? 152 GLN A CD  1 
ATOM   1140 O OE1 . GLN A 1 174 ? 10.963  19.873  -2.893  1.00 75.02  ? 152 GLN A OE1 1 
ATOM   1141 N NE2 . GLN A 1 174 ? 12.929  19.396  -3.901  1.00 76.22  ? 152 GLN A NE2 1 
ATOM   1142 N N   . GLU A 1 175 ? 10.307  15.456  -5.761  1.00 58.22  ? 153 GLU A N   1 
ATOM   1143 C CA  . GLU A 1 175 ? 10.394  14.095  -6.265  1.00 58.96  ? 153 GLU A CA  1 
ATOM   1144 C C   . GLU A 1 175 ? 9.014   13.468  -6.326  1.00 57.68  ? 153 GLU A C   1 
ATOM   1145 O O   . GLU A 1 175 ? 8.622   12.885  -7.331  1.00 56.83  ? 153 GLU A O   1 
ATOM   1146 C CB  . GLU A 1 175 ? 11.326  13.259  -5.371  1.00 58.99  ? 153 GLU A CB  1 
ATOM   1147 C CG  . GLU A 1 175 ? 11.589  11.879  -5.902  1.00 62.42  ? 153 GLU A CG  1 
ATOM   1148 C CD  . GLU A 1 175 ? 12.044  11.897  -7.359  1.00 67.83  ? 153 GLU A CD  1 
ATOM   1149 O OE1 . GLU A 1 175 ? 12.799  12.830  -7.752  1.00 66.55  ? 153 GLU A OE1 1 
ATOM   1150 O OE2 . GLU A 1 175 ? 11.650  10.969  -8.112  1.00 66.90  ? 153 GLU A OE2 1 
ATOM   1151 N N   . ARG A 1 176 ? 8.259   13.626  -5.250  1.00 58.58  ? 154 ARG A N   1 
ATOM   1152 C CA  . ARG A 1 176 ? 6.920   13.058  -5.196  1.00 56.57  ? 154 ARG A CA  1 
ATOM   1153 C C   . ARG A 1 176 ? 5.988   13.758  -6.169  1.00 53.32  ? 154 ARG A C   1 
ATOM   1154 O O   . ARG A 1 176 ? 5.196   13.103  -6.840  1.00 54.00  ? 154 ARG A O   1 
ATOM   1155 C CB  . ARG A 1 176 ? 6.396   13.130  -3.770  1.00 55.54  ? 154 ARG A CB  1 
ATOM   1156 C CG  . ARG A 1 176 ? 7.229   12.320  -2.801  1.00 57.01  ? 154 ARG A CG  1 
ATOM   1157 C CD  . ARG A 1 176 ? 7.063   12.835  -1.395  1.00 57.76  ? 154 ARG A CD  1 
ATOM   1158 N NE  . ARG A 1 176 ? 5.651   13.057  -1.085  1.00 66.40  ? 154 ARG A NE  1 
ATOM   1159 C CZ  . ARG A 1 176 ? 5.219   13.867  -0.125  1.00 66.32  ? 154 ARG A CZ  1 
ATOM   1160 N NH1 . ARG A 1 176 ? 6.102   14.522  0.624   1.00 57.69  ? 154 ARG A NH1 1 
ATOM   1161 N NH2 . ARG A 1 176 ? 3.910   14.011  0.086   1.00 64.92  ? 154 ARG A NH2 1 
ATOM   1162 N N   . ALA A 1 177 ? 6.085   15.086  -6.244  1.00 54.73  ? 155 ALA A N   1 
ATOM   1163 C CA  . ALA A 1 177 ? 5.342   15.857  -7.250  1.00 60.35  ? 155 ALA A CA  1 
ATOM   1164 C C   . ALA A 1 177 ? 5.586   15.316  -8.647  1.00 59.91  ? 155 ALA A C   1 
ATOM   1165 O O   . ALA A 1 177 ? 4.638   15.087  -9.409  1.00 61.33  ? 155 ALA A O   1 
ATOM   1166 C CB  . ALA A 1 177 ? 5.717   17.353  -7.194  1.00 59.83  ? 155 ALA A CB  1 
ATOM   1167 N N   . HIS A 1 178 ? 6.867   15.123  -8.969  1.00 57.15  ? 156 HIS A N   1 
ATOM   1168 C CA  . HIS A 1 178 ? 7.285   14.617  -10.272 1.00 58.05  ? 156 HIS A CA  1 
ATOM   1169 C C   . HIS A 1 178 ? 6.629   13.260  -10.592 1.00 60.10  ? 156 HIS A C   1 
ATOM   1170 O O   . HIS A 1 178 ? 6.052   13.086  -11.664 1.00 58.19  ? 156 HIS A O   1 
ATOM   1171 C CB  . HIS A 1 178 ? 8.806   14.502  -10.297 1.00 59.73  ? 156 HIS A CB  1 
ATOM   1172 C CG  . HIS A 1 178 ? 9.394   14.451  -11.676 1.00 62.33  ? 156 HIS A CG  1 
ATOM   1173 N ND1 . HIS A 1 178 ? 8.733   13.911  -12.753 1.00 62.43  ? 156 HIS A ND1 1 
ATOM   1174 C CD2 . HIS A 1 178 ? 10.598  14.868  -12.131 1.00 56.81  ? 156 HIS A CD2 1 
ATOM   1175 C CE1 . HIS A 1 178 ? 9.510   14.001  -13.825 1.00 56.67  ? 156 HIS A CE1 1 
ATOM   1176 N NE2 . HIS A 1 178 ? 10.635  14.574  -13.477 1.00 52.72  ? 156 HIS A NE2 1 
ATOM   1177 N N   . ARG A 1 179 ? 6.728   12.303  -9.674  1.00 57.64  ? 157 ARG A N   1 
ATOM   1178 C CA  . ARG A 1 179 ? 6.094   10.998  -9.857  1.00 61.83  ? 157 ARG A CA  1 
ATOM   1179 C C   . ARG A 1 179 ? 4.581   11.134  -10.084 1.00 65.09  ? 157 ARG A C   1 
ATOM   1180 O O   . ARG A 1 179 ? 4.015   10.459  -10.940 1.00 65.54  ? 157 ARG A O   1 
ATOM   1181 C CB  . ARG A 1 179 ? 6.381   10.061  -8.662  1.00 60.83  ? 157 ARG A CB  1 
ATOM   1182 C CG  . ARG A 1 179 ? 6.022   8.588   -8.917  1.00 60.55  ? 157 ARG A CG  1 
ATOM   1183 C CD  . ARG A 1 179 ? 6.439   7.671   -7.759  1.00 67.54  ? 157 ARG A CD  1 
ATOM   1184 N NE  . ARG A 1 179 ? 7.728   6.994   -7.970  1.00 75.36  ? 157 ARG A NE  1 
ATOM   1185 C CZ  . ARG A 1 179 ? 8.910   7.446   -7.545  1.00 69.81  ? 157 ARG A CZ  1 
ATOM   1186 N NH1 . ARG A 1 179 ? 8.997   8.595   -6.880  1.00 66.81  ? 157 ARG A NH1 1 
ATOM   1187 N NH2 . ARG A 1 179 ? 10.011  6.746   -7.791  1.00 70.24  ? 157 ARG A NH2 1 
ATOM   1188 N N   . ARG A 1 180 ? 3.933   12.015  -9.329  1.00 64.03  ? 158 ARG A N   1 
ATOM   1189 C CA  . ARG A 1 180 ? 2.489   12.211  -9.460  1.00 65.43  ? 158 ARG A CA  1 
ATOM   1190 C C   . ARG A 1 180 ? 2.111   12.803  -10.812 1.00 63.85  ? 158 ARG A C   1 
ATOM   1191 O O   . ARG A 1 180 ? 1.134   12.373  -11.440 1.00 64.83  ? 158 ARG A O   1 
ATOM   1192 C CB  . ARG A 1 180 ? 1.960   13.112  -8.338  1.00 69.11  ? 158 ARG A CB  1 
ATOM   1193 C CG  . ARG A 1 180 ? 0.477   13.497  -8.476  1.00 69.38  ? 158 ARG A CG  1 
ATOM   1194 C CD  . ARG A 1 180 ? -0.340  12.928  -7.329  1.00 77.27  ? 158 ARG A CD  1 
ATOM   1195 N NE  . ARG A 1 180 ? -1.657  13.560  -7.217  1.00 80.94  ? 158 ARG A NE  1 
ATOM   1196 C CZ  . ARG A 1 180 ? -2.796  12.994  -7.608  1.00 82.67  ? 158 ARG A CZ  1 
ATOM   1197 N NH1 . ARG A 1 180 ? -2.786  11.769  -8.128  1.00 83.27  ? 158 ARG A NH1 1 
ATOM   1198 N NH2 . ARG A 1 180 ? -3.943  13.647  -7.473  1.00 80.14  ? 158 ARG A NH2 1 
ATOM   1199 N N   . MET A 1 181 ? 2.877   13.799  -11.242 1.00 61.63  ? 159 MET A N   1 
ATOM   1200 C CA  . MET A 1 181 ? 2.690   14.413  -12.554 1.00 64.62  ? 159 MET A CA  1 
ATOM   1201 C C   . MET A 1 181 ? 2.621   13.388  -13.675 1.00 65.52  ? 159 MET A C   1 
ATOM   1202 O O   . MET A 1 181 ? 1.728   13.441  -14.522 1.00 67.00  ? 159 MET A O   1 
ATOM   1203 C CB  . MET A 1 181 ? 3.837   15.378  -12.838 1.00 66.09  ? 159 MET A CB  1 
ATOM   1204 C CG  . MET A 1 181 ? 3.569   16.336  -13.972 1.00 69.19  ? 159 MET A CG  1 
ATOM   1205 S SD  . MET A 1 181 ? 4.991   17.402  -14.320 1.00 74.65  ? 159 MET A SD  1 
ATOM   1206 C CE  . MET A 1 181 ? 6.042   16.217  -15.203 1.00 74.13  ? 159 MET A CE  1 
ATOM   1207 N N   . LEU A 1 182 ? 3.564   12.451  -13.677 1.00 64.68  ? 160 LEU A N   1 
ATOM   1208 C CA  . LEU A 1 182 ? 3.617   11.447  -14.733 1.00 67.74  ? 160 LEU A CA  1 
ATOM   1209 C C   . LEU A 1 182 ? 2.408   10.518  -14.656 1.00 64.91  ? 160 LEU A C   1 
ATOM   1210 O O   . LEU A 1 182 ? 1.841   10.134  -15.681 1.00 67.09  ? 160 LEU A O   1 
ATOM   1211 C CB  . LEU A 1 182 ? 4.946   10.671  -14.705 1.00 61.83  ? 160 LEU A CB  1 
ATOM   1212 C CG  . LEU A 1 182 ? 6.239   11.443  -15.049 1.00 59.80  ? 160 LEU A CG  1 
ATOM   1213 C CD1 . LEU A 1 182 ? 7.380   10.476  -15.272 1.00 62.41  ? 160 LEU A CD1 1 
ATOM   1214 C CD2 . LEU A 1 182 ? 6.086   12.319  -16.262 1.00 58.14  ? 160 LEU A CD2 1 
ATOM   1215 N N   . GLN A 1 183 ? 2.007   10.163  -13.441 1.00 67.01  ? 161 GLN A N   1 
ATOM   1216 C CA  . GLN A 1 183 ? 0.806   9.352   -13.248 1.00 66.76  ? 161 GLN A CA  1 
ATOM   1217 C C   . GLN A 1 183 ? -0.430  10.045  -13.788 1.00 68.28  ? 161 GLN A C   1 
ATOM   1218 O O   . GLN A 1 183 ? -1.190  9.465   -14.559 1.00 69.81  ? 161 GLN A O   1 
ATOM   1219 C CB  . GLN A 1 183 ? 0.616   9.038   -11.776 1.00 62.84  ? 161 GLN A CB  1 
ATOM   1220 C CG  . GLN A 1 183 ? 1.177   7.697   -11.409 1.00 67.20  ? 161 GLN A CG  1 
ATOM   1221 C CD  . GLN A 1 183 ? 1.583   7.640   -9.972  1.00 70.45  ? 161 GLN A CD  1 
ATOM   1222 O OE1 . GLN A 1 183 ? 1.282   8.550   -9.192  1.00 68.89  ? 161 GLN A OE1 1 
ATOM   1223 N NE2 . GLN A 1 183 ? 2.282   6.570   -9.601  1.00 76.08  ? 161 GLN A NE2 1 
ATOM   1224 N N   . LEU A 1 184 ? -0.626  11.289  -13.374 1.00 66.25  ? 162 LEU A N   1 
ATOM   1225 C CA  . LEU A 1 184 ? -1.756  12.062  -13.863 1.00 74.37  ? 162 LEU A CA  1 
ATOM   1226 C C   . LEU A 1 184 ? -1.733  12.181  -15.388 1.00 74.35  ? 162 LEU A C   1 
ATOM   1227 O O   . LEU A 1 184 ? -2.758  11.974  -16.044 1.00 78.46  ? 162 LEU A O   1 
ATOM   1228 C CB  . LEU A 1 184 ? -1.802  13.437  -13.192 1.00 72.56  ? 162 LEU A CB  1 
ATOM   1229 C CG  . LEU A 1 184 ? -2.158  13.388  -11.704 1.00 73.76  ? 162 LEU A CG  1 
ATOM   1230 C CD1 . LEU A 1 184 ? -1.897  14.732  -11.040 1.00 72.50  ? 162 LEU A CD1 1 
ATOM   1231 C CD2 . LEU A 1 184 ? -3.611  12.963  -11.506 1.00 76.78  ? 162 LEU A CD2 1 
ATOM   1232 N N   . GLN A 1 185 ? -0.567  12.480  -15.954 1.00 73.31  ? 163 GLN A N   1 
ATOM   1233 C CA  . GLN A 1 185 ? -0.432  12.562  -17.418 1.00 76.11  ? 163 GLN A CA  1 
ATOM   1234 C C   . GLN A 1 185 ? -0.732  11.231  -18.123 1.00 75.70  ? 163 GLN A C   1 
ATOM   1235 O O   . GLN A 1 185 ? -1.299  11.227  -19.221 1.00 78.32  ? 163 GLN A O   1 
ATOM   1236 C CB  . GLN A 1 185 ? 0.950   13.101  -17.821 1.00 71.80  ? 163 GLN A CB  1 
ATOM   1237 C CG  . GLN A 1 185 ? 1.167   14.587  -17.495 1.00 73.86  ? 163 GLN A CG  1 
ATOM   1238 C CD  . GLN A 1 185 ? 2.585   15.065  -17.794 1.00 72.53  ? 163 GLN A CD  1 
ATOM   1239 O OE1 . GLN A 1 185 ? 3.413   14.304  -18.293 1.00 74.68  ? 163 GLN A OE1 1 
ATOM   1240 N NE2 . GLN A 1 185 ? 2.869   16.333  -17.481 1.00 74.79  ? 163 GLN A NE2 1 
ATOM   1241 N N   . GLU A 1 186 ? -0.357  10.115  -17.492 1.00 70.22  ? 164 GLU A N   1 
ATOM   1242 C CA  . GLU A 1 186 ? -0.614  8.787   -18.050 1.00 73.24  ? 164 GLU A CA  1 
ATOM   1243 C C   . GLU A 1 186 ? -2.110  8.467   -18.065 1.00 78.61  ? 164 GLU A C   1 
ATOM   1244 O O   . GLU A 1 186 ? -2.584  7.722   -18.916 1.00 78.57  ? 164 GLU A O   1 
ATOM   1245 C CB  . GLU A 1 186 ? 0.147   7.706   -17.266 1.00 71.37  ? 164 GLU A CB  1 
ATOM   1246 C CG  . GLU A 1 186 ? 0.001   6.305   -17.839 1.00 75.52  ? 164 GLU A CG  1 
ATOM   1247 C CD  . GLU A 1 186 ? 0.316   6.237   -19.336 1.00 84.11  ? 164 GLU A CD  1 
ATOM   1248 O OE1 . GLU A 1 186 ? 1.516   6.222   -19.707 1.00 81.37  ? 164 GLU A OE1 1 
ATOM   1249 O OE2 . GLU A 1 186 ? -0.635  6.194   -20.154 1.00 89.75  ? 164 GLU A OE2 1 
ATOM   1250 N N   . ARG A 1 187 ? -2.854  9.032   -17.118 1.00 78.96  ? 165 ARG A N   1 
ATOM   1251 C CA  . ARG A 1 187 ? -4.300  8.829   -17.073 1.00 79.87  ? 165 ARG A CA  1 
ATOM   1252 C C   . ARG A 1 187 ? -5.013  9.785   -18.034 1.00 80.08  ? 165 ARG A C   1 
ATOM   1253 O O   . ARG A 1 187 ? -6.161  9.543   -18.418 1.00 81.57  ? 165 ARG A O   1 
ATOM   1254 C CB  . ARG A 1 187 ? -4.841  8.951   -15.639 1.00 79.47  ? 165 ARG A CB  1 
ATOM   1255 C CG  . ARG A 1 187 ? -4.701  7.658   -14.817 1.00 79.09  ? 165 ARG A CG  1 
ATOM   1256 C CD  . ARG A 1 187 ? -4.983  7.888   -13.340 1.00 82.57  ? 165 ARG A CD  1 
ATOM   1257 N NE  . ARG A 1 187 ? -4.074  7.114   -12.496 1.00 86.39  ? 165 ARG A NE  1 
ATOM   1258 C CZ  . ARG A 1 187 ? -3.805  7.373   -11.215 1.00 86.93  ? 165 ARG A CZ  1 
ATOM   1259 N NH1 . ARG A 1 187 ? -4.383  8.402   -10.597 1.00 83.31  ? 165 ARG A NH1 1 
ATOM   1260 N NH2 . ARG A 1 187 ? -2.949  6.595   -10.554 1.00 76.33  ? 165 ARG A NH2 1 
ATOM   1261 N N   . GLY A 1 188 ? -4.334  10.863  -18.420 1.00 78.03  ? 166 GLY A N   1 
ATOM   1262 C CA  . GLY A 1 188 ? -4.852  11.751  -19.450 1.00 78.67  ? 166 GLY A CA  1 
ATOM   1263 C C   . GLY A 1 188 ? -4.877  13.236  -19.122 1.00 81.33  ? 166 GLY A C   1 
ATOM   1264 O O   . GLY A 1 188 ? -4.956  14.074  -20.022 1.00 82.46  ? 166 GLY A O   1 
ATOM   1265 N N   . PHE A 1 189 ? -4.814  13.575  -17.840 1.00 78.50  ? 167 PHE A N   1 
ATOM   1266 C CA  . PHE A 1 189 ? -4.862  14.975  -17.433 1.00 81.29  ? 167 PHE A CA  1 
ATOM   1267 C C   . PHE A 1 189 ? -3.566  15.691  -17.781 1.00 82.89  ? 167 PHE A C   1 
ATOM   1268 O O   . PHE A 1 189 ? -2.482  15.106  -17.705 1.00 83.07  ? 167 PHE A O   1 
ATOM   1269 C CB  . PHE A 1 189 ? -5.108  15.104  -15.919 1.00 85.55  ? 167 PHE A CB  1 
ATOM   1270 C CG  . PHE A 1 189 ? -6.016  14.041  -15.346 1.00 87.66  ? 167 PHE A CG  1 
ATOM   1271 C CD1 . PHE A 1 189 ? -7.399  14.137  -15.471 1.00 90.63  ? 167 PHE A CD1 1 
ATOM   1272 C CD2 . PHE A 1 189 ? -5.487  12.954  -14.668 1.00 82.21  ? 167 PHE A CD2 1 
ATOM   1273 C CE1 . PHE A 1 189 ? -8.230  13.159  -14.936 1.00 84.99  ? 167 PHE A CE1 1 
ATOM   1274 C CE2 . PHE A 1 189 ? -6.317  11.977  -14.133 1.00 84.12  ? 167 PHE A CE2 1 
ATOM   1275 C CZ  . PHE A 1 189 ? -7.686  12.081  -14.269 1.00 84.28  ? 167 PHE A CZ  1 
ATOM   1276 N N   . ASN A 1 190 ? -3.666  16.952  -18.186 1.00 84.11  ? 168 ASN A N   1 
ATOM   1277 C CA  . ASN A 1 190 ? -2.459  17.761  -18.287 1.00 87.55  ? 168 ASN A CA  1 
ATOM   1278 C C   . ASN A 1 190 ? -2.256  18.457  -16.940 1.00 89.05  ? 168 ASN A C   1 
ATOM   1279 O O   . ASN A 1 190 ? -3.208  18.975  -16.345 1.00 88.37  ? 168 ASN A O   1 
ATOM   1280 C CB  . ASN A 1 190 ? -2.509  18.745  -19.468 1.00 85.98  ? 168 ASN A CB  1 
ATOM   1281 C CG  . ASN A 1 190 ? -1.110  19.132  -19.989 1.00 93.78  ? 168 ASN A CG  1 
ATOM   1282 O OD1 . ASN A 1 190 ? -0.303  18.269  -20.376 1.00 85.99  ? 168 ASN A OD1 1 
ATOM   1283 N ND2 . ASN A 1 190 ? -0.834  20.440  -20.024 1.00 91.74  ? 168 ASN A ND2 1 
ATOM   1284 N N   . VAL A 1 191 ? -1.024  18.425  -16.438 1.00 87.25  ? 169 VAL A N   1 
ATOM   1285 C CA  . VAL A 1 191 ? -0.746  18.930  -15.101 1.00 82.41  ? 169 VAL A CA  1 
ATOM   1286 C C   . VAL A 1 191 ? 0.333   20.001  -15.109 1.00 81.99  ? 169 VAL A C   1 
ATOM   1287 O O   . VAL A 1 191 ? 1.248   19.972  -15.922 1.00 83.75  ? 169 VAL A O   1 
ATOM   1288 C CB  . VAL A 1 191 ? -0.303  17.801  -14.144 1.00 81.77  ? 169 VAL A CB  1 
ATOM   1289 C CG1 . VAL A 1 191 ? -1.115  17.835  -12.857 1.00 84.68  ? 169 VAL A CG1 1 
ATOM   1290 C CG2 . VAL A 1 191 ? -0.440  16.436  -14.816 1.00 77.59  ? 169 VAL A CG2 1 
ATOM   1291 N N   . ASN A 1 192 ? 0.210   20.954  -14.196 1.00 85.61  ? 170 ASN A N   1 
ATOM   1292 C CA  . ASN A 1 192 ? 1.259   21.931  -13.964 1.00 85.02  ? 170 ASN A CA  1 
ATOM   1293 C C   . ASN A 1 192 ? 2.151   21.465  -12.811 1.00 85.42  ? 170 ASN A C   1 
ATOM   1294 O O   . ASN A 1 192 ? 1.664   21.236  -11.701 1.00 83.84  ? 170 ASN A O   1 
ATOM   1295 C CB  . ASN A 1 192 ? 0.637   23.282  -13.636 1.00 86.44  ? 170 ASN A CB  1 
ATOM   1296 C CG  . ASN A 1 192 ? 1.537   24.430  -13.998 1.00 88.90  ? 170 ASN A CG  1 
ATOM   1297 O OD1 . ASN A 1 192 ? 2.278   24.946  -13.153 1.00 89.36  ? 170 ASN A OD1 1 
ATOM   1298 N ND2 . ASN A 1 192 ? 1.484   24.847  -15.267 1.00 89.11  ? 170 ASN A ND2 1 
ATOM   1299 N N   . PHE A 1 193 ? 3.446   21.307  -13.075 1.00 84.37  ? 171 PHE A N   1 
ATOM   1300 C CA  . PHE A 1 193 ? 4.387   20.833  -12.064 1.00 81.54  ? 171 PHE A CA  1 
ATOM   1301 C C   . PHE A 1 193 ? 4.388   21.734  -10.820 1.00 82.67  ? 171 PHE A C   1 
ATOM   1302 O O   . PHE A 1 193 ? 4.419   21.241  -9.686  1.00 81.41  ? 171 PHE A O   1 
ATOM   1303 C CB  . PHE A 1 193 ? 5.803   20.711  -12.665 1.00 82.60  ? 171 PHE A CB  1 
ATOM   1304 C CG  . PHE A 1 193 ? 6.861   20.234  -11.685 1.00 80.68  ? 171 PHE A CG  1 
ATOM   1305 C CD1 . PHE A 1 193 ? 7.015   18.882  -11.404 1.00 74.23  ? 171 PHE A CD1 1 
ATOM   1306 C CD2 . PHE A 1 193 ? 7.712   21.139  -11.064 1.00 76.08  ? 171 PHE A CD2 1 
ATOM   1307 C CE1 . PHE A 1 193 ? 7.998   18.439  -10.517 1.00 70.36  ? 171 PHE A CE1 1 
ATOM   1308 C CE2 . PHE A 1 193 ? 8.693   20.707  -10.173 1.00 73.69  ? 171 PHE A CE2 1 
ATOM   1309 C CZ  . PHE A 1 193 ? 8.834   19.353  -9.897  1.00 69.72  ? 171 PHE A CZ  1 
ATOM   1310 N N   . GLU A 1 194 ? 4.329   23.047  -11.035 1.00 83.55  ? 172 GLU A N   1 
ATOM   1311 C CA  . GLU A 1 194 ? 4.386   24.005  -9.930  1.00 84.66  ? 172 GLU A CA  1 
ATOM   1312 C C   . GLU A 1 194 ? 3.092   24.030  -9.115  1.00 83.10  ? 172 GLU A C   1 
ATOM   1313 O O   . GLU A 1 194 ? 3.133   24.215  -7.898  1.00 81.56  ? 172 GLU A O   1 
ATOM   1314 C CB  . GLU A 1 194 ? 4.769   25.402  -10.428 1.00 84.56  ? 172 GLU A CB  1 
ATOM   1315 C CG  . GLU A 1 194 ? 6.204   25.464  -10.938 1.00 88.88  ? 172 GLU A CG  1 
ATOM   1316 C CD  . GLU A 1 194 ? 6.592   26.831  -11.484 1.00 99.97  ? 172 GLU A CD  1 
ATOM   1317 O OE1 . GLU A 1 194 ? 7.783   27.002  -11.837 1.00 97.55  ? 172 GLU A OE1 1 
ATOM   1318 O OE2 . GLU A 1 194 ? 5.720   27.732  -11.565 1.00 101.51 ? 172 GLU A OE2 1 
ATOM   1319 N N   . ARG A 1 195 ? 1.954   23.848  -9.785  1.00 81.94  ? 173 ARG A N   1 
ATOM   1320 C CA  . ARG A 1 195 ? 0.676   23.662  -9.101  1.00 81.06  ? 173 ARG A CA  1 
ATOM   1321 C C   . ARG A 1 195 ? 0.707   22.412  -8.225  1.00 85.01  ? 173 ARG A C   1 
ATOM   1322 O O   . ARG A 1 195 ? 0.297   22.435  -7.062  1.00 85.91  ? 173 ARG A O   1 
ATOM   1323 C CB  . ARG A 1 195 ? -0.468  23.520  -10.115 1.00 86.76  ? 173 ARG A CB  1 
ATOM   1324 C CG  . ARG A 1 195 ? -1.177  24.823  -10.494 1.00 90.42  ? 173 ARG A CG  1 
ATOM   1325 C CD  . ARG A 1 195 ? -2.612  24.569  -11.000 1.00 94.05  ? 173 ARG A CD  1 
ATOM   1326 N NE  . ARG A 1 195 ? -2.663  23.932  -12.321 1.00 97.46  ? 173 ARG A NE  1 
ATOM   1327 C CZ  . ARG A 1 195 ? -2.903  22.635  -12.531 1.00 99.08  ? 173 ARG A CZ  1 
ATOM   1328 N NH1 . ARG A 1 195 ? -3.116  21.818  -11.506 1.00 97.73  ? 173 ARG A NH1 1 
ATOM   1329 N NH2 . ARG A 1 195 ? -2.929  22.152  -13.769 1.00 93.80  ? 173 ARG A NH2 1 
ATOM   1330 N N   . LEU A 1 196 ? 1.196   21.314  -8.799  1.00 84.46  ? 174 LEU A N   1 
ATOM   1331 C CA  . LEU A 1 196 ? 1.251   20.032  -8.104  1.00 79.35  ? 174 LEU A CA  1 
ATOM   1332 C C   . LEU A 1 196 ? 2.217   20.075  -6.924  1.00 77.45  ? 174 LEU A C   1 
ATOM   1333 O O   . LEU A 1 196 ? 1.880   19.653  -5.825  1.00 76.05  ? 174 LEU A O   1 
ATOM   1334 C CB  . LEU A 1 196 ? 1.652   18.918  -9.073  1.00 76.68  ? 174 LEU A CB  1 
ATOM   1335 C CG  . LEU A 1 196 ? 0.625   17.802  -9.257  1.00 75.98  ? 174 LEU A CG  1 
ATOM   1336 C CD1 . LEU A 1 196 ? 1.141   16.765  -10.232 1.00 72.88  ? 174 LEU A CD1 1 
ATOM   1337 C CD2 . LEU A 1 196 ? 0.279   17.151  -7.920  1.00 79.78  ? 174 LEU A CD2 1 
ATOM   1338 N N   . LEU A 1 197 ? 3.418   20.588  -7.165  1.00 77.81  ? 175 LEU A N   1 
ATOM   1339 C CA  . LEU A 1 197 ? 4.417   20.704  -6.116  1.00 74.32  ? 175 LEU A CA  1 
ATOM   1340 C C   . LEU A 1 197 ? 3.819   21.429  -4.927  1.00 80.97  ? 175 LEU A C   1 
ATOM   1341 O O   . LEU A 1 197 ? 3.810   20.903  -3.805  1.00 77.98  ? 175 LEU A O   1 
ATOM   1342 C CB  . LEU A 1 197 ? 5.644   21.458  -6.624  1.00 76.18  ? 175 LEU A CB  1 
ATOM   1343 C CG  . LEU A 1 197 ? 6.776   21.573  -5.615  1.00 72.03  ? 175 LEU A CG  1 
ATOM   1344 C CD1 . LEU A 1 197 ? 7.118   20.190  -5.109  1.00 69.15  ? 175 LEU A CD1 1 
ATOM   1345 C CD2 . LEU A 1 197 ? 8.000   22.238  -6.223  1.00 67.76  ? 175 LEU A CD2 1 
ATOM   1346 N N   . ALA A 1 198 ? 3.296   22.627  -5.185  1.00 79.37  ? 176 ALA A N   1 
ATOM   1347 C CA  . ALA A 1 198 ? 2.653   23.424  -4.140  1.00 81.92  ? 176 ALA A CA  1 
ATOM   1348 C C   . ALA A 1 198 ? 1.424   22.725  -3.530  1.00 84.33  ? 176 ALA A C   1 
ATOM   1349 O O   . ALA A 1 198 ? 1.183   22.839  -2.325  1.00 84.24  ? 176 ALA A O   1 
ATOM   1350 C CB  . ALA A 1 198 ? 2.279   24.796  -4.670  1.00 80.83  ? 176 ALA A CB  1 
ATOM   1351 N N   . GLU A 1 199 ? 0.649   22.016  -4.352  1.00 81.11  ? 177 GLU A N   1 
ATOM   1352 C CA  . GLU A 1 199 ? -0.502  21.273  -3.843  1.00 83.25  ? 177 GLU A CA  1 
ATOM   1353 C C   . GLU A 1 199 ? -0.039  20.214  -2.838  1.00 84.46  ? 177 GLU A C   1 
ATOM   1354 O O   . GLU A 1 199 ? -0.576  20.112  -1.731  1.00 84.78  ? 177 GLU A O   1 
ATOM   1355 C CB  . GLU A 1 199 ? -1.288  20.627  -4.992  1.00 85.08  ? 177 GLU A CB  1 
ATOM   1356 C CG  . GLU A 1 199 ? -2.521  19.857  -4.547  1.00 88.40  ? 177 GLU A CG  1 
ATOM   1357 C CD  . GLU A 1 199 ? -2.569  18.439  -5.104  1.00 95.04  ? 177 GLU A CD  1 
ATOM   1358 O OE1 . GLU A 1 199 ? -3.172  18.233  -6.187  1.00 96.81  ? 177 GLU A OE1 1 
ATOM   1359 O OE2 . GLU A 1 199 ? -2.010  17.522  -4.453  1.00 95.06  ? 177 GLU A OE2 1 
ATOM   1360 N N   . ILE A 1 200 ? 0.976   19.447  -3.229  1.00 83.88  ? 178 ILE A N   1 
ATOM   1361 C CA  . ILE A 1 200 ? 1.536   18.388  -2.390  1.00 84.51  ? 178 ILE A CA  1 
ATOM   1362 C C   . ILE A 1 200 ? 2.193   18.966  -1.132  1.00 84.03  ? 178 ILE A C   1 
ATOM   1363 O O   . ILE A 1 200 ? 2.010   18.440  -0.029  1.00 84.12  ? 178 ILE A O   1 
ATOM   1364 C CB  . ILE A 1 200 ? 2.525   17.502  -3.206  1.00 81.51  ? 178 ILE A CB  1 
ATOM   1365 C CG1 . ILE A 1 200 ? 1.736   16.595  -4.161  1.00 81.16  ? 178 ILE A CG1 1 
ATOM   1366 C CG2 . ILE A 1 200 ? 3.446   16.701  -2.294  1.00 73.31  ? 178 ILE A CG2 1 
ATOM   1367 C CD1 . ILE A 1 200 ? 2.546   15.484  -4.788  1.00 75.31  ? 178 ILE A CD1 1 
ATOM   1368 N N   . GLN A 1 201 ? 2.935   20.059  -1.315  1.00 82.91  ? 179 GLN A N   1 
ATOM   1369 C CA  . GLN A 1 201 ? 3.600   20.775  -0.223  1.00 81.86  ? 179 GLN A CA  1 
ATOM   1370 C C   . GLN A 1 201 ? 2.618   21.261  0.838   1.00 88.08  ? 179 GLN A C   1 
ATOM   1371 O O   . GLN A 1 201 ? 2.904   21.185  2.034   1.00 93.48  ? 179 GLN A O   1 
ATOM   1372 C CB  . GLN A 1 201 ? 4.389   21.968  -0.775  1.00 83.61  ? 179 GLN A CB  1 
ATOM   1373 C CG  . GLN A 1 201 ? 5.899   21.872  -0.560  1.00 80.79  ? 179 GLN A CG  1 
ATOM   1374 C CD  . GLN A 1 201 ? 6.689   22.584  -1.647  1.00 82.13  ? 179 GLN A CD  1 
ATOM   1375 O OE1 . GLN A 1 201 ? 6.126   23.020  -2.657  1.00 81.70  ? 179 GLN A OE1 1 
ATOM   1376 N NE2 . GLN A 1 201 ? 7.999   22.698  -1.452  1.00 80.98  ? 179 GLN A NE2 1 
ATOM   1377 N N   . PRO A 1 214 ? -1.515  9.469   11.191  1.00 84.77  ? 192 PRO A N   1 
ATOM   1378 C CA  . PRO A 1 214 ? -0.295  10.263  10.976  1.00 86.54  ? 192 PRO A CA  1 
ATOM   1379 C C   . PRO A 1 214 ? 0.691   9.537   10.057  1.00 83.25  ? 192 PRO A C   1 
ATOM   1380 O O   . PRO A 1 214 ? 0.310   8.535   9.443   1.00 85.50  ? 192 PRO A O   1 
ATOM   1381 C CB  . PRO A 1 214 ? 0.289   10.391  12.387  1.00 88.86  ? 192 PRO A CB  1 
ATOM   1382 C CG  . PRO A 1 214 ? -0.896  10.225  13.302  1.00 87.60  ? 192 PRO A CG  1 
ATOM   1383 C CD  . PRO A 1 214 ? -1.786  9.229   12.621  1.00 85.63  ? 192 PRO A CD  1 
ATOM   1384 N N   . LEU A 1 215 ? 1.924   10.034  9.956   1.00 77.03  ? 193 LEU A N   1 
ATOM   1385 C CA  . LEU A 1 215 ? 2.954   9.381   9.135   1.00 77.42  ? 193 LEU A CA  1 
ATOM   1386 C C   . LEU A 1 215 ? 4.344   9.487   9.767   1.00 77.02  ? 193 LEU A C   1 
ATOM   1387 O O   . LEU A 1 215 ? 4.976   10.556  9.744   1.00 74.47  ? 193 LEU A O   1 
ATOM   1388 C CB  . LEU A 1 215 ? 2.977   9.946   7.710   1.00 73.22  ? 193 LEU A CB  1 
ATOM   1389 C CG  . LEU A 1 215 ? 4.026   9.375   6.746   1.00 69.59  ? 193 LEU A CG  1 
ATOM   1390 C CD1 . LEU A 1 215 ? 3.690   7.948   6.305   1.00 64.47  ? 193 LEU A CD1 1 
ATOM   1391 C CD2 . LEU A 1 215 ? 4.190   10.280  5.540   1.00 65.00  ? 193 LEU A CD2 1 
ATOM   1392 N N   . VAL A 1 216 ? 4.823   8.376   10.323  1.00 71.69  ? 194 VAL A N   1 
ATOM   1393 C CA  . VAL A 1 216 ? 6.080   8.392   11.064  1.00 70.41  ? 194 VAL A CA  1 
ATOM   1394 C C   . VAL A 1 216 ? 6.929   7.143   10.840  1.00 69.38  ? 194 VAL A C   1 
ATOM   1395 O O   . VAL A 1 216 ? 6.391   6.043   10.701  1.00 71.57  ? 194 VAL A O   1 
ATOM   1396 C CB  . VAL A 1 216 ? 5.811   8.553   12.570  1.00 76.27  ? 194 VAL A CB  1 
ATOM   1397 C CG1 . VAL A 1 216 ? 5.743   10.030  12.941  1.00 75.19  ? 194 VAL A CG1 1 
ATOM   1398 C CG2 . VAL A 1 216 ? 4.520   7.849   12.953  1.00 73.54  ? 194 VAL A CG2 1 
ATOM   1399 N N   . PRO A 1 217 ? 8.264   7.302   10.800  1.00 65.26  ? 195 PRO A N   1 
ATOM   1400 C CA  . PRO A 1 217 ? 9.038   6.057   10.749  1.00 61.16  ? 195 PRO A CA  1 
ATOM   1401 C C   . PRO A 1 217 ? 8.843   5.346   12.084  1.00 65.22  ? 195 PRO A C   1 
ATOM   1402 O O   . PRO A 1 217 ? 8.625   6.024   13.101  1.00 66.31  ? 195 PRO A O   1 
ATOM   1403 C CB  . PRO A 1 217 ? 10.490  6.541   10.616  1.00 60.12  ? 195 PRO A CB  1 
ATOM   1404 C CG  . PRO A 1 217 ? 10.391  7.998   10.184  1.00 61.22  ? 195 PRO A CG  1 
ATOM   1405 C CD  . PRO A 1 217 ? 9.125   8.494   10.849  1.00 61.46  ? 195 PRO A CD  1 
ATOM   1406 N N   . ALA A 1 218 ? 8.858   4.017   12.078  1.00 59.50  ? 196 ALA A N   1 
ATOM   1407 C CA  . ALA A 1 218 ? 8.860   3.288   13.323  1.00 61.07  ? 196 ALA A CA  1 
ATOM   1408 C C   . ALA A 1 218 ? 10.268  3.433   13.925  1.00 58.76  ? 196 ALA A C   1 
ATOM   1409 O O   . ALA A 1 218 ? 11.258  3.505   13.188  1.00 54.28  ? 196 ALA A O   1 
ATOM   1410 C CB  . ALA A 1 218 ? 8.510   1.827   13.090  1.00 57.44  ? 196 ALA A CB  1 
ATOM   1411 N N   . ALA A 1 219 ? 10.361  3.477   15.255  1.00 57.97  ? 197 ALA A N   1 
ATOM   1412 C CA  . ALA A 1 219 ? 11.653  3.602   15.917  1.00 53.91  ? 197 ALA A CA  1 
ATOM   1413 C C   . ALA A 1 219 ? 12.654  2.527   15.477  1.00 53.21  ? 197 ALA A C   1 
ATOM   1414 O O   . ALA A 1 219 ? 13.865  2.725   15.584  1.00 57.66  ? 197 ALA A O   1 
ATOM   1415 C CB  . ALA A 1 219 ? 11.471  3.580   17.428  1.00 60.55  ? 197 ALA A CB  1 
ATOM   1416 N N   . ASP A 1 220 ? 12.169  1.389   14.983  1.00 53.30  ? 198 ASP A N   1 
ATOM   1417 C CA  . ASP A 1 220 ? 13.088  0.402   14.409  1.00 56.94  ? 198 ASP A CA  1 
ATOM   1418 C C   . ASP A 1 220 ? 13.049  0.296   12.872  1.00 53.02  ? 198 ASP A C   1 
ATOM   1419 O O   . ASP A 1 220 ? 13.309  -0.770  12.311  1.00 57.27  ? 198 ASP A O   1 
ATOM   1420 C CB  . ASP A 1 220 ? 12.938  -0.982  15.068  1.00 59.03  ? 198 ASP A CB  1 
ATOM   1421 C CG  . ASP A 1 220 ? 11.498  -1.366  15.310  1.00 62.62  ? 198 ASP A CG  1 
ATOM   1422 O OD1 . ASP A 1 220 ? 10.677  -0.464  15.603  1.00 61.18  ? 198 ASP A OD1 1 
ATOM   1423 O OD2 . ASP A 1 220 ? 11.186  -2.577  15.207  1.00 63.40  ? 198 ASP A OD2 1 
ATOM   1424 N N   . ALA A 1 221 ? 12.758  1.410   12.204  1.00 49.54  ? 199 ALA A N   1 
ATOM   1425 C CA  . ALA A 1 221 ? 12.723  1.443   10.748  1.00 52.43  ? 199 ALA A CA  1 
ATOM   1426 C C   . ALA A 1 221 ? 14.105  1.689   10.160  1.00 53.79  ? 199 ALA A C   1 
ATOM   1427 O O   . ALA A 1 221 ? 14.879  2.487   10.696  1.00 55.35  ? 199 ALA A O   1 
ATOM   1428 C CB  . ALA A 1 221 ? 11.760  2.522   10.263  1.00 49.07  ? 199 ALA A CB  1 
ATOM   1429 N N   . LEU A 1 222 ? 14.421  0.999   9.065   1.00 50.38  ? 200 LEU A N   1 
ATOM   1430 C CA  . LEU A 1 222 ? 15.554  1.375   8.233   1.00 50.16  ? 200 LEU A CA  1 
ATOM   1431 C C   . LEU A 1 222 ? 15.098  2.573   7.406   1.00 52.06  ? 200 LEU A C   1 
ATOM   1432 O O   . LEU A 1 222 ? 14.138  2.460   6.639   1.00 51.29  ? 200 LEU A O   1 
ATOM   1433 C CB  . LEU A 1 222 ? 15.928  0.232   7.291   1.00 50.54  ? 200 LEU A CB  1 
ATOM   1434 C CG  . LEU A 1 222 ? 16.952  0.534   6.192   1.00 52.04  ? 200 LEU A CG  1 
ATOM   1435 C CD1 . LEU A 1 222 ? 18.326  0.768   6.789   1.00 54.74  ? 200 LEU A CD1 1 
ATOM   1436 C CD2 . LEU A 1 222 ? 17.007  -0.561  5.114   1.00 51.20  ? 200 LEU A CD2 1 
ATOM   1437 N N   . VAL A 1 223 ? 15.761  3.722   7.540   1.00 54.45  ? 201 VAL A N   1 
ATOM   1438 C CA  . VAL A 1 223 ? 15.339  4.896   6.771   1.00 52.20  ? 201 VAL A CA  1 
ATOM   1439 C C   . VAL A 1 223 ? 16.093  5.022   5.455   1.00 54.23  ? 201 VAL A C   1 
ATOM   1440 O O   . VAL A 1 223 ? 17.323  5.109   5.431   1.00 58.44  ? 201 VAL A O   1 
ATOM   1441 C CB  . VAL A 1 223 ? 15.440  6.210   7.574   1.00 61.76  ? 201 VAL A CB  1 
ATOM   1442 C CG1 . VAL A 1 223 ? 14.988  7.404   6.706   1.00 55.63  ? 201 VAL A CG1 1 
ATOM   1443 C CG2 . VAL A 1 223 ? 14.569  6.126   8.826   1.00 55.69  ? 201 VAL A CG2 1 
ATOM   1444 N N   . LEU A 1 224 ? 15.340  4.997   4.359   1.00 54.38  ? 202 LEU A N   1 
ATOM   1445 C CA  . LEU A 1 224 ? 15.890  5.181   3.019   1.00 53.30  ? 202 LEU A CA  1 
ATOM   1446 C C   . LEU A 1 224 ? 15.288  6.439   2.428   1.00 57.24  ? 202 LEU A C   1 
ATOM   1447 O O   . LEU A 1 224 ? 14.185  6.826   2.797   1.00 58.39  ? 202 LEU A O   1 
ATOM   1448 C CB  . LEU A 1 224 ? 15.564  3.985   2.118   1.00 51.91  ? 202 LEU A CB  1 
ATOM   1449 C CG  . LEU A 1 224 ? 16.190  2.637   2.502   1.00 60.23  ? 202 LEU A CG  1 
ATOM   1450 C CD1 . LEU A 1 224 ? 15.609  1.485   1.685   1.00 54.75  ? 202 LEU A CD1 1 
ATOM   1451 C CD2 . LEU A 1 224 ? 17.703  2.692   2.342   1.00 62.10  ? 202 LEU A CD2 1 
ATOM   1452 N N   . ASP A 1 225 ? 16.028  7.074   1.521   1.00 63.62  ? 203 ASP A N   1 
ATOM   1453 C CA  . ASP A 1 225 ? 15.596  8.289   0.834   1.00 61.99  ? 203 ASP A CA  1 
ATOM   1454 C C   . ASP A 1 225 ? 15.851  8.043   -0.631  1.00 58.17  ? 203 ASP A C   1 
ATOM   1455 O O   . ASP A 1 225 ? 17.002  7.974   -1.050  1.00 60.58  ? 203 ASP A O   1 
ATOM   1456 C CB  . ASP A 1 225 ? 16.441  9.485   1.296   1.00 65.94  ? 203 ASP A CB  1 
ATOM   1457 C CG  . ASP A 1 225 ? 15.757  10.841  1.041   1.00 71.51  ? 203 ASP A CG  1 
ATOM   1458 O OD1 . ASP A 1 225 ? 15.672  11.660  1.988   1.00 72.53  ? 203 ASP A OD1 1 
ATOM   1459 O OD2 . ASP A 1 225 ? 15.298  11.096  -0.096  1.00 69.28  ? 203 ASP A OD2 1 
ATOM   1460 N N   . SER A 1 226 ? 14.789  7.897   -1.413  1.00 59.25  ? 204 SER A N   1 
ATOM   1461 C CA  . SER A 1 226 ? 14.934  7.654   -2.846  1.00 57.97  ? 204 SER A CA  1 
ATOM   1462 C C   . SER A 1 226 ? 15.165  8.938   -3.654  1.00 61.63  ? 204 SER A C   1 
ATOM   1463 O O   . SER A 1 226 ? 15.133  8.905   -4.891  1.00 58.99  ? 204 SER A O   1 
ATOM   1464 C CB  . SER A 1 226 ? 13.705  6.919   -3.390  1.00 60.15  ? 204 SER A CB  1 
ATOM   1465 O OG  . SER A 1 226 ? 12.535  7.709   -3.243  1.00 58.75  ? 204 SER A OG  1 
ATOM   1466 N N   . THR A 1 227 ? 15.396  10.062  -2.973  1.00 60.45  ? 205 THR A N   1 
ATOM   1467 C CA  . THR A 1 227 ? 15.595  11.340  -3.681  1.00 67.49  ? 205 THR A CA  1 
ATOM   1468 C C   . THR A 1 227 ? 16.787  11.314  -4.643  1.00 63.25  ? 205 THR A C   1 
ATOM   1469 O O   . THR A 1 227 ? 16.638  11.619  -5.822  1.00 60.95  ? 205 THR A O   1 
ATOM   1470 C CB  . THR A 1 227 ? 15.766  12.566  -2.725  1.00 68.75  ? 205 THR A CB  1 
ATOM   1471 O OG1 . THR A 1 227 ? 14.709  12.588  -1.747  1.00 63.76  ? 205 THR A OG1 1 
ATOM   1472 C CG2 . THR A 1 227 ? 15.768  13.876  -3.538  1.00 65.22  ? 205 THR A CG2 1 
ATOM   1473 N N   . SER A 1 228 ? 17.967  10.961  -4.147  1.00 63.69  ? 206 SER A N   1 
ATOM   1474 C CA  . SER A 1 228 ? 19.155  10.993  -5.003  1.00 66.95  ? 206 SER A CA  1 
ATOM   1475 C C   . SER A 1 228 ? 19.752  9.596   -5.199  1.00 59.56  ? 206 SER A C   1 
ATOM   1476 O O   . SER A 1 228 ? 20.894  9.450   -5.651  1.00 59.74  ? 206 SER A O   1 
ATOM   1477 C CB  . SER A 1 228 ? 20.198  11.988  -4.459  1.00 66.83  ? 206 SER A CB  1 
ATOM   1478 O OG  . SER A 1 228 ? 20.746  11.552  -3.222  1.00 62.89  ? 206 SER A OG  1 
ATOM   1479 N N   . MET A 1 229 ? 18.954  8.586   -4.857  1.00 63.08  ? 207 MET A N   1 
ATOM   1480 C CA  . MET A 1 229 ? 19.303  7.173   -4.987  1.00 58.26  ? 207 MET A CA  1 
ATOM   1481 C C   . MET A 1 229 ? 18.404  6.523   -6.032  1.00 55.78  ? 207 MET A C   1 
ATOM   1482 O O   . MET A 1 229 ? 17.195  6.744   -6.045  1.00 56.22  ? 207 MET A O   1 
ATOM   1483 C CB  . MET A 1 229 ? 19.067  6.459   -3.655  1.00 58.64  ? 207 MET A CB  1 
ATOM   1484 C CG  . MET A 1 229 ? 20.314  6.124   -2.858  1.00 71.31  ? 207 MET A CG  1 
ATOM   1485 S SD  . MET A 1 229 ? 20.161  4.560   -1.937  1.00 80.60  ? 207 MET A SD  1 
ATOM   1486 C CE  . MET A 1 229 ? 18.743  4.882   -0.892  1.00 66.71  ? 207 MET A CE  1 
ATOM   1487 N N   . SER A 1 230 ? 18.988  5.698   -6.888  1.00 55.50  ? 208 SER A N   1 
ATOM   1488 C CA  . SER A 1 230 ? 18.223  4.928   -7.860  1.00 57.24  ? 208 SER A CA  1 
ATOM   1489 C C   . SER A 1 230 ? 17.359  3.893   -7.156  1.00 63.26  ? 208 SER A C   1 
ATOM   1490 O O   . SER A 1 230 ? 17.724  3.392   -6.078  1.00 62.11  ? 208 SER A O   1 
ATOM   1491 C CB  . SER A 1 230 ? 19.162  4.189   -8.811  1.00 61.61  ? 208 SER A CB  1 
ATOM   1492 O OG  . SER A 1 230 ? 20.002  3.303   -8.083  1.00 68.39  ? 208 SER A OG  1 
ATOM   1493 N N   . ILE A 1 231 ? 16.235  3.547   -7.780  1.00 61.72  ? 209 ILE A N   1 
ATOM   1494 C CA  . ILE A 1 231 ? 15.307  2.585   -7.196  1.00 64.13  ? 209 ILE A CA  1 
ATOM   1495 C C   . ILE A 1 231 ? 15.920  1.181   -7.119  1.00 65.70  ? 209 ILE A C   1 
ATOM   1496 O O   . ILE A 1 231 ? 15.417  0.328   -6.395  1.00 65.87  ? 209 ILE A O   1 
ATOM   1497 C CB  . ILE A 1 231 ? 13.979  2.529   -7.977  1.00 67.22  ? 209 ILE A CB  1 
ATOM   1498 C CG1 . ILE A 1 231 ? 12.871  1.933   -7.103  1.00 68.49  ? 209 ILE A CG1 1 
ATOM   1499 C CG2 . ILE A 1 231 ? 14.140  1.752   -9.283  1.00 64.07  ? 209 ILE A CG2 1 
ATOM   1500 C CD1 . ILE A 1 231 ? 12.634  2.710   -5.819  1.00 65.26  ? 209 ILE A CD1 1 
ATOM   1501 N N   . GLU A 1 232 ? 17.006  0.945   -7.851  1.00 63.16  ? 210 GLU A N   1 
ATOM   1502 C CA  . GLU A 1 232 ? 17.657  -0.352  -7.811  1.00 64.54  ? 210 GLU A CA  1 
ATOM   1503 C C   . GLU A 1 232 ? 18.555  -0.396  -6.584  1.00 63.19  ? 210 GLU A C   1 
ATOM   1504 O O   . GLU A 1 232 ? 18.646  -1.409  -5.892  1.00 59.88  ? 210 GLU A O   1 
ATOM   1505 C CB  . GLU A 1 232 ? 18.449  -0.624  -9.092  1.00 67.51  ? 210 GLU A CB  1 
ATOM   1506 C CG  . GLU A 1 232 ? 17.651  -0.382  -10.374 1.00 74.10  ? 210 GLU A CG  1 
ATOM   1507 C CD  . GLU A 1 232 ? 17.259  -1.661  -11.119 1.00 78.97  ? 210 GLU A CD  1 
ATOM   1508 O OE1 . GLU A 1 232 ? 17.660  -1.786  -12.303 1.00 79.83  ? 210 GLU A OE1 1 
ATOM   1509 O OE2 . GLU A 1 232 ? 16.526  -2.520  -10.553 1.00 70.43  ? 210 GLU A OE2 1 
ATOM   1510 N N   . GLN A 1 233 ? 19.199  0.719   -6.298  1.00 59.72  ? 211 GLN A N   1 
ATOM   1511 C CA  . GLN A 1 233 ? 19.956  0.841   -5.064  1.00 64.89  ? 211 GLN A CA  1 
ATOM   1512 C C   . GLN A 1 233 ? 19.088  0.660   -3.807  1.00 62.40  ? 211 GLN A C   1 
ATOM   1513 O O   . GLN A 1 233 ? 19.522  0.052   -2.835  1.00 60.22  ? 211 GLN A O   1 
ATOM   1514 C CB  . GLN A 1 233 ? 20.641  2.204   -5.010  1.00 64.60  ? 211 GLN A CB  1 
ATOM   1515 C CG  . GLN A 1 233 ? 22.140  2.149   -5.176  1.00 69.50  ? 211 GLN A CG  1 
ATOM   1516 C CD  . GLN A 1 233 ? 22.806  3.424   -4.706  1.00 77.06  ? 211 GLN A CD  1 
ATOM   1517 O OE1 . GLN A 1 233 ? 22.682  4.493   -5.340  1.00 72.27  ? 211 GLN A OE1 1 
ATOM   1518 N NE2 . GLN A 1 233 ? 23.506  3.332   -3.571  1.00 73.41  ? 211 GLN A NE2 1 
ATOM   1519 N N   . VAL A 1 234 ? 17.884  1.230   -3.820  1.00 59.49  ? 212 VAL A N   1 
ATOM   1520 C CA  . VAL A 1 234 ? 16.975  1.123   -2.690  1.00 60.14  ? 212 VAL A CA  1 
ATOM   1521 C C   . VAL A 1 234 ? 16.569  -0.339  -2.466  1.00 59.36  ? 212 VAL A C   1 
ATOM   1522 O O   . VAL A 1 234 ? 16.605  -0.840  -1.340  1.00 55.00  ? 212 VAL A O   1 
ATOM   1523 C CB  . VAL A 1 234 ? 15.701  1.961   -2.911  1.00 59.43  ? 212 VAL A CB  1 
ATOM   1524 C CG1 . VAL A 1 234 ? 14.652  1.594   -1.890  1.00 52.25  ? 212 VAL A CG1 1 
ATOM   1525 C CG2 . VAL A 1 234 ? 16.027  3.464   -2.844  1.00 60.71  ? 212 VAL A CG2 1 
ATOM   1526 N N   . ILE A 1 235 ? 16.179  -1.008  -3.548  1.00 56.32  ? 213 ILE A N   1 
ATOM   1527 C CA  . ILE A 1 235 ? 15.831  -2.413  -3.506  1.00 58.11  ? 213 ILE A CA  1 
ATOM   1528 C C   . ILE A 1 235 ? 16.983  -3.261  -2.994  1.00 59.06  ? 213 ILE A C   1 
ATOM   1529 O O   . ILE A 1 235 ? 16.814  -4.067  -2.073  1.00 57.41  ? 213 ILE A O   1 
ATOM   1530 C CB  . ILE A 1 235 ? 15.457  -2.931  -4.893  1.00 60.54  ? 213 ILE A CB  1 
ATOM   1531 C CG1 . ILE A 1 235 ? 14.138  -2.328  -5.347  1.00 56.40  ? 213 ILE A CG1 1 
ATOM   1532 C CG2 . ILE A 1 235 ? 15.327  -4.452  -4.869  1.00 62.46  ? 213 ILE A CG2 1 
ATOM   1533 C CD1 . ILE A 1 235 ? 13.903  -2.496  -6.822  1.00 62.60  ? 213 ILE A CD1 1 
ATOM   1534 N N   . GLU A 1 236 ? 18.162  -3.076  -3.575  1.00 61.09  ? 214 GLU A N   1 
ATOM   1535 C CA  . GLU A 1 236 ? 19.292  -3.894  -3.162  1.00 62.07  ? 214 GLU A CA  1 
ATOM   1536 C C   . GLU A 1 236 ? 19.639  -3.676  -1.676  1.00 61.27  ? 214 GLU A C   1 
ATOM   1537 O O   . GLU A 1 236 ? 19.794  -4.647  -0.919  1.00 62.04  ? 214 GLU A O   1 
ATOM   1538 C CB  . GLU A 1 236 ? 20.480  -3.792  -4.146  1.00 61.55  ? 214 GLU A CB  1 
ATOM   1539 C CG  . GLU A 1 236 ? 21.595  -2.799  -3.849  1.00 68.15  ? 214 GLU A CG  1 
ATOM   1540 C CD  . GLU A 1 236 ? 22.381  -2.401  -5.134  1.00 77.83  ? 214 GLU A CD  1 
ATOM   1541 O OE1 . GLU A 1 236 ? 22.171  -3.028  -6.211  1.00 68.73  ? 214 GLU A OE1 1 
ATOM   1542 O OE2 . GLU A 1 236 ? 23.196  -1.442  -5.071  1.00 78.89  ? 214 GLU A OE2 1 
ATOM   1543 N N   . GLN A 1 237 ? 19.686  -2.428  -1.231  1.00 59.48  ? 215 GLN A N   1 
ATOM   1544 C CA  . GLN A 1 237 ? 19.851  -2.174  0.200   1.00 59.58  ? 215 GLN A CA  1 
ATOM   1545 C C   . GLN A 1 237 ? 18.739  -2.782  1.070   1.00 56.53  ? 215 GLN A C   1 
ATOM   1546 O O   . GLN A 1 237 ? 19.004  -3.273  2.166   1.00 58.25  ? 215 GLN A O   1 
ATOM   1547 C CB  . GLN A 1 237 ? 19.970  -0.674  0.473   1.00 61.07  ? 215 GLN A CB  1 
ATOM   1548 C CG  . GLN A 1 237 ? 21.213  -0.050  -0.141  1.00 69.56  ? 215 GLN A CG  1 
ATOM   1549 C CD  . GLN A 1 237 ? 21.551  1.314   0.445   1.00 71.41  ? 215 GLN A CD  1 
ATOM   1550 O OE1 . GLN A 1 237 ? 20.902  1.784   1.388   1.00 68.42  ? 215 GLN A OE1 1 
ATOM   1551 N NE2 . GLN A 1 237 ? 22.578  1.955   -0.112  1.00 72.48  ? 215 GLN A NE2 1 
ATOM   1552 N N   . ALA A 1 238 ? 17.498  -2.727  0.595   1.00 54.50  ? 216 ALA A N   1 
ATOM   1553 C CA  . ALA A 1 238 ? 16.371  -3.282  1.348   1.00 56.37  ? 216 ALA A CA  1 
ATOM   1554 C C   . ALA A 1 238 ? 16.493  -4.796  1.461   1.00 54.77  ? 216 ALA A C   1 
ATOM   1555 O O   . ALA A 1 238 ? 16.438  -5.340  2.558   1.00 55.51  ? 216 ALA A O   1 
ATOM   1556 C CB  . ALA A 1 238 ? 15.056  -2.925  0.691   1.00 51.02  ? 216 ALA A CB  1 
ATOM   1557 N N   . LEU A 1 239 ? 16.653  -5.457  0.319   1.00 51.20  ? 217 LEU A N   1 
ATOM   1558 C CA  . LEU A 1 239 ? 16.874  -6.891  0.263   1.00 53.68  ? 217 LEU A CA  1 
ATOM   1559 C C   . LEU A 1 239 ? 18.003  -7.350  1.162   1.00 58.07  ? 217 LEU A C   1 
ATOM   1560 O O   . LEU A 1 239 ? 17.839  -8.288  1.957   1.00 56.70  ? 217 LEU A O   1 
ATOM   1561 C CB  . LEU A 1 239 ? 17.194  -7.312  -1.156  1.00 55.72  ? 217 LEU A CB  1 
ATOM   1562 C CG  . LEU A 1 239 ? 15.979  -7.611  -2.009  1.00 55.42  ? 217 LEU A CG  1 
ATOM   1563 C CD1 . LEU A 1 239 ? 16.424  -7.754  -3.455  1.00 55.38  ? 217 LEU A CD1 1 
ATOM   1564 C CD2 . LEU A 1 239 ? 15.340  -8.911  -1.493  1.00 51.40  ? 217 LEU A CD2 1 
ATOM   1565 N N   . ALA A 1 240 ? 19.147  -6.686  1.053   1.00 53.74  ? 218 ALA A N   1 
ATOM   1566 C CA  . ALA A 1 240 ? 20.319  -7.087  1.835   1.00 55.55  ? 218 ALA A CA  1 
ATOM   1567 C C   . ALA A 1 240 ? 20.048  -6.908  3.323   1.00 59.48  ? 218 ALA A C   1 
ATOM   1568 O O   . ALA A 1 240 ? 20.393  -7.756  4.139   1.00 63.33  ? 218 ALA A O   1 
ATOM   1569 C CB  . ALA A 1 240 ? 21.543  -6.292  1.411   1.00 53.92  ? 218 ALA A CB  1 
ATOM   1570 N N   . TYR A 1 241 ? 19.411  -5.797  3.669   1.00 57.94  ? 219 TYR A N   1 
ATOM   1571 C CA  . TYR A 1 241 ? 19.037  -5.544  5.040   1.00 57.85  ? 219 TYR A CA  1 
ATOM   1572 C C   . TYR A 1 241 ? 18.079  -6.622  5.585   1.00 60.13  ? 219 TYR A C   1 
ATOM   1573 O O   . TYR A 1 241 ? 18.277  -7.130  6.684   1.00 58.62  ? 219 TYR A O   1 
ATOM   1574 C CB  . TYR A 1 241 ? 18.422  -4.150  5.168   1.00 59.61  ? 219 TYR A CB  1 
ATOM   1575 C CG  . TYR A 1 241 ? 17.903  -3.862  6.553   1.00 59.76  ? 219 TYR A CG  1 
ATOM   1576 C CD1 . TYR A 1 241 ? 18.765  -3.483  7.571   1.00 59.02  ? 219 TYR A CD1 1 
ATOM   1577 C CD2 . TYR A 1 241 ? 16.550  -3.980  6.847   1.00 58.92  ? 219 TYR A CD2 1 
ATOM   1578 C CE1 . TYR A 1 241 ? 18.291  -3.227  8.845   1.00 61.73  ? 219 TYR A CE1 1 
ATOM   1579 C CE2 . TYR A 1 241 ? 16.065  -3.721  8.121   1.00 53.17  ? 219 TYR A CE2 1 
ATOM   1580 C CZ  . TYR A 1 241 ? 16.936  -3.344  9.113   1.00 58.01  ? 219 TYR A CZ  1 
ATOM   1581 O OH  . TYR A 1 241 ? 16.451  -3.094  10.387  1.00 62.07  ? 219 TYR A OH  1 
ATOM   1582 N N   . ALA A 1 242 ? 17.051  -6.978  4.823   1.00 56.59  ? 220 ALA A N   1 
ATOM   1583 C CA  . ALA A 1 242 ? 16.095  -7.982  5.288   1.00 57.80  ? 220 ALA A CA  1 
ATOM   1584 C C   . ALA A 1 242 ? 16.757  -9.346  5.447   1.00 61.39  ? 220 ALA A C   1 
ATOM   1585 O O   . ALA A 1 242 ? 16.614  -9.990  6.486   1.00 60.01  ? 220 ALA A O   1 
ATOM   1586 C CB  . ALA A 1 242 ? 14.905  -8.076  4.347   1.00 49.29  ? 220 ALA A CB  1 
ATOM   1587 N N   . GLN A 1 243 ? 17.497  -9.769  4.421   1.00 61.56  ? 221 GLN A N   1 
ATOM   1588 C CA  . GLN A 1 243 ? 18.093  -11.102 4.407   1.00 65.75  ? 221 GLN A CA  1 
ATOM   1589 C C   . GLN A 1 243 ? 19.322  -11.253 5.332   1.00 68.90  ? 221 GLN A C   1 
ATOM   1590 O O   . GLN A 1 243 ? 20.015  -12.267 5.294   1.00 77.48  ? 221 GLN A O   1 
ATOM   1591 C CB  . GLN A 1 243 ? 18.366  -11.582 2.952   1.00 69.42  ? 221 GLN A CB  1 
ATOM   1592 C CG  . GLN A 1 243 ? 19.551  -10.927 2.209   1.00 70.27  ? 221 GLN A CG  1 
ATOM   1593 C CD  . GLN A 1 243 ? 19.429  -10.974 0.658   1.00 73.74  ? 221 GLN A CD  1 
ATOM   1594 O OE1 . GLN A 1 243 ? 18.546  -11.654 0.100   1.00 69.51  ? 221 GLN A OE1 1 
ATOM   1595 N NE2 . GLN A 1 243 ? 20.321  -10.232 -0.036  1.00 59.77  ? 221 GLN A NE2 1 
ATOM   1596 N N   . ARG A 1 244 ? 19.564  -10.251 6.173   1.00 68.50  ? 222 ARG A N   1 
ATOM   1597 C CA  . ARG A 1 244 ? 20.634  -10.263 7.163   1.00 64.65  ? 222 ARG A CA  1 
ATOM   1598 C C   . ARG A 1 244 ? 19.991  -10.424 8.542   1.00 69.58  ? 222 ARG A C   1 
ATOM   1599 O O   . ARG A 1 244 ? 20.604  -10.946 9.482   1.00 73.87  ? 222 ARG A O   1 
ATOM   1600 C CB  . ARG A 1 244 ? 21.410  -8.945  7.085   1.00 67.16  ? 222 ARG A CB  1 
ATOM   1601 C CG  . ARG A 1 244 ? 22.787  -8.925  7.758   1.00 70.55  ? 222 ARG A CG  1 
ATOM   1602 C CD  . ARG A 1 244 ? 23.368  -7.494  7.816   1.00 71.68  ? 222 ARG A CD  1 
ATOM   1603 N NE  . ARG A 1 244 ? 23.124  -6.703  6.601   1.00 74.51  ? 222 ARG A NE  1 
ATOM   1604 C CZ  . ARG A 1 244 ? 22.774  -5.414  6.603   1.00 74.28  ? 222 ARG A CZ  1 
ATOM   1605 N NH1 . ARG A 1 244 ? 22.628  -4.765  7.753   1.00 76.03  ? 222 ARG A NH1 1 
ATOM   1606 N NH2 . ARG A 1 244 ? 22.557  -4.771  5.463   1.00 67.90  ? 222 ARG A NH2 1 
ATOM   1607 N N   . ILE A 1 245 ? 18.745  -9.974  8.647   1.00 62.78  ? 223 ILE A N   1 
ATOM   1608 C CA  . ILE A 1 245 ? 17.953  -10.141 9.862   1.00 66.56  ? 223 ILE A CA  1 
ATOM   1609 C C   . ILE A 1 245 ? 17.229  -11.486 9.888   1.00 64.07  ? 223 ILE A C   1 
ATOM   1610 O O   . ILE A 1 245 ? 17.293  -12.209 10.871  1.00 69.59  ? 223 ILE A O   1 
ATOM   1611 C CB  . ILE A 1 245 ? 16.902  -9.022  9.973   1.00 66.70  ? 223 ILE A CB  1 
ATOM   1612 C CG1 . ILE A 1 245 ? 17.595  -7.688  10.242  1.00 62.02  ? 223 ILE A CG1 1 
ATOM   1613 C CG2 . ILE A 1 245 ? 15.850  -9.339  11.046  1.00 54.71  ? 223 ILE A CG2 1 
ATOM   1614 C CD1 . ILE A 1 245 ? 16.650  -6.522  10.192  1.00 62.67  ? 223 ILE A CD1 1 
ATOM   1615 N N   . LEU A 1 246 ? 16.547  -11.819 8.797   1.00 64.47  ? 224 LEU A N   1 
ATOM   1616 C CA  . LEU A 1 246 ? 15.691  -12.992 8.759   1.00 64.71  ? 224 LEU A CA  1 
ATOM   1617 C C   . LEU A 1 246 ? 16.481  -14.293 8.743   1.00 73.64  ? 224 LEU A C   1 
ATOM   1618 O O   . LEU A 1 246 ? 16.100  -15.268 9.404   1.00 68.84  ? 224 LEU A O   1 
ATOM   1619 C CB  . LEU A 1 246 ? 14.756  -12.921 7.564   1.00 57.34  ? 224 LEU A CB  1 
ATOM   1620 C CG  . LEU A 1 246 ? 13.838  -11.704 7.692   1.00 55.27  ? 224 LEU A CG  1 
ATOM   1621 C CD1 . LEU A 1 246 ? 13.147  -11.418 6.368   1.00 59.00  ? 224 LEU A CD1 1 
ATOM   1622 C CD2 . LEU A 1 246 ? 12.823  -11.960 8.771   1.00 60.27  ? 224 LEU A CD2 1 
ATOM   1623 N N   . ALA A 1 247 ? 17.574  -14.316 7.986   1.00 71.38  ? 225 ALA A N   1 
ATOM   1624 C CA  . ALA A 1 247 ? 18.390  -15.519 7.900   1.00 77.35  ? 225 ALA A CA  1 
ATOM   1625 C C   . ALA A 1 247 ? 19.705  -15.359 8.669   1.00 75.88  ? 225 ALA A C   1 
ATOM   1626 O O   . ALA A 1 247 ? 19.732  -14.784 9.765   1.00 78.83  ? 225 ALA A O   1 
ATOM   1627 C CB  . ALA A 1 247 ? 18.647  -15.892 6.433   1.00 77.48  ? 225 ALA A CB  1 
HETATM 1628 S S   . SO4 B 2 .   ? 4.440   5.156   -5.109  1.00 75.56  ? 301 SO4 A S   1 
HETATM 1629 O O1  . SO4 B 2 .   ? 4.647   3.842   -5.746  1.00 60.66  ? 301 SO4 A O1  1 
HETATM 1630 O O2  . SO4 B 2 .   ? 3.955   5.051   -3.714  1.00 58.16  ? 301 SO4 A O2  1 
HETATM 1631 O O3  . SO4 B 2 .   ? 5.739   5.846   -5.155  1.00 68.72  ? 301 SO4 A O3  1 
HETATM 1632 O O4  . SO4 B 2 .   ? 3.448   5.913   -5.881  1.00 76.37  ? 301 SO4 A O4  1 
HETATM 1633 S S   . SO4 C 2 .   ? -3.740  5.550   -2.937  1.00 103.37 ? 302 SO4 A S   1 
HETATM 1634 O O1  . SO4 C 2 .   ? -4.268  4.185   -3.062  1.00 79.84  ? 302 SO4 A O1  1 
HETATM 1635 O O2  . SO4 C 2 .   ? -2.641  5.562   -1.959  1.00 90.10  ? 302 SO4 A O2  1 
HETATM 1636 O O3  . SO4 C 2 .   ? -3.229  5.982   -4.245  1.00 99.76  ? 302 SO4 A O3  1 
HETATM 1637 O O4  . SO4 C 2 .   ? -4.806  6.473   -2.519  1.00 83.92  ? 302 SO4 A O4  1 
HETATM 1638 O O   . HOH D 3 .   ? 0.802   -2.041  -11.609 1.00 62.97  ? 401 HOH A O   1 
HETATM 1639 O O   . HOH D 3 .   ? 1.385   11.481  1.279   1.00 58.95  ? 402 HOH A O   1 
HETATM 1640 O O   . HOH D 3 .   ? -10.129 8.801   -13.665 1.00 56.57  ? 403 HOH A O   1 
HETATM 1641 O O   . HOH D 3 .   ? -4.434  -3.484  18.512  1.00 60.87  ? 404 HOH A O   1 
HETATM 1642 O O   . HOH D 3 .   ? 3.032   -7.884  14.363  1.00 56.12  ? 405 HOH A O   1 
HETATM 1643 O O   . HOH D 3 .   ? -7.289  0.039   8.684   1.00 52.01  ? 406 HOH A O   1 
HETATM 1644 O O   . HOH D 3 .   ? -25.856 -7.184  -4.351  1.00 77.58  ? 407 HOH A O   1 
HETATM 1645 O O   . HOH D 3 .   ? -5.708  -9.544  14.776  1.00 48.53  ? 408 HOH A O   1 
HETATM 1646 O O   . HOH D 3 .   ? -0.846  4.333   1.630   1.00 56.85  ? 409 HOH A O   1 
HETATM 1647 O O   . HOH D 3 .   ? 2.288   4.477   -12.106 1.00 70.24  ? 410 HOH A O   1 
HETATM 1648 O O   . HOH D 3 .   ? -1.047  19.962  1.423   1.00 82.11  ? 411 HOH A O   1 
HETATM 1649 O O   . HOH D 3 .   ? 9.334   18.155  1.503   1.00 66.37  ? 412 HOH A O   1 
HETATM 1650 O O   . HOH D 3 .   ? 7.717   2.483   17.090  1.00 61.28  ? 413 HOH A O   1 
HETATM 1651 O O   . HOH D 3 .   ? -14.894 -3.328  13.438  1.00 55.76  ? 414 HOH A O   1 
HETATM 1652 O O   . HOH D 3 .   ? -6.464  10.399  -7.939  1.00 77.21  ? 415 HOH A O   1 
HETATM 1653 O O   . HOH D 3 .   ? 7.312   -21.721 2.557   1.00 67.56  ? 416 HOH A O   1 
HETATM 1654 O O   . HOH D 3 .   ? -6.179  13.480  -24.138 1.00 66.04  ? 417 HOH A O   1 
HETATM 1655 O O   . HOH D 3 .   ? -4.795  1.507   10.454  1.00 56.21  ? 418 HOH A O   1 
# 
